data_7V00
#
_entry.id   7V00
#
_cell.length_a   1.00
_cell.length_b   1.00
_cell.length_c   1.00
_cell.angle_alpha   90.00
_cell.angle_beta   90.00
_cell.angle_gamma   90.00
#
_symmetry.space_group_name_H-M   'P 1'
#
loop_
_entity.id
_entity.type
_entity.pdbx_description
1 polymer 'CRISPR system Cms endoribonuclease Csm3'
2 polymer 'CRISPR system Cms protein Csm5'
3 polymer 'CRISPR system single-strand-specific deoxyribonuclease Cas10/Csm1 (subtype III-A)'
4 polymer 'RNA (37-MER)'
5 polymer 'CRISPR system Cms protein Csm4'
6 polymer 'CRISPR system Cms protein Csm2'
7 non-polymer "ADENOSINE-5'-TRIPHOSPHATE"
#
loop_
_entity_poly.entity_id
_entity_poly.type
_entity_poly.pdbx_seq_one_letter_code
_entity_poly.pdbx_strand_id
1 'polypeptide(L)'
;MYSKIKISGTIEVVTGLHIGGGGESSMIGAIDSPVVRDLQTKLPIIPGSSIKGKMRNLLAKHFGLKMKQESHNQDDERVL
RLFGSSEKGNIQRARLQISDAFFSEKTKEHFAQNDIAYTETKFENTINRLTAVANPRQIERVTRGSEFDFVFIYNVDEES
QVEDDFENIEKAIHLLENDYLGGGGTRGNGRIQFKDTNIETVVGEYDSTNLKIK
;
A,B,C,D
2 'polypeptide(L)'
;MTIKNYEVVIKTLGPIHIGSGQVMKKQDYIYDFYNSKVYMINGNKLVKFLKRKNLLYTYQNFLRYPPKNPRENGLKDYLD
AQNVKQSEWEAFVSYSEKVNQGKKYGNTRPKPLNDLHLMVRDGQNKVYLPGSSIKGAIKTTLVSKYNNEKNKDIYSKIKV
SDSKPIDESNLAIYQKIDINKSEKSMPLYRECIDVNTEIKFKLTIEDEIYSINEIEQSIQDFYKNYYDKWLVGFKETKGG
RRFALEGGIPDVLNQNILFLGAGTGFVSKTTHYQLKNRKQAKQDSFEILTKKFRGTYGKMKEIPSNVPVALKGTTNQSRH
TSYQQGMCKVSFQELNNEVL
;
E
3 'polypeptide(L)'
;MNKKNILMYGSLLHDIGKIIYRSGDHTFSRGTHSKLGHQFLSQFSEFKDNEVLDNVAYHHYKELAKANLDNDNTAYITYI
ADNIASGIDRRDIIEEGDEEYEKQLFNFDKYTPLYSVFNIVNSEKLKQTNGKFKFSNESNIEYPKTENIQYSSGNYTTLM
KDMSHDLEHKLSIKEGTFPSLLQWTESLWQYVPSSTNKNQLIDISLYDHSRITCAIASCIFDYLNENNIHNYKDELFSKY
ENTKSFYQKEAFLLLSMDMSGIQDFIYNISGSKALKSLRSRSFYLELMLEVIVDQLLERLELARANLLYTGGGHAYLLVS
NTDKVKKKITQFNNELKKWFMSEFTTDLSLSMAFEKCSGDDLMNTSGNYRTIWRNVSSKLSDIKAHKYSAEDILKLNHFH
SYGDRECKECLRSDIDINDDGLCSICEGIINISNDLRDKSFFVLSETGKLKMPFNKFISVIDYEEAEMLVQNNNQVRIYS
KNKPYIGIGISTNLWMCDYDYASQNQDMREKGIGSYVDREEGVKRLGVVRADIDNLGATFISGIPEKYNSISRTATLSRQ
LSLFFKYELNHLLENYQITAIYSGGDDLFLIGAWDDIIEASIYINDKFKEFTLDKLTLSAGVGMFSGKYPVSKMAFETGR
LEEAAKTGEKNQISLWLQEKVYNWDEFKKNILEEKLLVLQQGFSQTDEHGKAFIYKMLALLRNNEAINIARLAYLLARSK
MNEDFTSKIFNWAQNDKDKNQLITALEYYIYQIREAD
;
F
4 'polyribonucleotide' ACGAGAACUAGUAAUAAUUGUCAUUUGCAUACGUUAC G
5 'polypeptide(L)'
;MTLATKVFKLSFKTPVHFGKKRLSDGEMTITADTLFSALFIETLQLGKDTDWLLNDLIISDTFPYENELYYLPKPLIKID
SKEEDNHKAFKKLKYVPVHHYNQYLNGELSAEDATDLNDIFNIGYFSLQTKVSLIAQETDSSADSEPYSVGTFTFEPEAG
LYFIAKGSEETLDHLNNIMTALQYSGLGGKRNAGYGQFEYEIINNQQLSKLLNQNGKHSILLSTAMAKKEEIESALKEAR
YILTKRSGFVQSTNYSEMLVKKSDFYSFSSGSVFKNIFNGDIFNVGHNGKHPVYRYAKPLWLEV
;
H
6 'polypeptide(L)'
;MTFAHEVVKSNVKNVKDRKGKEKQVLFNGLTTSKLRNLMEQVNRLYTIAFNSNEDQLNEEFIDELEYLKIKFYYEAGREK
SVDEFLKKTLMFPIIDRVIKKESKKFFLDYCKYFEALVAYAKYYQKED
;
I,J,K
#
# COMPACT_ATOMS: atom_id res chain seq x y z
N TYR A 2 22.86 34.59 -16.16
CA TYR A 2 22.21 33.40 -15.64
C TYR A 2 22.63 33.14 -14.20
N SER A 3 21.72 33.33 -13.27
CA SER A 3 21.99 33.07 -11.86
C SER A 3 20.86 32.27 -11.26
N LYS A 4 21.15 31.55 -10.18
CA LYS A 4 20.16 30.76 -9.47
C LYS A 4 20.18 31.15 -7.99
N ILE A 5 19.00 31.31 -7.41
CA ILE A 5 18.85 31.74 -6.04
C ILE A 5 18.21 30.64 -5.23
N LYS A 6 18.83 30.29 -4.12
CA LYS A 6 18.40 29.19 -3.28
C LYS A 6 17.61 29.75 -2.12
N ILE A 7 16.50 29.10 -1.78
CA ILE A 7 15.65 29.51 -0.67
C ILE A 7 15.62 28.36 0.32
N SER A 8 15.96 28.64 1.57
CA SER A 8 16.11 27.60 2.56
C SER A 8 15.34 27.97 3.82
N GLY A 9 14.96 26.94 4.57
CA GLY A 9 14.27 27.17 5.82
C GLY A 9 13.81 25.85 6.41
N THR A 10 12.89 25.95 7.35
CA THR A 10 12.29 24.77 7.97
C THR A 10 10.78 24.92 8.04
N ILE A 11 10.08 23.81 7.92
CA ILE A 11 8.64 23.74 8.07
C ILE A 11 8.33 23.11 9.43
N GLU A 12 7.54 23.80 10.23
CA GLU A 12 7.17 23.31 11.56
C GLU A 12 5.71 22.91 11.54
N VAL A 13 5.43 21.67 11.93
CA VAL A 13 4.08 21.15 11.89
C VAL A 13 3.31 21.67 13.08
N VAL A 14 2.18 22.32 12.82
CA VAL A 14 1.36 22.91 13.87
C VAL A 14 0.43 21.84 14.40
N THR A 15 -0.39 21.29 13.52
CA THR A 15 -1.25 20.17 13.81
C THR A 15 -0.89 19.02 12.89
N GLY A 16 -1.14 17.80 13.36
CA GLY A 16 -0.75 16.60 12.65
C GLY A 16 -0.98 16.64 11.16
N LEU A 17 -0.02 16.11 10.40
CA LEU A 17 -0.07 16.16 8.94
C LEU A 17 -0.18 14.75 8.39
N HIS A 18 -1.01 14.58 7.37
CA HIS A 18 -1.18 13.31 6.69
C HIS A 18 -1.07 13.54 5.18
N ILE A 19 0.15 13.47 4.67
CA ILE A 19 0.30 13.28 3.24
C ILE A 19 -0.15 11.88 2.86
N GLY A 20 0.58 10.87 3.29
CA GLY A 20 0.10 9.51 3.19
C GLY A 20 -0.21 8.97 1.81
N GLY A 21 0.75 9.05 0.90
CA GLY A 21 0.56 8.55 -0.45
C GLY A 21 0.51 7.04 -0.56
N GLY A 22 0.79 6.31 0.52
CA GLY A 22 0.84 4.87 0.43
C GLY A 22 -0.52 4.24 0.20
N GLY A 23 -1.59 4.91 0.60
CA GLY A 23 -2.93 4.40 0.41
C GLY A 23 -3.96 5.49 0.19
N ASP A 32 -2.90 0.79 8.90
CA ASP A 32 -3.47 1.22 7.63
C ASP A 32 -3.44 2.73 7.52
N SER A 33 -3.68 3.24 6.31
CA SER A 33 -3.59 4.66 6.00
C SER A 33 -2.27 5.25 6.49
N PRO A 34 -1.14 4.77 5.99
CA PRO A 34 0.15 5.25 6.50
C PRO A 34 0.62 6.49 5.77
N VAL A 35 1.71 7.09 6.23
CA VAL A 35 2.24 8.32 5.65
C VAL A 35 3.43 7.96 4.78
N VAL A 36 3.74 8.84 3.83
CA VAL A 36 4.91 8.63 2.99
C VAL A 36 6.15 8.63 3.86
N ARG A 37 7.06 7.71 3.57
CA ARG A 37 8.27 7.55 4.36
C ARG A 37 9.44 7.28 3.43
N ASP A 38 10.58 7.88 3.73
CA ASP A 38 11.81 7.53 3.01
C ASP A 38 12.19 6.10 3.31
N LEU A 39 12.76 5.44 2.32
CA LEU A 39 13.12 4.03 2.47
C LEU A 39 14.54 3.85 2.95
N GLN A 40 15.24 4.94 3.23
CA GLN A 40 16.58 4.88 3.80
C GLN A 40 16.61 5.24 5.27
N THR A 41 15.65 6.05 5.72
CA THR A 41 15.57 6.47 7.11
C THR A 41 14.29 6.04 7.81
N LYS A 42 13.26 5.64 7.07
CA LYS A 42 11.98 5.23 7.63
C LYS A 42 11.31 6.37 8.39
N LEU A 43 11.40 7.56 7.83
CA LEU A 43 10.84 8.75 8.46
C LEU A 43 9.91 9.44 7.48
N PRO A 44 8.94 10.20 7.99
CA PRO A 44 7.97 10.81 7.10
C PRO A 44 8.60 11.90 6.26
N ILE A 45 8.07 12.09 5.05
CA ILE A 45 8.55 13.13 4.16
C ILE A 45 7.37 13.92 3.62
N ILE A 46 7.65 15.11 3.13
CA ILE A 46 6.67 15.91 2.39
C ILE A 46 7.11 15.96 0.94
N PRO A 47 6.46 15.25 0.04
CA PRO A 47 6.83 15.32 -1.36
C PRO A 47 6.69 16.73 -1.90
N GLY A 48 7.65 17.11 -2.74
CA GLY A 48 7.65 18.45 -3.27
C GLY A 48 6.47 18.71 -4.19
N SER A 49 5.92 17.65 -4.76
CA SER A 49 4.71 17.81 -5.56
C SER A 49 3.58 18.36 -4.72
N SER A 50 3.53 18.00 -3.43
CA SER A 50 2.50 18.54 -2.56
C SER A 50 2.61 20.06 -2.45
N ILE A 51 3.82 20.54 -2.16
CA ILE A 51 4.03 21.99 -2.04
C ILE A 51 3.70 22.68 -3.35
N LYS A 52 4.23 22.16 -4.46
CA LYS A 52 4.00 22.83 -5.73
C LYS A 52 2.52 22.86 -6.07
N GLY A 53 1.82 21.75 -5.85
CA GLY A 53 0.43 21.71 -6.21
C GLY A 53 -0.44 22.62 -5.36
N LYS A 54 -0.20 22.64 -4.05
CA LYS A 54 -1.03 23.49 -3.22
C LYS A 54 -0.76 24.96 -3.50
N MET A 55 0.51 25.32 -3.72
CA MET A 55 0.79 26.70 -4.08
C MET A 55 0.14 27.05 -5.40
N ARG A 56 0.32 26.19 -6.41
CA ARG A 56 -0.36 26.33 -7.68
C ARG A 56 -1.84 26.60 -7.48
N ASN A 57 -2.52 25.70 -6.80
CA ASN A 57 -3.97 25.79 -6.70
C ASN A 57 -4.41 27.04 -5.99
N LEU A 58 -3.78 27.36 -4.86
CA LEU A 58 -4.38 28.45 -4.10
C LEU A 58 -4.03 29.78 -4.74
N LEU A 59 -2.80 29.94 -5.23
CA LEU A 59 -2.45 31.20 -5.87
C LEU A 59 -3.15 31.34 -7.21
N ALA A 60 -3.56 30.24 -7.83
CA ALA A 60 -4.42 30.34 -8.99
C ALA A 60 -5.79 30.85 -8.59
N LYS A 61 -6.40 30.22 -7.57
CA LYS A 61 -7.72 30.65 -7.14
C LYS A 61 -7.70 32.07 -6.62
N HIS A 62 -6.54 32.59 -6.25
CA HIS A 62 -6.44 34.00 -5.94
C HIS A 62 -6.90 34.86 -7.11
N PHE A 63 -6.25 34.69 -8.26
CA PHE A 63 -6.50 35.56 -9.39
C PHE A 63 -7.72 35.04 -10.14
N GLY A 64 -7.95 35.57 -11.33
CA GLY A 64 -9.06 35.10 -12.14
C GLY A 64 -8.96 33.62 -12.44
N LEU A 65 -10.06 32.91 -12.27
CA LEU A 65 -10.15 31.49 -12.61
C LEU A 65 -11.56 31.27 -13.15
N LYS A 66 -11.70 31.29 -14.46
CA LYS A 66 -13.01 31.19 -15.10
C LYS A 66 -13.40 29.73 -15.32
N MET A 67 -14.67 29.52 -15.67
CA MET A 67 -15.13 28.17 -15.98
C MET A 67 -14.38 27.60 -17.17
N LYS A 68 -14.23 28.40 -18.22
CA LYS A 68 -13.39 28.01 -19.33
C LYS A 68 -11.95 27.85 -18.88
N GLN A 69 -11.50 28.67 -17.92
CA GLN A 69 -10.19 28.46 -17.31
C GLN A 69 -10.19 27.20 -16.44
N GLU A 70 -11.31 26.91 -15.79
CA GLU A 70 -11.40 25.66 -15.03
C GLU A 70 -11.25 24.45 -15.95
N SER A 71 -11.67 24.57 -17.19
CA SER A 71 -11.80 23.39 -18.05
C SER A 71 -10.45 22.83 -18.47
N HIS A 72 -9.47 23.70 -18.74
CA HIS A 72 -8.27 23.29 -19.46
C HIS A 72 -6.99 23.31 -18.63
N ASN A 73 -7.02 23.82 -17.41
CA ASN A 73 -5.81 24.12 -16.64
C ASN A 73 -4.94 25.09 -17.44
N GLN A 74 -5.60 26.06 -18.06
CA GLN A 74 -4.96 27.29 -18.49
C GLN A 74 -5.25 28.33 -17.44
N ASP A 75 -4.20 28.90 -16.85
CA ASP A 75 -4.34 29.68 -15.64
C ASP A 75 -3.75 31.06 -15.89
N ASP A 76 -3.62 31.85 -14.83
CA ASP A 76 -3.16 33.23 -14.98
C ASP A 76 -1.75 33.23 -15.58
N GLU A 77 -1.47 34.27 -16.34
CA GLU A 77 -0.25 34.28 -17.14
C GLU A 77 0.98 34.20 -16.26
N ARG A 78 0.97 34.90 -15.13
CA ARG A 78 2.17 35.01 -14.31
C ARG A 78 2.31 33.88 -13.29
N VAL A 79 1.22 33.32 -12.79
CA VAL A 79 1.35 32.05 -12.06
C VAL A 79 1.88 30.97 -13.00
N LEU A 80 1.37 30.95 -14.23
CA LEU A 80 1.89 30.03 -15.23
C LEU A 80 3.37 30.27 -15.47
N ARG A 81 3.77 31.53 -15.54
CA ARG A 81 5.18 31.85 -15.70
C ARG A 81 6.00 31.29 -14.56
N LEU A 82 5.51 31.44 -13.33
CA LEU A 82 6.28 30.99 -12.18
C LEU A 82 6.41 29.48 -12.16
N PHE A 83 5.34 28.76 -12.51
CA PHE A 83 5.33 27.31 -12.37
C PHE A 83 5.40 26.56 -13.68
N GLY A 84 5.31 27.24 -14.82
CA GLY A 84 5.47 26.59 -16.10
C GLY A 84 4.25 25.82 -16.54
N SER A 85 3.91 25.91 -17.82
CA SER A 85 2.83 25.13 -18.39
C SER A 85 3.35 24.16 -19.44
N SER A 86 3.97 24.68 -20.49
CA SER A 86 4.58 23.87 -21.54
C SER A 86 3.67 22.72 -21.97
N GLU A 87 2.40 23.06 -22.20
CA GLU A 87 1.45 22.09 -22.72
C GLU A 87 1.03 22.38 -24.16
N LYS A 88 0.54 23.58 -24.43
CA LYS A 88 0.01 23.87 -25.76
C LYS A 88 0.39 25.29 -26.15
N GLY A 89 0.72 25.45 -27.43
CA GLY A 89 0.89 26.78 -27.98
C GLY A 89 1.96 27.54 -27.22
N ASN A 90 1.53 28.58 -26.50
CA ASN A 90 2.49 29.47 -25.86
C ASN A 90 3.17 28.73 -24.72
N ILE A 91 4.33 28.18 -25.00
CA ILE A 91 5.10 27.40 -24.04
C ILE A 91 5.86 28.32 -23.12
N GLN A 92 6.00 27.92 -21.87
CA GLN A 92 6.80 28.63 -20.89
C GLN A 92 7.47 27.61 -20.01
N ARG A 93 8.79 27.51 -20.08
CA ARG A 93 9.51 26.59 -19.23
C ARG A 93 9.42 27.04 -17.79
N ALA A 94 9.28 26.08 -16.90
CA ALA A 94 9.10 26.39 -15.48
C ALA A 94 10.29 27.18 -14.96
N ARG A 95 10.09 27.83 -13.82
CA ARG A 95 11.08 28.75 -13.30
C ARG A 95 11.37 28.58 -11.83
N LEU A 96 10.48 28.02 -11.04
CA LEU A 96 10.71 27.75 -9.62
C LEU A 96 10.67 26.25 -9.40
N GLN A 97 11.77 25.71 -8.89
CA GLN A 97 11.90 24.27 -8.67
C GLN A 97 11.69 24.00 -7.19
N ILE A 98 10.64 23.28 -6.86
CA ILE A 98 10.29 22.96 -5.48
C ILE A 98 10.82 21.58 -5.19
N SER A 99 11.67 21.47 -4.18
CA SER A 99 12.22 20.17 -3.81
C SER A 99 11.37 19.54 -2.71
N ASP A 100 11.76 18.34 -2.31
CA ASP A 100 11.05 17.70 -1.22
C ASP A 100 11.53 18.29 0.10
N ALA A 101 10.89 17.88 1.19
CA ALA A 101 11.28 18.29 2.52
C ALA A 101 11.55 17.04 3.33
N PHE A 102 12.58 17.09 4.16
CA PHE A 102 13.03 15.91 4.85
C PHE A 102 13.15 16.17 6.34
N PHE A 103 12.96 15.10 7.10
CA PHE A 103 12.80 15.19 8.55
C PHE A 103 14.12 15.61 9.16
N SER A 104 14.14 16.74 9.84
CA SER A 104 15.39 17.38 10.23
C SER A 104 16.07 16.64 11.38
N GLU A 105 17.39 16.84 11.48
CA GLU A 105 18.18 16.17 12.51
C GLU A 105 18.00 16.81 13.89
N LYS A 106 17.71 18.11 13.94
CA LYS A 106 17.43 18.75 15.22
C LYS A 106 16.23 18.11 15.90
N THR A 107 15.12 18.01 15.18
CA THR A 107 13.93 17.40 15.76
C THR A 107 14.14 15.90 15.98
N LYS A 108 15.03 15.27 15.20
CA LYS A 108 15.33 13.88 15.45
C LYS A 108 16.01 13.70 16.79
N GLU A 109 17.01 14.52 17.08
CA GLU A 109 17.63 14.48 18.39
C GLU A 109 16.62 14.80 19.47
N HIS A 110 15.78 15.81 19.25
CA HIS A 110 14.77 16.18 20.23
C HIS A 110 13.90 15.00 20.62
N PHE A 111 13.23 14.40 19.62
CA PHE A 111 12.28 13.32 19.92
C PHE A 111 12.97 12.05 20.38
N ALA A 112 14.19 11.79 19.93
CA ALA A 112 14.92 10.66 20.47
C ALA A 112 15.22 10.87 21.95
N GLN A 113 15.66 12.06 22.31
CA GLN A 113 16.05 12.32 23.69
C GLN A 113 14.83 12.25 24.61
N ASN A 114 13.75 12.92 24.25
CA ASN A 114 12.58 12.96 25.11
C ASN A 114 11.64 11.79 24.91
N ASP A 115 11.99 10.83 24.06
CA ASP A 115 11.26 9.58 23.90
C ASP A 115 9.81 9.89 23.50
N ILE A 116 9.68 10.44 22.30
CA ILE A 116 8.40 10.78 21.72
C ILE A 116 8.28 10.08 20.39
N ALA A 117 7.13 9.47 20.14
CA ALA A 117 6.92 8.75 18.90
C ALA A 117 6.97 9.71 17.73
N TYR A 118 7.39 9.18 16.58
CA TYR A 118 7.38 9.95 15.35
C TYR A 118 6.02 9.96 14.68
N THR A 119 5.10 9.14 15.13
CA THR A 119 3.78 9.09 14.51
C THR A 119 2.74 8.66 15.53
N GLU A 120 1.62 9.35 15.52
CA GLU A 120 0.46 9.00 16.32
C GLU A 120 -0.59 8.37 15.43
N THR A 121 -1.41 7.51 16.02
CA THR A 121 -2.48 6.85 15.29
C THR A 121 -3.78 7.25 15.98
N LYS A 122 -4.29 8.41 15.59
CA LYS A 122 -5.55 8.88 16.15
C LYS A 122 -6.70 8.10 15.56
N PHE A 123 -7.57 7.61 16.42
CA PHE A 123 -8.70 6.82 16.01
C PHE A 123 -9.91 7.72 15.84
N GLU A 124 -10.65 7.51 14.76
CA GLU A 124 -11.79 8.35 14.43
C GLU A 124 -13.01 7.48 14.15
N ASN A 125 -14.16 8.10 14.19
CA ASN A 125 -15.43 7.39 14.16
C ASN A 125 -16.33 8.06 13.12
N THR A 126 -17.44 7.40 12.83
CA THR A 126 -18.41 7.90 11.86
C THR A 126 -19.80 7.49 12.31
N ILE A 127 -20.65 8.46 12.57
CA ILE A 127 -22.01 8.21 13.04
C ILE A 127 -22.95 8.40 11.86
N ASN A 128 -23.30 7.31 11.20
CA ASN A 128 -24.22 7.40 10.08
C ASN A 128 -25.64 7.60 10.58
N ARG A 129 -26.49 8.12 9.70
CA ARG A 129 -27.82 8.56 10.09
C ARG A 129 -28.84 7.47 9.82
N LEU A 130 -29.97 7.57 10.53
CA LEU A 130 -31.07 6.62 10.47
C LEU A 130 -30.66 5.30 11.11
N THR A 131 -29.40 5.19 11.51
CA THR A 131 -28.92 3.98 12.14
C THR A 131 -28.12 4.28 13.39
N ALA A 132 -27.44 5.42 13.41
CA ALA A 132 -26.56 5.84 14.51
C ALA A 132 -25.52 4.78 14.84
N VAL A 133 -25.29 3.84 13.94
CA VAL A 133 -24.29 2.81 14.18
C VAL A 133 -22.93 3.34 13.75
N ALA A 134 -21.95 3.20 14.63
CA ALA A 134 -20.63 3.74 14.39
C ALA A 134 -19.75 2.71 13.70
N ASN A 135 -18.92 3.17 12.78
CA ASN A 135 -17.92 2.32 12.14
C ASN A 135 -16.57 2.99 12.26
N PRO A 136 -15.62 2.41 12.96
CA PRO A 136 -14.38 3.11 13.28
C PRO A 136 -13.40 3.12 12.13
N ARG A 137 -12.39 3.97 12.27
CA ARG A 137 -11.25 4.06 11.37
C ARG A 137 -10.06 4.58 12.17
N GLN A 138 -8.87 4.32 11.65
CA GLN A 138 -7.65 4.78 12.28
C GLN A 138 -6.74 5.41 11.24
N ILE A 139 -6.10 6.52 11.63
CA ILE A 139 -5.33 7.34 10.72
C ILE A 139 -3.99 7.66 11.37
N GLU A 140 -2.91 7.52 10.61
CA GLU A 140 -1.60 7.94 11.08
C GLU A 140 -1.37 9.41 10.76
N ARG A 141 -0.70 10.11 11.66
CA ARG A 141 -0.49 11.53 11.47
C ARG A 141 0.85 11.91 12.07
N VAL A 142 1.53 12.83 11.42
CA VAL A 142 2.87 13.22 11.82
C VAL A 142 2.79 14.11 13.05
N THR A 143 3.62 13.82 14.04
CA THR A 143 3.53 14.49 15.32
C THR A 143 3.90 15.96 15.18
N ARG A 144 3.24 16.81 15.96
CA ARG A 144 3.52 18.22 15.87
C ARG A 144 4.85 18.54 16.53
N GLY A 145 5.40 19.70 16.17
CA GLY A 145 6.73 20.04 16.57
C GLY A 145 7.79 19.42 15.69
N SER A 146 7.39 18.56 14.76
CA SER A 146 8.34 18.07 13.77
C SER A 146 8.78 19.22 12.89
N GLU A 147 10.00 19.12 12.41
CA GLU A 147 10.55 20.15 11.55
C GLU A 147 11.11 19.49 10.30
N PHE A 148 10.73 20.04 9.16
CA PHE A 148 11.18 19.55 7.86
C PHE A 148 12.01 20.63 7.19
N ASP A 149 13.07 20.22 6.51
CA ASP A 149 13.99 21.15 5.88
C ASP A 149 13.72 21.17 4.39
N PHE A 150 13.48 22.35 3.84
CA PHE A 150 13.12 22.49 2.44
C PHE A 150 14.14 23.35 1.72
N VAL A 151 14.21 23.16 0.41
CA VAL A 151 15.00 24.01 -0.46
C VAL A 151 14.18 24.35 -1.70
N PHE A 152 14.19 25.61 -2.07
CA PHE A 152 13.66 26.06 -3.35
C PHE A 152 14.82 26.59 -4.18
N ILE A 153 14.69 26.47 -5.50
CA ILE A 153 15.63 27.09 -6.43
C ILE A 153 14.83 27.91 -7.43
N TYR A 154 15.25 29.15 -7.64
CA TYR A 154 14.60 30.04 -8.60
C TYR A 154 15.61 30.43 -9.66
N ASN A 155 15.19 30.35 -10.92
CA ASN A 155 16.04 30.65 -12.06
C ASN A 155 15.68 32.02 -12.60
N VAL A 156 16.68 32.83 -12.90
CA VAL A 156 16.45 34.17 -13.43
C VAL A 156 16.56 34.08 -14.95
N ASP A 157 15.45 33.76 -15.58
CA ASP A 157 15.39 33.78 -17.04
C ASP A 157 15.24 35.19 -17.60
N GLU A 158 14.69 36.11 -16.81
CA GLU A 158 14.52 37.49 -17.23
C GLU A 158 14.80 38.37 -16.02
N GLU A 159 15.78 39.26 -16.16
CA GLU A 159 16.31 39.98 -15.00
C GLU A 159 15.27 40.89 -14.37
N SER A 160 14.50 41.59 -15.20
CA SER A 160 13.61 42.62 -14.68
C SER A 160 12.43 42.07 -13.92
N GLN A 161 12.20 40.77 -13.94
CA GLN A 161 11.01 40.19 -13.35
C GLN A 161 11.25 39.58 -11.99
N VAL A 162 12.43 39.76 -11.40
CA VAL A 162 12.72 39.11 -10.13
C VAL A 162 11.80 39.62 -9.03
N GLU A 163 11.57 40.93 -8.98
CA GLU A 163 10.79 41.51 -7.90
C GLU A 163 9.35 40.98 -7.91
N ASP A 164 8.71 41.00 -9.08
CA ASP A 164 7.34 40.53 -9.15
C ASP A 164 7.24 39.06 -8.77
N ASP A 165 8.18 38.25 -9.24
CA ASP A 165 8.14 36.82 -8.95
C ASP A 165 8.29 36.54 -7.47
N PHE A 166 9.24 37.21 -6.81
CA PHE A 166 9.36 37.01 -5.39
C PHE A 166 8.19 37.61 -4.62
N GLU A 167 7.57 38.66 -5.14
CA GLU A 167 6.34 39.14 -4.53
C GLU A 167 5.27 38.05 -4.56
N ASN A 168 5.13 37.40 -5.71
CA ASN A 168 4.11 36.37 -5.83
C ASN A 168 4.43 35.16 -4.96
N ILE A 169 5.70 34.80 -4.86
CA ILE A 169 5.99 33.65 -4.01
C ILE A 169 5.79 34.03 -2.55
N GLU A 170 5.97 35.31 -2.21
CA GLU A 170 5.58 35.78 -0.88
C GLU A 170 4.10 35.58 -0.65
N LYS A 171 3.29 35.97 -1.62
CA LYS A 171 1.86 35.68 -1.55
C LYS A 171 1.63 34.21 -1.32
N ALA A 172 2.37 33.36 -2.03
CA ALA A 172 2.18 31.92 -1.92
C ALA A 172 2.50 31.42 -0.51
N ILE A 173 3.63 31.84 0.04
CA ILE A 173 4.00 31.39 1.38
C ILE A 173 2.94 31.85 2.37
N HIS A 174 2.56 33.12 2.30
CA HIS A 174 1.64 33.67 3.27
C HIS A 174 0.29 32.98 3.20
N LEU A 175 -0.22 32.76 1.98
CA LEU A 175 -1.48 32.07 1.83
C LEU A 175 -1.40 30.62 2.28
N LEU A 176 -0.25 29.97 2.07
CA LEU A 176 -0.14 28.58 2.48
C LEU A 176 -0.16 28.46 4.00
N GLU A 177 0.44 29.42 4.70
CA GLU A 177 0.45 29.37 6.15
C GLU A 177 -0.96 29.39 6.72
N ASN A 178 -1.94 29.83 5.95
CA ASN A 178 -3.33 29.89 6.38
C ASN A 178 -4.17 28.83 5.68
N ASP A 179 -3.59 27.66 5.44
CA ASP A 179 -4.25 26.59 4.72
C ASP A 179 -3.60 25.29 5.18
N TYR A 180 -3.88 24.20 4.49
CA TYR A 180 -3.38 22.91 4.93
C TYR A 180 -2.56 22.22 3.85
N LEU A 181 -1.78 21.24 4.28
CA LEU A 181 -1.20 20.24 3.41
C LEU A 181 -1.76 18.87 3.77
N GLY A 182 -1.80 18.00 2.78
CA GLY A 182 -2.27 16.66 3.02
C GLY A 182 -3.78 16.59 3.10
N GLY A 183 -4.26 15.51 3.70
CA GLY A 183 -5.67 15.24 3.79
C GLY A 183 -6.22 15.56 5.17
N GLY A 184 -7.55 15.48 5.25
CA GLY A 184 -8.23 15.86 6.47
C GLY A 184 -7.97 17.29 6.84
N GLY A 185 -7.72 18.14 5.85
CA GLY A 185 -7.44 19.53 6.15
C GLY A 185 -8.60 20.20 6.86
N THR A 186 -9.81 19.92 6.40
CA THR A 186 -10.98 20.48 7.05
C THR A 186 -11.27 19.83 8.38
N ARG A 187 -10.67 18.66 8.66
CA ARG A 187 -10.92 17.94 9.89
C ARG A 187 -9.92 18.30 10.98
N GLY A 188 -9.07 19.29 10.74
CA GLY A 188 -8.07 19.73 11.70
C GLY A 188 -6.65 19.50 11.25
N ASN A 189 -6.43 18.55 10.37
CA ASN A 189 -5.09 18.06 10.08
C ASN A 189 -4.26 19.07 9.30
N GLY A 190 -2.94 18.94 9.45
CA GLY A 190 -1.97 19.44 8.49
C GLY A 190 -1.87 20.93 8.24
N ARG A 191 -1.80 21.73 9.29
CA ARG A 191 -1.45 23.14 9.14
C ARG A 191 0.02 23.32 9.45
N ILE A 192 0.70 24.12 8.63
CA ILE A 192 2.13 24.28 8.71
C ILE A 192 2.47 25.76 8.85
N GLN A 193 3.67 26.03 9.37
CA GLN A 193 4.24 27.37 9.33
C GLN A 193 5.68 27.29 8.87
N PHE A 194 6.15 28.36 8.25
CA PHE A 194 7.52 28.48 7.79
C PHE A 194 8.30 29.36 8.75
N LYS A 195 9.56 28.98 8.99
CA LYS A 195 10.35 29.67 9.99
C LYS A 195 11.81 29.54 9.64
N ASP A 196 12.59 30.57 10.00
CA ASP A 196 14.00 30.66 9.66
C ASP A 196 14.24 30.50 8.16
N THR A 197 13.72 31.45 7.40
CA THR A 197 13.93 31.45 5.97
C THR A 197 15.32 32.02 5.64
N ASN A 198 15.70 31.92 4.38
CA ASN A 198 17.02 32.36 3.96
C ASN A 198 17.03 32.53 2.46
N ILE A 199 17.73 33.55 1.99
CA ILE A 199 17.92 33.80 0.57
C ILE A 199 19.41 33.99 0.33
N GLU A 200 19.93 33.35 -0.70
CA GLU A 200 21.35 33.45 -1.00
C GLU A 200 21.57 33.09 -2.47
N THR A 201 22.49 33.80 -3.12
CA THR A 201 22.81 33.53 -4.51
C THR A 201 23.85 32.43 -4.56
N VAL A 202 23.44 31.27 -5.07
CA VAL A 202 24.34 30.12 -5.12
C VAL A 202 25.10 30.05 -6.43
N VAL A 203 24.51 30.51 -7.53
CA VAL A 203 25.22 30.62 -8.79
C VAL A 203 24.97 32.01 -9.35
N GLY A 204 26.00 32.62 -9.91
CA GLY A 204 25.80 33.79 -10.72
C GLY A 204 26.39 35.08 -10.22
N GLU A 205 25.83 36.20 -10.66
CA GLU A 205 26.31 37.54 -10.34
C GLU A 205 25.14 38.46 -10.01
N TYR A 206 24.14 37.91 -9.34
CA TYR A 206 22.98 38.67 -8.89
C TYR A 206 22.98 38.85 -7.37
N ASP A 207 22.69 40.06 -6.93
CA ASP A 207 22.52 40.34 -5.51
C ASP A 207 21.13 39.96 -5.03
N SER A 208 21.07 39.39 -3.85
CA SER A 208 19.83 38.92 -3.24
C SER A 208 19.68 39.47 -1.84
N THR A 209 20.10 40.72 -1.64
CA THR A 209 19.95 41.36 -0.34
C THR A 209 18.60 42.01 -0.17
N ASN A 210 18.05 42.60 -1.22
CA ASN A 210 16.76 43.27 -1.14
C ASN A 210 15.59 42.30 -1.05
N LEU A 211 15.85 41.01 -0.89
CA LEU A 211 14.84 39.99 -0.98
C LEU A 211 14.40 39.56 0.43
N LYS A 212 13.11 39.23 0.57
CA LYS A 212 12.61 38.77 1.84
C LYS A 212 11.44 37.84 1.61
N ILE A 213 11.29 36.87 2.51
CA ILE A 213 10.16 35.95 2.51
C ILE A 213 9.73 35.73 3.95
N LYS A 214 8.54 36.19 4.30
CA LYS A 214 8.03 35.96 5.64
C LYS A 214 7.55 34.51 5.79
N TYR B 2 50.35 13.88 -26.73
CA TYR B 2 48.91 13.72 -26.68
C TYR B 2 48.49 12.86 -25.51
N SER B 3 47.78 13.43 -24.56
CA SER B 3 47.43 12.74 -23.33
C SER B 3 45.91 12.67 -23.17
N LYS B 4 45.46 11.71 -22.37
CA LYS B 4 44.04 11.52 -22.09
C LYS B 4 43.83 11.64 -20.60
N ILE B 5 42.96 12.56 -20.19
CA ILE B 5 42.75 12.88 -18.79
C ILE B 5 41.46 12.21 -18.34
N LYS B 6 41.51 11.54 -17.20
CA LYS B 6 40.41 10.74 -16.70
C LYS B 6 39.82 11.40 -15.47
N ILE B 7 38.52 11.65 -15.50
CA ILE B 7 37.80 12.28 -14.41
C ILE B 7 36.83 11.24 -13.87
N SER B 8 37.14 10.70 -12.69
CA SER B 8 36.36 9.62 -12.11
C SER B 8 35.84 10.04 -10.75
N GLY B 9 34.68 9.49 -10.39
CA GLY B 9 34.11 9.78 -9.09
C GLY B 9 32.82 9.05 -8.87
N THR B 10 32.08 9.48 -7.86
CA THR B 10 30.80 8.89 -7.52
C THR B 10 29.79 10.00 -7.26
N ILE B 11 28.53 9.73 -7.59
CA ILE B 11 27.46 10.70 -7.43
C ILE B 11 26.37 10.09 -6.56
N GLU B 12 25.84 10.88 -5.63
CA GLU B 12 24.78 10.42 -4.75
C GLU B 12 23.44 10.98 -5.20
N VAL B 13 22.39 10.19 -5.02
CA VAL B 13 21.03 10.63 -5.30
C VAL B 13 20.49 11.30 -4.04
N VAL B 14 20.49 12.62 -4.02
CA VAL B 14 20.05 13.36 -2.83
C VAL B 14 18.54 13.26 -2.67
N THR B 15 17.80 13.55 -3.73
CA THR B 15 16.38 13.29 -3.79
C THR B 15 16.15 12.33 -4.95
N GLY B 16 15.10 11.52 -4.83
CA GLY B 16 14.84 10.45 -5.78
C GLY B 16 15.02 10.82 -7.23
N LEU B 17 15.45 9.85 -8.03
CA LEU B 17 15.84 10.09 -9.41
C LEU B 17 14.94 9.30 -10.35
N HIS B 18 14.71 9.84 -11.54
CA HIS B 18 13.77 9.24 -12.49
C HIS B 18 14.24 9.56 -13.90
N ILE B 19 14.87 8.59 -14.56
CA ILE B 19 15.22 8.71 -15.96
C ILE B 19 14.16 8.10 -16.85
N GLY B 20 13.62 6.95 -16.47
CA GLY B 20 12.39 6.45 -17.04
C GLY B 20 12.35 6.25 -18.54
N GLY B 21 13.38 5.62 -19.10
CA GLY B 21 13.33 5.28 -20.51
C GLY B 21 12.24 4.29 -20.83
N GLY B 22 11.86 3.45 -19.87
CA GLY B 22 10.75 2.54 -20.09
C GLY B 22 9.44 3.26 -20.36
N GLY B 23 9.21 4.37 -19.66
CA GLY B 23 7.99 5.14 -19.83
C GLY B 23 8.06 6.14 -20.98
N SER B 33 5.34 3.79 -16.15
CA SER B 33 6.50 4.65 -16.04
C SER B 33 7.62 3.98 -15.27
N PRO B 34 8.32 3.05 -15.90
CA PRO B 34 9.46 2.42 -15.25
C PRO B 34 10.66 3.35 -15.26
N VAL B 35 11.80 2.86 -14.79
CA VAL B 35 13.06 3.58 -14.89
C VAL B 35 14.01 2.71 -15.70
N VAL B 36 15.01 3.34 -16.33
CA VAL B 36 15.97 2.57 -17.09
C VAL B 36 16.70 1.59 -16.19
N ARG B 37 16.95 0.39 -16.71
CA ARG B 37 17.67 -0.62 -15.96
C ARG B 37 18.60 -1.36 -16.92
N ASP B 38 19.21 -2.42 -16.41
CA ASP B 38 19.87 -3.42 -17.25
C ASP B 38 19.00 -4.65 -17.30
N LEU B 39 18.81 -5.19 -18.50
CA LEU B 39 17.76 -6.19 -18.68
C LEU B 39 18.09 -7.53 -18.03
N GLN B 40 19.30 -7.70 -17.51
CA GLN B 40 19.61 -8.90 -16.73
C GLN B 40 19.87 -8.59 -15.26
N THR B 41 20.76 -7.66 -14.96
CA THR B 41 21.09 -7.40 -13.55
C THR B 41 19.90 -6.85 -12.78
N LYS B 42 18.95 -6.21 -13.46
CA LYS B 42 17.80 -5.59 -12.80
C LYS B 42 18.24 -4.60 -11.73
N LEU B 43 19.31 -3.86 -12.02
CA LEU B 43 19.64 -2.71 -11.21
C LEU B 43 19.60 -1.45 -12.06
N PRO B 44 19.09 -0.34 -11.54
CA PRO B 44 18.94 0.87 -12.35
C PRO B 44 20.29 1.48 -12.69
N ILE B 45 20.30 2.22 -13.81
CA ILE B 45 21.49 2.91 -14.29
C ILE B 45 21.11 4.35 -14.61
N ILE B 46 22.13 5.18 -14.75
CA ILE B 46 21.93 6.57 -15.17
C ILE B 46 22.73 6.80 -16.45
N PRO B 47 22.06 7.04 -17.57
CA PRO B 47 22.75 6.98 -18.86
C PRO B 47 23.73 8.13 -19.04
N GLY B 48 24.74 7.89 -19.86
CA GLY B 48 25.64 8.96 -20.24
C GLY B 48 24.95 10.04 -21.04
N SER B 49 23.98 9.65 -21.86
CA SER B 49 23.25 10.63 -22.66
C SER B 49 22.55 11.66 -21.77
N SER B 50 22.04 11.23 -20.62
CA SER B 50 21.38 12.16 -19.71
C SER B 50 22.36 13.18 -19.15
N ILE B 51 23.50 12.69 -18.63
CA ILE B 51 24.51 13.59 -18.10
C ILE B 51 24.92 14.59 -19.16
N LYS B 52 25.24 14.09 -20.35
CA LYS B 52 25.78 14.95 -21.39
C LYS B 52 24.74 15.95 -21.85
N GLY B 53 23.50 15.52 -22.04
CA GLY B 53 22.48 16.43 -22.52
C GLY B 53 22.20 17.54 -21.53
N LYS B 54 22.02 17.19 -20.25
CA LYS B 54 21.69 18.24 -19.30
C LYS B 54 22.87 19.17 -19.08
N MET B 55 24.07 18.62 -19.07
CA MET B 55 25.26 19.44 -18.91
C MET B 55 25.42 20.39 -20.09
N ARG B 56 25.16 19.91 -21.31
CA ARG B 56 25.28 20.76 -22.47
C ARG B 56 24.24 21.86 -22.45
N ASN B 57 23.00 21.52 -22.11
CA ASN B 57 21.96 22.54 -22.08
C ASN B 57 22.30 23.61 -21.06
N LEU B 58 22.76 23.22 -19.88
CA LEU B 58 23.10 24.20 -18.86
C LEU B 58 24.27 25.05 -19.30
N LEU B 59 25.36 24.42 -19.73
CA LEU B 59 26.57 25.19 -20.02
C LEU B 59 26.36 26.10 -21.22
N ALA B 60 25.49 25.72 -22.15
CA ALA B 60 25.19 26.60 -23.26
C ALA B 60 24.29 27.75 -22.82
N LYS B 61 23.26 27.45 -22.04
CA LYS B 61 22.36 28.50 -21.61
C LYS B 61 23.07 29.50 -20.72
N HIS B 62 24.18 29.08 -20.13
CA HIS B 62 25.01 29.98 -19.36
C HIS B 62 25.53 31.16 -20.16
N PHE B 63 25.63 31.04 -21.47
CA PHE B 63 26.21 32.09 -22.30
C PHE B 63 25.16 32.89 -23.04
N ASP B 76 27.62 28.75 -28.86
CA ASP B 76 28.89 29.44 -28.61
C ASP B 76 30.02 28.51 -29.01
N GLU B 77 31.24 29.03 -29.02
CA GLU B 77 32.36 28.23 -29.47
C GLU B 77 32.80 27.22 -28.42
N ARG B 78 32.70 27.56 -27.15
CA ARG B 78 33.12 26.63 -26.10
C ARG B 78 32.23 25.39 -26.06
N VAL B 79 30.93 25.57 -26.27
CA VAL B 79 30.02 24.42 -26.31
C VAL B 79 30.42 23.49 -27.44
N LEU B 80 30.69 24.06 -28.61
CA LEU B 80 31.22 23.25 -29.71
C LEU B 80 32.50 22.56 -29.31
N ARG B 81 33.34 23.23 -28.54
CA ARG B 81 34.64 22.70 -28.18
C ARG B 81 34.50 21.46 -27.30
N LEU B 82 33.76 21.57 -26.20
CA LEU B 82 33.73 20.48 -25.22
C LEU B 82 33.01 19.26 -25.74
N PHE B 83 31.81 19.44 -26.29
CA PHE B 83 30.99 18.30 -26.69
C PHE B 83 31.02 18.03 -28.18
N GLY B 84 31.16 19.05 -29.01
CA GLY B 84 31.31 18.80 -30.43
C GLY B 84 29.97 18.67 -31.13
N SER B 85 29.72 19.51 -32.13
CA SER B 85 28.47 19.47 -32.87
C SER B 85 28.64 18.84 -34.25
N SER B 86 29.52 19.39 -35.06
CA SER B 86 29.81 18.84 -36.38
C SER B 86 28.54 18.59 -37.18
N GLU B 87 27.78 19.68 -37.37
CA GLU B 87 26.53 19.61 -38.18
C GLU B 87 26.26 21.02 -38.73
N LYS B 88 27.20 21.95 -38.57
CA LYS B 88 26.93 23.33 -38.99
C LYS B 88 27.86 23.80 -40.11
N GLY B 89 28.25 22.90 -41.01
CA GLY B 89 29.17 23.25 -42.06
C GLY B 89 30.62 23.24 -41.65
N ASN B 90 30.91 23.13 -40.36
CA ASN B 90 32.24 22.83 -39.86
C ASN B 90 32.14 21.66 -38.88
N ILE B 91 33.22 20.91 -38.77
CA ILE B 91 33.23 19.64 -38.06
C ILE B 91 34.21 19.74 -36.91
N GLN B 92 33.76 19.46 -35.71
CA GLN B 92 34.60 19.43 -34.53
C GLN B 92 34.38 18.11 -33.82
N ARG B 93 35.47 17.45 -33.45
CA ARG B 93 35.38 16.15 -32.79
C ARG B 93 35.19 16.35 -31.29
N ALA B 94 34.35 15.52 -30.70
CA ALA B 94 34.05 15.62 -29.28
C ALA B 94 35.33 15.51 -28.47
N ARG B 95 35.46 16.36 -27.46
CA ARG B 95 36.65 16.40 -26.63
C ARG B 95 36.39 15.91 -25.22
N LEU B 96 35.14 15.71 -24.84
CA LEU B 96 34.78 15.15 -23.55
C LEU B 96 33.89 13.93 -23.80
N GLN B 97 34.29 12.79 -23.28
CA GLN B 97 33.51 11.57 -23.41
C GLN B 97 32.92 11.22 -22.06
N ILE B 98 31.61 11.01 -22.03
CA ILE B 98 30.88 10.71 -20.82
C ILE B 98 30.33 9.30 -20.92
N SER B 99 30.57 8.51 -19.88
CA SER B 99 30.07 7.14 -19.84
C SER B 99 28.94 7.03 -18.84
N ASP B 100 28.29 5.87 -18.85
CA ASP B 100 27.19 5.62 -17.94
C ASP B 100 27.69 5.53 -16.51
N ALA B 101 26.77 5.37 -15.57
CA ALA B 101 27.12 5.11 -14.19
C ALA B 101 26.31 3.93 -13.67
N PHE B 102 26.79 3.34 -12.58
CA PHE B 102 26.21 2.12 -12.03
C PHE B 102 26.28 2.17 -10.51
N PHE B 103 25.43 1.38 -9.85
CA PHE B 103 25.53 1.24 -8.41
C PHE B 103 26.91 0.76 -7.99
N SER B 104 27.46 1.40 -6.97
CA SER B 104 28.71 0.94 -6.42
C SER B 104 28.50 -0.33 -5.61
N GLU B 105 29.61 -1.02 -5.31
CA GLU B 105 29.52 -2.15 -4.41
C GLU B 105 29.08 -1.69 -3.03
N LYS B 106 29.48 -0.48 -2.63
CA LYS B 106 29.15 0.00 -1.30
C LYS B 106 27.65 0.20 -1.11
N THR B 107 27.00 0.83 -2.09
CA THR B 107 25.56 1.03 -1.96
C THR B 107 24.82 -0.30 -1.98
N LYS B 108 25.26 -1.23 -2.82
CA LYS B 108 24.61 -2.53 -2.87
C LYS B 108 24.72 -3.25 -1.54
N GLU B 109 25.93 -3.30 -0.98
CA GLU B 109 26.10 -4.03 0.27
C GLU B 109 25.33 -3.37 1.41
N HIS B 110 25.34 -2.03 1.47
CA HIS B 110 24.62 -1.35 2.52
C HIS B 110 23.13 -1.63 2.43
N PHE B 111 22.55 -1.51 1.24
CA PHE B 111 21.13 -1.78 1.09
C PHE B 111 20.79 -3.23 1.37
N ALA B 112 21.68 -4.16 1.03
CA ALA B 112 21.41 -5.55 1.32
C ALA B 112 21.41 -5.81 2.82
N GLN B 113 22.44 -5.35 3.52
CA GLN B 113 22.51 -5.56 4.96
C GLN B 113 21.32 -4.94 5.67
N ASN B 114 21.06 -3.67 5.43
CA ASN B 114 19.92 -3.04 6.07
C ASN B 114 18.59 -3.40 5.42
N ASP B 115 18.60 -4.26 4.40
CA ASP B 115 17.38 -4.74 3.75
C ASP B 115 16.53 -3.59 3.23
N ILE B 116 17.08 -2.89 2.23
CA ILE B 116 16.42 -1.78 1.58
C ILE B 116 16.28 -2.11 0.10
N ALA B 117 15.07 -1.99 -0.43
CA ALA B 117 14.87 -2.21 -1.86
C ALA B 117 15.57 -1.13 -2.66
N TYR B 118 15.82 -1.44 -3.93
CA TYR B 118 16.58 -0.53 -4.77
C TYR B 118 15.74 0.55 -5.43
N THR B 119 14.43 0.38 -5.49
CA THR B 119 13.56 1.37 -6.11
C THR B 119 12.37 1.64 -5.23
N GLU B 120 12.03 2.91 -5.09
CA GLU B 120 10.81 3.35 -4.43
C GLU B 120 9.77 3.70 -5.48
N THR B 121 8.51 3.49 -5.13
CA THR B 121 7.41 3.86 -6.02
C THR B 121 6.54 4.87 -5.31
N LYS B 122 6.42 6.06 -5.90
CA LYS B 122 5.62 7.11 -5.32
C LYS B 122 4.26 7.14 -6.00
N PHE B 123 3.22 7.20 -5.21
CA PHE B 123 1.89 7.39 -5.72
C PHE B 123 1.61 8.88 -5.85
N GLU B 124 1.03 9.28 -6.96
CA GLU B 124 0.77 10.68 -7.22
C GLU B 124 -0.68 10.83 -7.65
N ASN B 125 -1.08 12.06 -7.95
CA ASN B 125 -2.49 12.35 -8.11
C ASN B 125 -2.62 13.69 -8.81
N THR B 126 -3.76 13.91 -9.45
CA THR B 126 -4.03 15.13 -10.19
C THR B 126 -5.43 15.60 -9.86
N ILE B 127 -5.62 16.91 -9.82
CA ILE B 127 -6.88 17.50 -9.43
C ILE B 127 -7.45 18.28 -10.60
N ASN B 128 -8.65 17.91 -11.02
CA ASN B 128 -9.32 18.62 -12.09
C ASN B 128 -10.01 19.85 -11.52
N ARG B 129 -10.15 20.87 -12.35
CA ARG B 129 -10.80 22.10 -11.96
C ARG B 129 -12.22 22.12 -12.51
N LEU B 130 -13.14 22.65 -11.70
CA LEU B 130 -14.58 22.62 -11.93
C LEU B 130 -15.12 21.22 -11.65
N THR B 131 -14.25 20.27 -11.37
CA THR B 131 -14.67 18.91 -11.13
C THR B 131 -14.13 18.31 -9.85
N ALA B 132 -12.87 18.54 -9.53
CA ALA B 132 -12.25 18.05 -8.31
C ALA B 132 -12.37 16.53 -8.18
N VAL B 133 -12.27 15.83 -9.29
CA VAL B 133 -12.07 14.39 -9.27
C VAL B 133 -10.59 14.15 -9.43
N ALA B 134 -10.06 13.17 -8.73
CA ALA B 134 -8.64 12.92 -8.70
C ALA B 134 -8.32 11.68 -9.53
N ASN B 135 -7.39 11.82 -10.46
CA ASN B 135 -6.94 10.67 -11.22
C ASN B 135 -5.51 10.36 -10.82
N PRO B 136 -5.25 9.19 -10.25
CA PRO B 136 -3.94 8.92 -9.67
C PRO B 136 -2.92 8.43 -10.70
N ARG B 137 -1.67 8.55 -10.35
CA ARG B 137 -0.67 7.96 -11.27
C ARG B 137 0.25 7.07 -10.44
N GLN B 138 1.30 6.57 -11.07
CA GLN B 138 2.23 5.64 -10.45
C GLN B 138 3.57 5.84 -11.13
N ILE B 139 4.51 6.46 -10.43
CA ILE B 139 5.80 6.80 -11.02
C ILE B 139 6.90 6.23 -10.14
N GLU B 140 7.84 5.51 -10.77
CA GLU B 140 8.90 4.82 -10.06
C GLU B 140 10.09 5.74 -9.90
N ARG B 141 10.82 5.56 -8.80
CA ARG B 141 11.88 6.49 -8.45
C ARG B 141 13.05 5.75 -7.82
N VAL B 142 14.27 6.12 -8.18
CA VAL B 142 15.45 5.52 -7.58
C VAL B 142 15.58 5.97 -6.13
N THR B 143 16.05 5.07 -5.28
CA THR B 143 16.05 5.31 -3.84
C THR B 143 17.07 6.37 -3.43
N ARG B 144 16.71 7.18 -2.44
CA ARG B 144 17.64 8.13 -1.86
C ARG B 144 18.88 7.44 -1.29
N GLY B 145 20.01 8.11 -1.40
CA GLY B 145 21.25 7.63 -0.87
C GLY B 145 22.01 6.71 -1.79
N SER B 146 21.42 6.29 -2.89
CA SER B 146 22.13 5.42 -3.81
C SER B 146 23.31 6.15 -4.42
N GLU B 147 24.34 5.39 -4.75
CA GLU B 147 25.56 5.96 -5.28
C GLU B 147 25.84 5.38 -6.66
N PHE B 148 26.28 6.25 -7.56
CA PHE B 148 26.62 5.89 -8.92
C PHE B 148 28.07 6.23 -9.18
N ASP B 149 28.80 5.31 -9.80
CA ASP B 149 30.20 5.53 -10.13
C ASP B 149 30.32 5.89 -11.60
N PHE B 150 31.04 6.95 -11.90
CA PHE B 150 31.09 7.49 -13.25
C PHE B 150 32.54 7.67 -13.69
N VAL B 151 32.72 7.71 -15.00
CA VAL B 151 34.01 8.01 -15.61
C VAL B 151 33.81 8.98 -16.76
N PHE B 152 34.58 10.06 -16.75
CA PHE B 152 34.71 10.98 -17.87
C PHE B 152 36.11 10.89 -18.45
N ILE B 153 36.23 11.26 -19.71
CA ILE B 153 37.52 11.30 -20.40
C ILE B 153 37.67 12.64 -21.08
N TYR B 154 38.86 13.23 -20.97
CA TYR B 154 39.21 14.46 -21.68
C TYR B 154 40.35 14.17 -22.64
N ASN B 155 40.09 14.31 -23.93
CA ASN B 155 41.12 14.14 -24.95
C ASN B 155 41.74 15.50 -25.19
N VAL B 156 42.92 15.74 -24.62
CA VAL B 156 43.51 17.06 -24.75
C VAL B 156 44.18 17.17 -26.12
N ASP B 157 43.45 17.73 -27.07
CA ASP B 157 43.98 17.94 -28.40
C ASP B 157 44.73 19.25 -28.52
N GLU B 158 44.63 20.12 -27.52
CA GLU B 158 45.37 21.37 -27.50
C GLU B 158 45.91 21.58 -26.09
N GLU B 159 47.23 21.75 -25.98
CA GLU B 159 47.84 21.94 -24.67
C GLU B 159 47.32 23.20 -24.01
N SER B 160 47.20 24.28 -24.77
CA SER B 160 47.00 25.61 -24.22
C SER B 160 45.56 25.91 -23.86
N GLN B 161 44.72 24.89 -23.71
CA GLN B 161 43.32 25.12 -23.46
C GLN B 161 42.76 24.25 -22.34
N VAL B 162 43.60 23.44 -21.69
CA VAL B 162 43.09 22.53 -20.68
C VAL B 162 42.60 23.31 -19.45
N GLU B 163 43.28 24.39 -19.09
CA GLU B 163 42.81 25.21 -17.98
C GLU B 163 41.44 25.78 -18.26
N ASP B 164 41.25 26.35 -19.46
CA ASP B 164 39.96 26.92 -19.80
C ASP B 164 38.88 25.84 -19.82
N ASP B 165 39.19 24.67 -20.38
CA ASP B 165 38.15 23.66 -20.51
C ASP B 165 37.78 23.06 -19.17
N PHE B 166 38.74 22.90 -18.26
CA PHE B 166 38.32 22.44 -16.95
C PHE B 166 37.65 23.54 -16.14
N GLU B 167 37.92 24.82 -16.43
CA GLU B 167 37.09 25.85 -15.83
C GLU B 167 35.65 25.73 -16.29
N ASN B 168 35.45 25.50 -17.59
CA ASN B 168 34.10 25.32 -18.10
C ASN B 168 33.42 24.10 -17.50
N ILE B 169 34.14 22.97 -17.41
CA ILE B 169 33.51 21.78 -16.87
C ILE B 169 33.24 21.95 -15.39
N GLU B 170 34.10 22.70 -14.69
CA GLU B 170 33.82 23.05 -13.30
C GLU B 170 32.53 23.81 -13.16
N LYS B 171 32.34 24.82 -14.01
CA LYS B 171 31.14 25.62 -13.90
C LYS B 171 29.92 24.80 -14.26
N ALA B 172 30.07 23.89 -15.21
CA ALA B 172 28.97 23.00 -15.58
C ALA B 172 28.59 22.07 -14.43
N ILE B 173 29.58 21.46 -13.79
CA ILE B 173 29.27 20.57 -12.67
C ILE B 173 28.68 21.35 -11.53
N HIS B 174 29.15 22.58 -11.32
CA HIS B 174 28.58 23.44 -10.29
C HIS B 174 27.11 23.71 -10.57
N LEU B 175 26.76 23.97 -11.83
CA LEU B 175 25.36 24.15 -12.19
C LEU B 175 24.56 22.88 -11.98
N LEU B 176 25.11 21.73 -12.37
CA LEU B 176 24.36 20.49 -12.24
C LEU B 176 24.12 20.15 -10.78
N GLU B 177 25.06 20.52 -9.91
CA GLU B 177 24.87 20.35 -8.49
C GLU B 177 23.59 21.01 -8.03
N ASN B 178 23.23 22.14 -8.62
CA ASN B 178 22.10 22.94 -8.20
C ASN B 178 20.91 22.82 -9.14
N ASP B 179 20.74 21.65 -9.75
CA ASP B 179 19.74 21.46 -10.78
C ASP B 179 19.26 20.02 -10.63
N TYR B 180 18.57 19.50 -11.65
CA TYR B 180 18.06 18.14 -11.56
C TYR B 180 18.45 17.35 -12.79
N LEU B 181 18.42 16.03 -12.64
CA LEU B 181 18.55 15.10 -13.75
C LEU B 181 17.26 14.33 -13.93
N GLY B 182 16.86 14.13 -15.17
CA GLY B 182 15.68 13.34 -15.44
C GLY B 182 14.41 14.16 -15.39
N GLY B 183 13.29 13.50 -15.16
CA GLY B 183 11.99 14.14 -15.29
C GLY B 183 11.40 14.53 -13.95
N GLY B 184 10.52 15.52 -13.99
CA GLY B 184 9.79 15.92 -12.81
C GLY B 184 10.60 16.67 -11.79
N GLY B 185 11.73 17.24 -12.18
CA GLY B 185 12.54 17.98 -11.23
C GLY B 185 11.86 19.21 -10.68
N THR B 186 11.03 19.87 -11.48
CA THR B 186 10.25 20.97 -10.96
C THR B 186 9.29 20.48 -9.90
N ARG B 187 8.89 19.22 -9.98
CA ARG B 187 7.98 18.63 -9.02
C ARG B 187 8.70 18.04 -7.82
N GLY B 188 10.03 18.06 -7.81
CA GLY B 188 10.73 17.79 -6.57
C GLY B 188 11.67 16.61 -6.53
N ASN B 189 12.22 16.19 -7.67
CA ASN B 189 13.07 15.02 -7.67
C ASN B 189 14.22 15.21 -8.64
N GLY B 190 15.29 14.43 -8.43
CA GLY B 190 16.43 14.45 -9.30
C GLY B 190 17.65 15.13 -8.75
N ARG B 191 17.58 15.73 -7.57
CA ARG B 191 18.73 16.44 -7.04
C ARG B 191 19.85 15.47 -6.72
N ILE B 192 21.04 15.73 -7.26
CA ILE B 192 22.17 14.84 -7.11
C ILE B 192 23.33 15.60 -6.48
N GLN B 193 24.36 14.86 -6.12
CA GLN B 193 25.55 15.41 -5.49
C GLN B 193 26.74 14.69 -6.11
N PHE B 194 27.91 15.34 -6.08
CA PHE B 194 29.13 14.75 -6.62
C PHE B 194 30.15 14.65 -5.51
N LYS B 195 30.62 13.43 -5.23
CA LYS B 195 31.67 13.23 -4.23
C LYS B 195 32.81 12.43 -4.82
N ASP B 196 33.98 12.60 -4.20
CA ASP B 196 35.12 11.71 -4.43
C ASP B 196 35.55 11.72 -5.89
N THR B 197 35.90 12.91 -6.37
CA THR B 197 36.37 13.07 -7.73
C THR B 197 37.89 13.07 -7.72
N ASN B 198 38.48 12.21 -8.55
CA ASN B 198 39.92 12.22 -8.75
C ASN B 198 40.24 12.34 -10.23
N ILE B 199 41.30 13.07 -10.53
CA ILE B 199 41.70 13.35 -11.90
C ILE B 199 43.10 12.79 -12.09
N GLU B 200 43.23 11.84 -13.01
CA GLU B 200 44.50 11.18 -13.27
C GLU B 200 44.79 11.20 -14.76
N THR B 201 46.07 11.27 -15.10
CA THR B 201 46.49 11.20 -16.49
C THR B 201 46.85 9.75 -16.83
N VAL B 202 46.17 9.18 -17.80
CA VAL B 202 46.27 7.76 -18.10
C VAL B 202 46.94 7.48 -19.42
N VAL B 203 47.10 8.48 -20.28
CA VAL B 203 47.88 8.38 -21.49
C VAL B 203 48.80 9.59 -21.53
N GLY B 204 49.99 9.42 -22.06
CA GLY B 204 50.86 10.55 -22.30
C GLY B 204 51.53 11.03 -21.04
N GLU B 205 52.17 12.19 -21.18
CA GLU B 205 53.02 12.77 -20.15
C GLU B 205 52.59 14.19 -19.84
N TYR B 206 51.30 14.38 -19.61
CA TYR B 206 50.78 15.66 -19.17
C TYR B 206 50.46 15.60 -17.69
N ASP B 207 50.86 16.63 -16.95
CA ASP B 207 50.60 16.68 -15.52
C ASP B 207 49.18 17.14 -15.26
N SER B 208 48.56 16.57 -14.22
CA SER B 208 47.19 16.88 -13.88
C SER B 208 47.02 16.98 -12.36
N THR B 209 48.08 17.33 -11.66
CA THR B 209 48.01 17.45 -10.21
C THR B 209 47.51 18.81 -9.76
N ASN B 210 47.08 19.67 -10.69
CA ASN B 210 46.57 20.98 -10.34
C ASN B 210 45.13 21.19 -10.76
N LEU B 211 44.55 20.31 -11.55
CA LEU B 211 43.19 20.50 -12.03
C LEU B 211 42.19 20.03 -10.98
N LYS B 212 41.04 20.69 -10.95
CA LYS B 212 40.17 20.65 -9.78
C LYS B 212 38.70 20.59 -10.20
N ILE B 213 37.96 19.68 -9.56
CA ILE B 213 36.52 19.53 -9.78
C ILE B 213 35.84 19.21 -8.46
N LYS B 214 34.86 20.03 -8.07
CA LYS B 214 33.87 19.60 -7.09
C LYS B 214 32.57 19.28 -7.79
N TYR C 2 -10.86 36.88 -3.58
CA TYR C 2 -10.45 35.72 -2.80
C TYR C 2 -9.78 36.11 -1.50
N SER C 3 -10.40 35.73 -0.39
CA SER C 3 -9.94 36.17 0.93
C SER C 3 -10.26 35.09 1.94
N LYS C 4 -9.59 35.15 3.09
CA LYS C 4 -9.80 34.19 4.14
C LYS C 4 -10.02 34.91 5.45
N ILE C 5 -11.14 34.62 6.11
CA ILE C 5 -11.53 35.28 7.35
C ILE C 5 -11.33 34.30 8.50
N LYS C 6 -10.59 34.74 9.49
CA LYS C 6 -10.22 33.87 10.61
C LYS C 6 -11.19 34.05 11.78
N ILE C 7 -11.41 32.96 12.49
CA ILE C 7 -12.17 32.95 13.73
C ILE C 7 -11.28 32.35 14.80
N SER C 8 -11.07 33.08 15.87
CA SER C 8 -10.28 32.57 17.00
C SER C 8 -11.09 32.73 18.26
N GLY C 9 -10.80 31.91 19.26
CA GLY C 9 -11.57 31.95 20.47
C GLY C 9 -11.07 30.98 21.50
N THR C 10 -11.98 30.52 22.35
CA THR C 10 -11.63 29.64 23.45
C THR C 10 -12.84 28.79 23.83
N ILE C 11 -12.60 27.50 24.04
CA ILE C 11 -13.58 26.60 24.63
C ILE C 11 -13.35 26.54 26.12
N GLU C 12 -14.37 26.89 26.90
CA GLU C 12 -14.33 26.70 28.34
C GLU C 12 -14.98 25.36 28.68
N VAL C 13 -14.29 24.57 29.49
CA VAL C 13 -14.76 23.25 29.88
C VAL C 13 -15.69 23.43 31.08
N VAL C 14 -16.99 23.27 30.86
CA VAL C 14 -17.96 23.54 31.92
C VAL C 14 -18.01 22.39 32.91
N THR C 15 -18.40 21.22 32.43
CA THR C 15 -18.27 19.97 33.14
C THR C 15 -17.27 19.10 32.40
N GLY C 16 -17.08 17.87 32.87
CA GLY C 16 -16.01 17.05 32.33
C GLY C 16 -16.14 16.83 30.85
N LEU C 17 -15.03 16.51 30.21
CA LEU C 17 -15.00 16.24 28.78
C LEU C 17 -14.20 14.98 28.56
N HIS C 18 -14.75 14.06 27.77
CA HIS C 18 -14.16 12.74 27.61
C HIS C 18 -14.23 12.36 26.13
N ILE C 19 -13.13 12.58 25.42
CA ILE C 19 -13.05 12.12 24.04
C ILE C 19 -12.63 10.65 24.01
N GLY C 20 -11.45 10.36 24.54
CA GLY C 20 -11.04 8.98 24.72
C GLY C 20 -10.90 8.19 23.44
N GLY C 21 -10.53 8.85 22.35
CA GLY C 21 -10.24 8.12 21.12
C GLY C 21 -9.06 7.18 21.26
N GLY C 22 -8.13 7.48 22.15
CA GLY C 22 -6.95 6.66 22.35
C GLY C 22 -7.17 5.40 23.16
N GLY C 23 -8.38 5.20 23.67
CA GLY C 23 -8.71 4.00 24.40
C GLY C 23 -10.04 3.40 24.00
N ASP C 32 -6.79 3.49 32.32
CA ASP C 32 -7.73 2.40 32.04
C ASP C 32 -8.40 2.67 30.70
N SER C 33 -9.12 3.77 30.61
CA SER C 33 -9.83 4.17 29.39
C SER C 33 -9.40 5.59 29.07
N PRO C 34 -8.21 5.76 28.52
CA PRO C 34 -7.59 7.09 28.47
C PRO C 34 -8.30 8.01 27.49
N VAL C 35 -7.90 9.27 27.54
CA VAL C 35 -8.42 10.29 26.64
C VAL C 35 -7.40 10.54 25.54
N VAL C 36 -7.81 11.30 24.53
CA VAL C 36 -6.88 11.70 23.48
C VAL C 36 -5.90 12.71 24.04
N ARG C 37 -4.62 12.50 23.78
CA ARG C 37 -3.56 13.39 24.26
C ARG C 37 -2.54 13.59 23.15
N ASP C 38 -1.96 14.79 23.11
CA ASP C 38 -0.81 14.98 22.24
C ASP C 38 0.39 14.21 22.75
N LEU C 39 1.47 14.23 21.97
CA LEU C 39 2.68 13.53 22.35
C LEU C 39 3.88 14.46 22.47
N GLN C 40 3.76 15.71 22.05
CA GLN C 40 4.87 16.64 22.24
C GLN C 40 4.83 17.28 23.61
N THR C 41 3.65 17.36 24.20
CA THR C 41 3.50 17.89 25.55
C THR C 41 2.83 16.91 26.49
N LYS C 42 2.20 15.86 25.99
CA LYS C 42 1.41 14.95 26.80
C LYS C 42 0.37 15.73 27.59
N LEU C 43 -0.30 16.66 26.92
CA LEU C 43 -1.42 17.38 27.48
C LEU C 43 -2.61 17.26 26.53
N PRO C 44 -3.81 17.06 27.06
CA PRO C 44 -4.93 16.64 26.22
C PRO C 44 -5.32 17.68 25.19
N ILE C 45 -6.03 17.22 24.16
CA ILE C 45 -6.52 18.06 23.08
C ILE C 45 -7.95 17.70 22.74
N ILE C 46 -8.62 18.60 22.05
CA ILE C 46 -9.93 18.32 21.47
C ILE C 46 -9.75 18.22 19.96
N PRO C 47 -9.79 17.03 19.39
CA PRO C 47 -9.56 16.90 17.95
C PRO C 47 -10.57 17.71 17.15
N GLY C 48 -10.09 18.28 16.05
CA GLY C 48 -10.95 19.10 15.22
C GLY C 48 -12.05 18.30 14.55
N SER C 49 -11.78 17.04 14.24
CA SER C 49 -12.80 16.20 13.65
C SER C 49 -14.02 16.11 14.54
N SER C 50 -13.80 16.04 15.86
CA SER C 50 -14.91 15.98 16.78
C SER C 50 -15.78 17.21 16.68
N ILE C 51 -15.16 18.39 16.75
CA ILE C 51 -15.92 19.63 16.67
C ILE C 51 -16.68 19.69 15.35
N LYS C 52 -16.01 19.35 14.26
CA LYS C 52 -16.64 19.52 12.96
C LYS C 52 -17.82 18.58 12.82
N GLY C 53 -17.66 17.34 13.24
CA GLY C 53 -18.75 16.39 13.15
C GLY C 53 -19.93 16.81 13.99
N LYS C 54 -19.66 17.32 15.19
CA LYS C 54 -20.75 17.67 16.07
C LYS C 54 -21.54 18.84 15.51
N MET C 55 -20.84 19.89 15.07
CA MET C 55 -21.55 21.02 14.49
C MET C 55 -22.30 20.60 13.24
N ARG C 56 -21.72 19.74 12.41
CA ARG C 56 -22.42 19.34 11.21
C ARG C 56 -23.70 18.60 11.55
N ASN C 57 -23.64 17.69 12.52
CA ASN C 57 -24.83 16.96 12.90
C ASN C 57 -25.92 17.90 13.40
N LEU C 58 -25.58 18.80 14.31
CA LEU C 58 -26.60 19.70 14.83
C LEU C 58 -27.17 20.60 13.76
N LEU C 59 -26.32 21.26 12.98
CA LEU C 59 -26.82 22.20 12.00
C LEU C 59 -27.63 21.50 10.92
N ALA C 60 -27.29 20.25 10.60
CA ALA C 60 -28.15 19.48 9.71
C ALA C 60 -29.51 19.26 10.36
N LYS C 61 -29.50 18.87 11.63
CA LYS C 61 -30.76 18.57 12.29
C LYS C 61 -31.63 19.81 12.40
N HIS C 62 -31.03 21.00 12.44
CA HIS C 62 -31.82 22.22 12.50
C HIS C 62 -32.62 22.42 11.22
N PHE C 63 -32.02 22.11 10.09
CA PHE C 63 -32.73 22.15 8.82
C PHE C 63 -33.49 20.84 8.64
N GLY C 64 -34.01 20.64 7.43
CA GLY C 64 -34.75 19.42 7.15
C GLY C 64 -33.86 18.20 7.14
N LEU C 65 -34.44 17.06 7.51
CA LEU C 65 -33.71 15.79 7.55
C LEU C 65 -34.71 14.66 7.38
N LYS C 66 -34.72 14.04 6.21
CA LYS C 66 -35.64 12.96 5.90
C LYS C 66 -34.96 11.61 6.03
N MET C 67 -35.78 10.56 6.07
CA MET C 67 -35.27 9.20 6.15
C MET C 67 -34.40 8.88 4.94
N LYS C 68 -34.90 9.18 3.74
CA LYS C 68 -34.08 9.02 2.54
C LYS C 68 -32.87 9.94 2.57
N GLN C 69 -33.03 11.14 3.14
CA GLN C 69 -31.89 12.00 3.37
C GLN C 69 -30.99 11.44 4.46
N GLU C 70 -31.57 10.76 5.45
CA GLU C 70 -30.78 10.09 6.48
C GLU C 70 -30.02 8.89 5.95
N SER C 71 -30.36 8.41 4.75
CA SER C 71 -29.79 7.17 4.23
C SER C 71 -28.28 7.21 4.07
N HIS C 72 -27.75 8.07 3.20
CA HIS C 72 -26.34 8.03 2.83
C HIS C 72 -25.67 9.40 2.98
N ASN C 73 -25.93 10.09 4.09
CA ASN C 73 -25.18 11.29 4.46
C ASN C 73 -25.20 12.37 3.38
N GLN C 74 -26.34 12.48 2.69
CA GLN C 74 -26.58 13.56 1.74
C GLN C 74 -27.51 14.55 2.42
N ASP C 75 -27.02 15.76 2.65
CA ASP C 75 -27.67 16.64 3.60
C ASP C 75 -28.18 17.88 2.86
N ASP C 76 -28.85 18.76 3.61
CA ASP C 76 -29.48 19.93 3.03
C ASP C 76 -28.47 20.80 2.29
N GLU C 77 -28.94 21.43 1.22
CA GLU C 77 -28.03 22.02 0.24
C GLU C 77 -27.16 23.10 0.86
N ARG C 78 -27.71 23.85 1.82
CA ARG C 78 -26.95 24.98 2.34
C ARG C 78 -25.92 24.55 3.37
N VAL C 79 -26.25 23.58 4.23
CA VAL C 79 -25.23 23.00 5.09
C VAL C 79 -24.17 22.31 4.26
N LEU C 80 -24.59 21.63 3.19
CA LEU C 80 -23.65 21.03 2.25
C LEU C 80 -22.69 22.07 1.70
N ARG C 81 -23.23 23.22 1.28
CA ARG C 81 -22.39 24.32 0.84
C ARG C 81 -21.42 24.75 1.92
N LEU C 82 -21.90 24.81 3.16
CA LEU C 82 -21.06 25.32 4.24
C LEU C 82 -19.94 24.37 4.61
N PHE C 83 -20.16 23.06 4.46
CA PHE C 83 -19.18 22.08 4.89
C PHE C 83 -18.69 21.16 3.79
N GLY C 84 -19.24 21.24 2.58
CA GLY C 84 -18.64 20.57 1.44
C GLY C 84 -18.98 19.10 1.35
N SER C 85 -19.46 18.66 0.19
CA SER C 85 -19.66 17.23 -0.05
C SER C 85 -18.87 16.72 -1.24
N SER C 86 -18.96 17.39 -2.38
CA SER C 86 -18.29 17.01 -3.62
C SER C 86 -18.45 15.52 -3.94
N GLU C 87 -19.66 15.00 -3.73
CA GLU C 87 -19.95 13.60 -3.99
C GLU C 87 -20.97 13.37 -5.09
N LYS C 88 -22.08 14.09 -5.07
CA LYS C 88 -23.17 13.83 -6.01
C LYS C 88 -22.92 14.54 -7.33
N GLY C 89 -21.73 14.35 -7.90
CA GLY C 89 -21.38 15.05 -9.11
C GLY C 89 -21.35 16.55 -8.97
N ASN C 90 -21.19 17.05 -7.75
CA ASN C 90 -21.23 18.48 -7.48
C ASN C 90 -19.85 18.98 -7.05
N ILE C 91 -19.54 20.21 -7.45
CA ILE C 91 -18.27 20.84 -7.10
C ILE C 91 -18.45 21.59 -5.78
N GLN C 92 -18.06 20.94 -4.69
CA GLN C 92 -18.19 21.54 -3.37
C GLN C 92 -17.00 21.08 -2.52
N ARG C 93 -15.98 21.91 -2.43
CA ARG C 93 -14.98 21.77 -1.39
C ARG C 93 -15.41 22.59 -0.19
N ALA C 94 -14.98 22.18 0.98
CA ALA C 94 -15.47 22.79 2.21
C ALA C 94 -15.10 24.25 2.24
N ARG C 95 -15.97 25.05 2.85
CA ARG C 95 -15.72 26.46 2.99
C ARG C 95 -15.35 26.88 4.41
N LEU C 96 -15.41 25.97 5.38
CA LEU C 96 -15.10 26.29 6.77
C LEU C 96 -14.14 25.24 7.31
N GLN C 97 -12.95 25.69 7.74
CA GLN C 97 -11.93 24.80 8.27
C GLN C 97 -11.86 24.94 9.78
N ILE C 98 -11.86 23.82 10.47
CA ILE C 98 -11.71 23.75 11.91
C ILE C 98 -10.38 23.09 12.22
N SER C 99 -9.62 23.68 13.13
CA SER C 99 -8.37 23.10 13.57
C SER C 99 -8.59 22.40 14.90
N ASP C 100 -7.51 21.94 15.50
CA ASP C 100 -7.59 21.30 16.79
C ASP C 100 -7.58 22.36 17.88
N ALA C 101 -7.84 21.95 19.11
CA ALA C 101 -7.76 22.82 20.26
C ALA C 101 -6.65 22.31 21.18
N PHE C 102 -5.89 23.22 21.75
CA PHE C 102 -4.70 22.84 22.47
C PHE C 102 -4.75 23.42 23.88
N PHE C 103 -4.29 22.63 24.86
CA PHE C 103 -4.46 22.98 26.26
C PHE C 103 -3.64 24.23 26.54
N SER C 104 -4.34 25.33 26.84
CA SER C 104 -3.76 26.66 26.72
C SER C 104 -2.75 26.95 27.82
N GLU C 105 -1.99 28.03 27.62
CA GLU C 105 -0.94 28.40 28.55
C GLU C 105 -1.50 28.93 29.86
N LYS C 106 -2.54 29.76 29.78
CA LYS C 106 -3.15 30.28 30.98
C LYS C 106 -3.64 29.15 31.87
N THR C 107 -4.24 28.12 31.27
CA THR C 107 -4.68 26.97 32.04
C THR C 107 -3.52 26.29 32.73
N LYS C 108 -2.43 26.08 32.01
CA LYS C 108 -1.28 25.40 32.60
C LYS C 108 -0.75 26.17 33.79
N GLU C 109 -0.57 27.48 33.62
CA GLU C 109 -0.07 28.30 34.72
C GLU C 109 -1.04 28.29 35.88
N HIS C 110 -2.33 28.41 35.60
CA HIS C 110 -3.33 28.47 36.65
C HIS C 110 -3.32 27.20 37.48
N PHE C 111 -3.29 26.05 36.81
CA PHE C 111 -3.32 24.79 37.54
C PHE C 111 -2.00 24.51 38.23
N ALA C 112 -0.90 25.04 37.70
CA ALA C 112 0.37 24.90 38.39
C ALA C 112 0.38 25.70 39.68
N GLN C 113 -0.08 26.95 39.63
CA GLN C 113 -0.03 27.82 40.79
C GLN C 113 -1.24 27.65 41.71
N ASN C 114 -2.17 26.77 41.37
CA ASN C 114 -3.17 26.33 42.32
C ASN C 114 -3.12 24.84 42.64
N ASP C 115 -2.19 24.10 42.05
CA ASP C 115 -1.90 22.70 42.43
C ASP C 115 -3.14 21.81 42.24
N ILE C 116 -3.64 21.81 41.00
CA ILE C 116 -4.79 21.00 40.63
C ILE C 116 -4.41 20.19 39.40
N ALA C 117 -4.83 18.92 39.37
CA ALA C 117 -4.47 18.04 38.27
C ALA C 117 -5.27 18.38 37.01
N TYR C 118 -4.82 17.85 35.88
CA TYR C 118 -5.49 18.07 34.60
C TYR C 118 -6.59 17.07 34.32
N THR C 119 -6.59 15.91 34.97
CA THR C 119 -7.50 14.84 34.60
C THR C 119 -8.10 14.24 35.86
N GLU C 120 -9.41 14.02 35.84
CA GLU C 120 -10.10 13.35 36.92
C GLU C 120 -10.35 11.90 36.52
N THR C 121 -10.20 10.98 37.47
CA THR C 121 -10.44 9.57 37.24
C THR C 121 -11.71 9.22 37.99
N LYS C 122 -12.77 8.95 37.24
CA LYS C 122 -14.12 8.88 37.79
C LYS C 122 -14.63 7.46 37.73
N PHE C 123 -15.03 6.93 38.89
CA PHE C 123 -15.44 5.54 38.98
C PHE C 123 -16.94 5.41 38.85
N GLU C 124 -17.37 4.48 38.01
CA GLU C 124 -18.77 4.28 37.67
C GLU C 124 -19.14 2.82 37.88
N ASN C 125 -20.40 2.57 38.19
CA ASN C 125 -20.88 1.21 38.39
C ASN C 125 -22.13 0.97 37.58
N THR C 126 -22.43 -0.31 37.38
CA THR C 126 -23.71 -0.75 36.85
C THR C 126 -24.36 -1.69 37.85
N ILE C 127 -25.65 -1.51 38.07
CA ILE C 127 -26.42 -2.36 38.99
C ILE C 127 -27.33 -3.26 38.16
N ASN C 128 -27.09 -4.56 38.22
CA ASN C 128 -27.80 -5.50 37.38
C ASN C 128 -29.22 -5.71 37.89
N ARG C 129 -30.14 -5.89 36.94
CA ARG C 129 -31.54 -6.02 37.27
C ARG C 129 -31.85 -7.39 37.88
N LEU C 130 -32.65 -7.38 38.94
CA LEU C 130 -32.99 -8.58 39.70
C LEU C 130 -31.71 -9.25 40.18
N THR C 131 -30.63 -8.52 40.20
CA THR C 131 -29.34 -9.06 40.60
C THR C 131 -28.67 -8.21 41.67
N ALA C 132 -28.80 -6.89 41.59
CA ALA C 132 -28.27 -5.96 42.59
C ALA C 132 -26.78 -6.16 42.84
N VAL C 133 -26.06 -6.61 41.82
CA VAL C 133 -24.61 -6.76 41.90
C VAL C 133 -23.98 -5.72 41.00
N ALA C 134 -22.93 -5.08 41.50
CA ALA C 134 -22.31 -3.99 40.77
C ALA C 134 -21.10 -4.48 39.97
N ASN C 135 -20.98 -3.98 38.76
CA ASN C 135 -19.75 -4.14 37.98
C ASN C 135 -19.12 -2.76 37.76
N PRO C 136 -17.97 -2.49 38.36
CA PRO C 136 -17.43 -1.13 38.34
C PRO C 136 -16.75 -0.78 37.02
N ARG C 137 -16.67 0.53 36.79
CA ARG C 137 -15.99 1.09 35.65
C ARG C 137 -15.19 2.31 36.11
N GLN C 138 -14.13 2.61 35.38
CA GLN C 138 -13.30 3.77 35.67
C GLN C 138 -13.17 4.60 34.40
N ILE C 139 -13.65 5.83 34.45
CA ILE C 139 -13.66 6.70 33.28
C ILE C 139 -12.86 7.96 33.62
N GLU C 140 -11.95 8.33 32.74
CA GLU C 140 -11.04 9.44 32.96
C GLU C 140 -11.45 10.58 32.05
N ARG C 141 -11.60 11.77 32.62
CA ARG C 141 -12.17 12.91 31.93
C ARG C 141 -11.34 14.16 32.17
N VAL C 142 -11.39 15.08 31.21
CA VAL C 142 -10.65 16.33 31.34
C VAL C 142 -11.30 17.17 32.43
N THR C 143 -10.47 17.69 33.33
CA THR C 143 -10.97 18.42 34.48
C THR C 143 -11.73 19.66 34.04
N ARG C 144 -12.64 20.11 34.91
CA ARG C 144 -13.49 21.25 34.58
C ARG C 144 -12.68 22.53 34.50
N GLY C 145 -13.35 23.56 34.02
CA GLY C 145 -12.84 24.91 34.05
C GLY C 145 -11.58 25.14 33.23
N SER C 146 -11.03 24.09 32.64
CA SER C 146 -9.91 24.30 31.74
C SER C 146 -10.39 24.95 30.46
N GLU C 147 -9.49 25.65 29.80
CA GLU C 147 -9.81 26.33 28.54
C GLU C 147 -8.87 25.84 27.44
N PHE C 148 -9.46 25.57 26.28
CA PHE C 148 -8.72 25.29 25.07
C PHE C 148 -8.98 26.41 24.08
N ASP C 149 -8.01 26.67 23.22
CA ASP C 149 -8.12 27.71 22.21
C ASP C 149 -8.29 27.09 20.83
N PHE C 150 -9.10 27.74 19.99
CA PHE C 150 -9.31 27.22 18.65
C PHE C 150 -9.03 28.31 17.64
N VAL C 151 -8.86 27.89 16.40
CA VAL C 151 -8.82 28.81 15.26
C VAL C 151 -9.60 28.18 14.12
N PHE C 152 -10.44 28.97 13.48
CA PHE C 152 -11.19 28.54 12.30
C PHE C 152 -10.74 29.40 11.12
N ILE C 153 -10.96 28.88 9.93
CA ILE C 153 -10.66 29.61 8.71
C ILE C 153 -11.89 29.58 7.82
N TYR C 154 -12.31 30.75 7.35
CA TYR C 154 -13.40 30.85 6.38
C TYR C 154 -12.84 31.27 5.03
N ASN C 155 -13.29 30.61 3.98
CA ASN C 155 -12.93 30.98 2.62
C ASN C 155 -14.16 31.59 1.93
N VAL C 156 -13.93 32.67 1.20
CA VAL C 156 -15.01 33.36 0.51
C VAL C 156 -14.96 32.95 -0.95
N ASP C 157 -15.60 31.84 -1.28
CA ASP C 157 -15.66 31.40 -2.66
C ASP C 157 -16.53 32.33 -3.48
N GLU C 158 -17.48 33.01 -2.84
CA GLU C 158 -18.33 33.98 -3.50
C GLU C 158 -18.66 35.05 -2.47
N GLU C 159 -18.89 36.27 -2.94
CA GLU C 159 -19.03 37.39 -2.03
C GLU C 159 -20.40 37.41 -1.34
N SER C 160 -21.44 36.92 -2.00
CA SER C 160 -22.81 37.21 -1.60
C SER C 160 -23.45 36.07 -0.81
N GLN C 161 -22.64 35.32 -0.06
CA GLN C 161 -23.17 34.34 0.89
C GLN C 161 -22.41 34.40 2.22
N VAL C 162 -21.59 35.43 2.42
CA VAL C 162 -20.76 35.46 3.62
C VAL C 162 -21.59 35.80 4.85
N GLU C 163 -22.48 36.80 4.74
CA GLU C 163 -23.33 37.16 5.87
C GLU C 163 -24.24 36.01 6.26
N ASP C 164 -24.84 35.36 5.26
CA ASP C 164 -25.74 34.24 5.54
C ASP C 164 -24.99 33.09 6.16
N ASP C 165 -23.79 32.80 5.66
CA ASP C 165 -23.03 31.69 6.21
C ASP C 165 -22.62 31.97 7.65
N PHE C 166 -22.25 33.20 7.98
CA PHE C 166 -21.94 33.45 9.37
C PHE C 166 -23.18 33.52 10.24
N GLU C 167 -24.34 33.85 9.69
CA GLU C 167 -25.56 33.66 10.46
C GLU C 167 -25.76 32.19 10.82
N ASN C 168 -25.55 31.32 9.85
CA ASN C 168 -25.63 29.89 10.14
C ASN C 168 -24.60 29.50 11.19
N ILE C 169 -23.38 30.02 11.09
CA ILE C 169 -22.37 29.58 12.04
C ILE C 169 -22.71 30.08 13.44
N GLU C 170 -23.28 31.28 13.58
CA GLU C 170 -23.58 31.73 14.94
C GLU C 170 -24.73 30.92 15.52
N LYS C 171 -25.70 30.54 14.69
CA LYS C 171 -26.73 29.62 15.15
C LYS C 171 -26.09 28.32 15.64
N ALA C 172 -25.15 27.78 14.86
CA ALA C 172 -24.51 26.53 15.26
C ALA C 172 -23.74 26.68 16.56
N ILE C 173 -23.03 27.78 16.73
CA ILE C 173 -22.28 27.98 17.97
C ILE C 173 -23.23 28.07 19.15
N HIS C 174 -24.39 28.70 18.98
CA HIS C 174 -25.36 28.72 20.07
C HIS C 174 -25.81 27.31 20.41
N LEU C 175 -26.14 26.51 19.39
CA LEU C 175 -26.54 25.13 19.63
C LEU C 175 -25.46 24.37 20.38
N LEU C 176 -24.20 24.59 20.02
CA LEU C 176 -23.14 23.91 20.74
C LEU C 176 -23.06 24.39 22.19
N GLU C 177 -23.24 25.69 22.40
CA GLU C 177 -23.22 26.23 23.75
C GLU C 177 -24.31 25.61 24.61
N ASN C 178 -25.36 25.06 23.99
CA ASN C 178 -26.31 24.33 24.81
C ASN C 178 -26.40 22.86 24.41
N ASP C 179 -25.25 22.23 24.18
CA ASP C 179 -25.19 20.81 23.88
C ASP C 179 -23.90 20.27 24.48
N TYR C 180 -23.63 18.99 24.27
CA TYR C 180 -22.41 18.37 24.77
C TYR C 180 -21.51 17.98 23.62
N LEU C 181 -20.21 18.17 23.81
CA LEU C 181 -19.19 17.67 22.90
C LEU C 181 -18.37 16.65 23.66
N GLY C 182 -18.23 15.46 23.10
CA GLY C 182 -17.44 14.42 23.70
C GLY C 182 -18.25 13.17 23.94
N GLY C 183 -17.87 12.42 24.96
CA GLY C 183 -18.41 11.08 25.20
C GLY C 183 -19.23 11.03 26.47
N GLY C 184 -20.31 10.28 26.41
CA GLY C 184 -21.18 10.14 27.57
C GLY C 184 -21.82 11.44 28.00
N GLY C 185 -22.08 12.33 27.04
CA GLY C 185 -22.63 13.62 27.38
C GLY C 185 -24.00 13.58 28.01
N THR C 186 -24.70 12.45 27.93
CA THR C 186 -26.00 12.35 28.57
C THR C 186 -25.88 12.19 30.07
N ARG C 187 -24.74 11.71 30.56
CA ARG C 187 -24.59 11.38 31.96
C ARG C 187 -23.86 12.45 32.74
N GLY C 188 -23.70 13.62 32.16
CA GLY C 188 -23.22 14.77 32.87
C GLY C 188 -21.82 15.24 32.56
N ASN C 189 -21.29 14.97 31.38
CA ASN C 189 -20.00 15.54 31.02
C ASN C 189 -19.95 15.86 29.53
N GLY C 190 -19.49 17.08 29.22
CA GLY C 190 -19.34 17.51 27.85
C GLY C 190 -19.94 18.87 27.51
N ARG C 191 -20.63 19.54 28.43
CA ARG C 191 -21.05 20.91 28.17
C ARG C 191 -19.85 21.84 28.04
N ILE C 192 -19.93 22.76 27.08
CA ILE C 192 -18.86 23.72 26.80
C ILE C 192 -19.47 25.09 26.55
N GLN C 193 -18.62 26.10 26.61
CA GLN C 193 -19.01 27.47 26.30
C GLN C 193 -17.94 28.10 25.43
N PHE C 194 -18.28 29.23 24.80
CA PHE C 194 -17.42 29.91 23.87
C PHE C 194 -17.14 31.31 24.38
N LYS C 195 -15.87 31.70 24.42
CA LYS C 195 -15.49 33.05 24.82
C LYS C 195 -14.44 33.60 23.87
N ASP C 196 -14.37 34.92 23.82
CA ASP C 196 -13.29 35.65 23.16
C ASP C 196 -13.24 35.33 21.66
N THR C 197 -14.36 35.56 20.99
CA THR C 197 -14.40 35.41 19.55
C THR C 197 -13.74 36.61 18.90
N ASN C 198 -12.85 36.36 17.95
CA ASN C 198 -12.14 37.41 17.24
C ASN C 198 -12.25 37.11 15.75
N ILE C 199 -12.49 38.14 14.96
CA ILE C 199 -12.75 37.98 13.55
C ILE C 199 -11.81 38.90 12.79
N GLU C 200 -10.90 38.31 12.01
CA GLU C 200 -9.99 39.07 11.17
C GLU C 200 -9.99 38.47 9.77
N THR C 201 -9.70 39.31 8.79
CA THR C 201 -9.50 38.86 7.42
C THR C 201 -7.99 38.79 7.21
N VAL C 202 -7.43 37.59 7.36
CA VAL C 202 -5.98 37.44 7.43
C VAL C 202 -5.34 37.70 6.07
N VAL C 203 -5.96 37.23 5.00
CA VAL C 203 -5.45 37.44 3.64
C VAL C 203 -6.61 37.91 2.78
N GLY C 204 -6.48 39.08 2.18
CA GLY C 204 -7.48 39.55 1.27
C GLY C 204 -7.78 41.01 1.51
N GLU C 205 -8.92 41.47 0.99
CA GLU C 205 -9.35 42.84 1.07
C GLU C 205 -10.81 42.92 1.47
N TYR C 206 -11.19 42.18 2.50
CA TYR C 206 -12.57 42.17 2.97
C TYR C 206 -12.59 42.71 4.40
N ASP C 207 -13.70 43.34 4.77
CA ASP C 207 -13.83 43.99 6.06
C ASP C 207 -14.46 43.06 7.08
N SER C 208 -13.92 43.08 8.30
CA SER C 208 -14.39 42.22 9.38
C SER C 208 -14.89 43.04 10.55
N THR C 209 -15.69 44.06 10.28
CA THR C 209 -16.21 44.92 11.33
C THR C 209 -17.68 44.71 11.64
N ASN C 210 -18.52 44.48 10.62
CA ASN C 210 -19.94 44.28 10.83
C ASN C 210 -20.29 42.84 11.18
N LEU C 211 -19.32 41.94 11.12
CA LEU C 211 -19.59 40.51 11.23
C LEU C 211 -19.34 40.06 12.67
N LYS C 212 -20.27 39.27 13.21
CA LYS C 212 -20.23 38.94 14.63
C LYS C 212 -20.72 37.52 14.85
N ILE C 213 -20.21 36.90 15.92
CA ILE C 213 -20.63 35.57 16.36
C ILE C 213 -20.80 35.61 17.86
N LYS C 214 -21.93 35.15 18.35
CA LYS C 214 -22.16 35.07 19.79
C LYS C 214 -21.74 33.72 20.36
N TYR D 2 -36.83 21.90 14.97
CA TYR D 2 -35.93 21.46 16.04
C TYR D 2 -35.80 22.53 17.11
N SER D 3 -35.84 22.11 18.37
CA SER D 3 -35.75 23.06 19.48
C SER D 3 -35.27 22.33 20.72
N LYS D 4 -34.82 23.12 21.69
CA LYS D 4 -34.40 22.61 23.00
C LYS D 4 -35.04 23.46 24.08
N ILE D 5 -35.60 22.81 25.10
CA ILE D 5 -36.14 23.49 26.25
C ILE D 5 -35.33 23.11 27.48
N LYS D 6 -34.63 24.08 28.04
CA LYS D 6 -33.86 23.90 29.24
C LYS D 6 -34.80 23.78 30.43
N ILE D 7 -34.39 22.99 31.41
CA ILE D 7 -35.03 22.96 32.71
C ILE D 7 -33.96 23.30 33.74
N SER D 8 -34.19 24.36 34.50
CA SER D 8 -33.21 24.80 35.47
C SER D 8 -33.87 24.88 36.84
N GLY D 9 -33.10 24.53 37.87
CA GLY D 9 -33.64 24.53 39.21
C GLY D 9 -32.56 24.22 40.21
N THR D 10 -32.97 24.04 41.46
CA THR D 10 -32.03 23.86 42.56
C THR D 10 -32.53 22.74 43.46
N ILE D 11 -31.65 21.80 43.80
CA ILE D 11 -31.97 20.68 44.67
C ILE D 11 -31.42 20.96 46.05
N GLU D 12 -32.24 20.73 47.07
CA GLU D 12 -31.82 20.90 48.46
C GLU D 12 -31.71 19.55 49.13
N VAL D 13 -30.61 19.33 49.84
CA VAL D 13 -30.42 18.10 50.60
C VAL D 13 -31.03 18.30 51.97
N VAL D 14 -31.78 17.30 52.43
CA VAL D 14 -32.52 17.40 53.68
C VAL D 14 -31.87 16.58 54.78
N THR D 15 -31.55 15.32 54.49
CA THR D 15 -30.83 14.45 55.40
C THR D 15 -29.38 14.36 54.95
N GLY D 16 -28.65 13.41 55.53
CA GLY D 16 -27.25 13.25 55.17
C GLY D 16 -27.10 12.83 53.72
N LEU D 17 -25.94 13.13 53.15
CA LEU D 17 -25.68 12.77 51.77
C LEU D 17 -24.28 12.19 51.63
N HIS D 18 -24.20 11.04 50.98
CA HIS D 18 -22.95 10.37 50.67
C HIS D 18 -23.03 9.85 49.26
N ILE D 19 -22.12 10.29 48.40
CA ILE D 19 -21.98 9.75 47.07
C ILE D 19 -20.74 8.88 46.95
N GLY D 20 -19.63 9.32 47.53
CA GLY D 20 -18.51 8.44 47.79
C GLY D 20 -17.98 7.70 46.58
N GLY D 21 -18.06 8.32 45.41
CA GLY D 21 -17.50 7.71 44.23
C GLY D 21 -16.01 7.48 44.34
N GLY D 22 -15.30 8.43 44.92
CA GLY D 22 -13.86 8.32 45.03
C GLY D 22 -13.38 7.20 45.94
N GLY D 23 -14.28 6.61 46.73
CA GLY D 23 -13.91 5.53 47.61
C GLY D 23 -13.58 4.24 46.89
N ASP D 32 -11.40 7.93 55.73
CA ASP D 32 -11.13 6.68 55.03
C ASP D 32 -12.11 6.43 53.89
N SER D 33 -13.23 7.14 53.92
CA SER D 33 -14.30 6.98 52.92
C SER D 33 -14.70 8.37 52.44
N PRO D 34 -14.12 8.83 51.34
CA PRO D 34 -14.36 10.19 50.86
C PRO D 34 -15.62 10.28 50.02
N VAL D 35 -15.87 11.48 49.49
CA VAL D 35 -17.07 11.81 48.75
C VAL D 35 -16.65 12.40 47.41
N VAL D 36 -17.54 12.30 46.41
CA VAL D 36 -17.24 12.90 45.11
C VAL D 36 -17.01 14.40 45.29
N ARG D 37 -16.04 14.92 44.55
CA ARG D 37 -15.66 16.32 44.66
C ARG D 37 -15.06 16.77 43.34
N ASP D 38 -15.26 18.05 43.02
CA ASP D 38 -14.50 18.67 41.95
C ASP D 38 -13.09 18.96 42.44
N LEU D 39 -12.11 18.62 41.62
CA LEU D 39 -10.74 18.98 41.95
C LEU D 39 -10.45 20.45 41.73
N GLN D 40 -11.26 21.12 40.92
CA GLN D 40 -11.06 22.52 40.60
C GLN D 40 -11.61 23.44 41.68
N THR D 41 -12.52 22.94 42.51
CA THR D 41 -13.05 23.70 43.63
C THR D 41 -12.78 23.04 44.98
N LYS D 42 -12.34 21.78 45.00
CA LYS D 42 -12.21 21.01 46.23
C LYS D 42 -13.53 20.99 47.00
N LEU D 43 -14.63 20.86 46.26
CA LEU D 43 -15.96 20.88 46.84
C LEU D 43 -16.77 19.71 46.32
N PRO D 44 -17.69 19.18 47.13
CA PRO D 44 -18.49 18.04 46.70
C PRO D 44 -19.39 18.37 45.53
N ILE D 45 -19.88 17.33 44.89
CA ILE D 45 -20.79 17.46 43.75
C ILE D 45 -21.84 16.36 43.82
N ILE D 46 -22.77 16.43 42.88
CA ILE D 46 -23.68 15.33 42.59
C ILE D 46 -23.52 14.96 41.12
N PRO D 47 -22.73 13.94 40.84
CA PRO D 47 -22.50 13.58 39.43
C PRO D 47 -23.81 13.23 38.75
N GLY D 48 -23.91 13.62 37.48
CA GLY D 48 -25.13 13.38 36.74
C GLY D 48 -25.42 11.90 36.56
N SER D 49 -24.39 11.07 36.56
CA SER D 49 -24.61 9.64 36.40
C SER D 49 -25.48 9.08 37.52
N SER D 50 -25.22 9.49 38.75
CA SER D 50 -25.99 8.99 39.88
C SER D 50 -27.46 9.38 39.75
N ILE D 51 -27.73 10.64 39.39
CA ILE D 51 -29.10 11.09 39.22
C ILE D 51 -29.77 10.30 38.11
N LYS D 52 -29.04 10.08 37.02
CA LYS D 52 -29.57 9.33 35.90
C LYS D 52 -29.93 7.91 36.32
N GLY D 53 -29.07 7.30 37.13
CA GLY D 53 -29.34 5.93 37.57
C GLY D 53 -30.56 5.83 38.46
N LYS D 54 -30.66 6.73 39.45
CA LYS D 54 -31.86 6.73 40.28
C LYS D 54 -33.09 6.92 39.43
N MET D 55 -33.02 7.84 38.48
CA MET D 55 -34.14 8.03 37.58
C MET D 55 -34.52 6.76 36.84
N ARG D 56 -33.55 6.12 36.19
CA ARG D 56 -33.91 4.99 35.35
C ARG D 56 -34.49 3.88 36.20
N ASN D 57 -33.87 3.59 37.34
CA ASN D 57 -34.37 2.51 38.18
C ASN D 57 -35.76 2.82 38.70
N LEU D 58 -35.94 4.01 39.27
CA LEU D 58 -37.22 4.35 39.89
C LEU D 58 -38.33 4.43 38.86
N LEU D 59 -38.04 4.97 37.68
CA LEU D 59 -39.10 5.08 36.67
C LEU D 59 -39.43 3.74 36.07
N ALA D 60 -38.44 2.87 35.88
CA ALA D 60 -38.78 1.56 35.37
C ALA D 60 -39.62 0.80 36.38
N LYS D 61 -39.28 0.92 37.67
CA LYS D 61 -40.09 0.27 38.69
C LYS D 61 -41.50 0.84 38.71
N HIS D 62 -41.63 2.16 38.54
CA HIS D 62 -42.95 2.77 38.52
C HIS D 62 -43.75 2.34 37.30
N PHE D 63 -43.08 1.87 36.26
CA PHE D 63 -43.76 1.26 35.14
C PHE D 63 -43.63 -0.26 35.21
N GLY D 64 -44.06 -0.94 34.16
CA GLY D 64 -43.95 -2.39 34.10
C GLY D 64 -42.51 -2.87 34.11
N LEU D 65 -42.17 -3.74 35.05
CA LEU D 65 -40.82 -4.28 35.19
C LEU D 65 -40.93 -5.80 35.29
N LYS D 66 -40.91 -6.47 34.15
CA LYS D 66 -41.06 -7.92 34.10
C LYS D 66 -39.75 -8.61 34.47
N MET D 67 -39.88 -9.81 35.05
CA MET D 67 -38.71 -10.62 35.36
C MET D 67 -37.94 -10.98 34.10
N LYS D 68 -38.66 -11.35 33.04
CA LYS D 68 -38.01 -11.57 31.75
C LYS D 68 -37.40 -10.29 31.21
N GLN D 69 -38.13 -9.18 31.31
CA GLN D 69 -37.58 -7.89 30.88
C GLN D 69 -36.38 -7.50 31.73
N GLU D 70 -36.41 -7.81 33.03
CA GLU D 70 -35.25 -7.58 33.88
C GLU D 70 -34.06 -8.41 33.41
N SER D 71 -34.30 -9.67 33.06
CA SER D 71 -33.21 -10.54 32.61
C SER D 71 -32.61 -10.04 31.31
N HIS D 72 -33.45 -9.59 30.38
CA HIS D 72 -32.98 -9.18 29.06
C HIS D 72 -32.65 -7.70 28.97
N ASN D 73 -32.77 -6.94 30.05
CA ASN D 73 -32.43 -5.52 30.11
C ASN D 73 -33.21 -4.67 29.12
N GLN D 74 -34.29 -5.20 28.56
CA GLN D 74 -35.16 -4.41 27.70
C GLN D 74 -36.11 -3.62 28.58
N ASP D 75 -36.16 -2.31 28.37
CA ASP D 75 -36.91 -1.43 29.25
C ASP D 75 -38.19 -0.97 28.56
N ASP D 76 -39.08 -0.38 29.34
CA ASP D 76 -40.37 0.04 28.82
C ASP D 76 -40.18 1.12 27.77
N GLU D 77 -41.10 1.15 26.79
CA GLU D 77 -40.92 2.01 25.63
C GLU D 77 -40.93 3.49 26.02
N ARG D 78 -41.82 3.89 26.94
CA ARG D 78 -41.82 5.28 27.40
C ARG D 78 -40.50 5.64 28.06
N VAL D 79 -40.06 4.83 29.03
CA VAL D 79 -38.85 5.13 29.77
C VAL D 79 -37.67 5.16 28.81
N LEU D 80 -37.64 4.20 27.89
CA LEU D 80 -36.53 4.08 26.96
C LEU D 80 -36.46 5.28 26.02
N ARG D 81 -37.60 5.73 25.48
CA ARG D 81 -37.53 6.91 24.63
C ARG D 81 -37.14 8.15 25.43
N LEU D 82 -37.58 8.22 26.69
CA LEU D 82 -37.29 9.39 27.50
C LEU D 82 -35.85 9.38 28.00
N PHE D 83 -35.16 8.25 27.94
CA PHE D 83 -33.78 8.22 28.40
C PHE D 83 -32.81 7.50 27.48
N GLY D 84 -33.29 6.81 26.45
CA GLY D 84 -32.41 6.25 25.44
C GLY D 84 -31.74 4.96 25.87
N SER D 85 -31.85 3.90 25.06
CA SER D 85 -31.09 2.69 25.30
C SER D 85 -30.16 2.33 24.15
N SER D 86 -30.70 2.20 22.93
CA SER D 86 -29.95 1.70 21.77
C SER D 86 -29.09 0.50 22.17
N GLU D 87 -29.75 -0.52 22.67
CA GLU D 87 -29.10 -1.76 23.07
C GLU D 87 -29.70 -2.99 22.40
N LYS D 88 -30.88 -2.88 21.80
CA LYS D 88 -31.57 -4.01 21.20
C LYS D 88 -31.43 -4.03 19.68
N GLY D 89 -30.57 -3.18 19.12
CA GLY D 89 -30.44 -3.08 17.69
C GLY D 89 -31.34 -2.04 17.05
N ASN D 90 -32.13 -1.31 17.83
CA ASN D 90 -32.93 -0.20 17.35
C ASN D 90 -32.27 1.12 17.71
N ILE D 91 -32.42 2.10 16.83
CA ILE D 91 -31.84 3.42 17.05
C ILE D 91 -32.62 4.14 18.15
N GLN D 92 -31.92 4.50 19.24
CA GLN D 92 -32.54 5.22 20.36
C GLN D 92 -31.49 6.13 20.97
N ARG D 93 -31.50 7.40 20.56
CA ARG D 93 -30.64 8.43 21.12
C ARG D 93 -31.34 9.11 22.28
N ALA D 94 -30.56 9.49 23.28
CA ALA D 94 -31.15 10.09 24.47
C ALA D 94 -31.87 11.39 24.12
N ARG D 95 -33.12 11.51 24.55
CA ARG D 95 -33.85 12.76 24.35
C ARG D 95 -33.71 13.72 25.53
N LEU D 96 -33.27 13.24 26.67
CA LEU D 96 -33.03 14.09 27.83
C LEU D 96 -31.61 13.88 28.30
N GLN D 97 -30.88 14.96 28.50
CA GLN D 97 -29.53 14.90 29.03
C GLN D 97 -29.49 15.62 30.37
N ILE D 98 -28.88 14.97 31.35
CA ILE D 98 -28.72 15.53 32.68
C ILE D 98 -27.24 15.78 32.90
N SER D 99 -26.93 16.92 33.48
CA SER D 99 -25.56 17.36 33.65
C SER D 99 -25.12 17.13 35.09
N ASP D 100 -23.92 17.59 35.40
CA ASP D 100 -23.46 17.58 36.79
C ASP D 100 -24.24 18.64 37.56
N ALA D 101 -23.87 18.87 38.80
CA ALA D 101 -24.43 19.97 39.55
C ALA D 101 -23.45 20.40 40.63
N PHE D 102 -23.56 21.67 41.03
CA PHE D 102 -22.56 22.30 41.86
C PHE D 102 -23.25 23.11 42.94
N PHE D 103 -22.45 23.57 43.91
CA PHE D 103 -22.95 24.52 44.89
C PHE D 103 -23.34 25.84 44.25
N SER D 104 -24.38 26.45 44.79
CA SER D 104 -24.76 27.81 44.42
C SER D 104 -23.99 28.80 45.28
N GLU D 105 -24.03 30.06 44.85
CA GLU D 105 -23.21 31.08 45.49
C GLU D 105 -23.67 31.34 46.92
N LYS D 106 -24.98 31.47 47.13
CA LYS D 106 -25.44 31.92 48.44
C LYS D 106 -25.19 30.85 49.50
N THR D 107 -25.22 29.59 49.09
CA THR D 107 -24.80 28.52 50.01
C THR D 107 -23.34 28.68 50.40
N LYS D 108 -22.47 28.98 49.45
CA LYS D 108 -21.07 29.19 49.74
C LYS D 108 -20.91 30.30 50.77
N GLU D 109 -21.57 31.43 50.53
CA GLU D 109 -21.48 32.55 51.45
C GLU D 109 -22.01 32.16 52.82
N HIS D 110 -23.18 31.52 52.86
CA HIS D 110 -23.86 31.27 54.12
C HIS D 110 -23.07 30.31 54.99
N PHE D 111 -22.40 29.34 54.38
CA PHE D 111 -21.52 28.50 55.17
C PHE D 111 -20.23 29.21 55.54
N ALA D 112 -19.74 30.10 54.68
CA ALA D 112 -18.50 30.80 55.01
C ALA D 112 -18.68 31.68 56.24
N GLN D 113 -19.81 32.38 56.34
CA GLN D 113 -19.98 33.36 57.40
C GLN D 113 -20.15 32.71 58.76
N ASN D 114 -20.88 31.61 58.82
CA ASN D 114 -21.42 31.11 60.08
C ASN D 114 -20.51 30.10 60.77
N ASP D 115 -19.33 29.83 60.22
CA ASP D 115 -18.39 28.84 60.76
C ASP D 115 -19.00 27.43 60.70
N ILE D 116 -19.50 27.07 59.52
CA ILE D 116 -20.11 25.77 59.27
C ILE D 116 -19.30 25.06 58.21
N ALA D 117 -19.01 23.79 58.44
CA ALA D 117 -18.26 22.99 57.48
C ALA D 117 -19.21 22.35 56.47
N TYR D 118 -18.62 21.72 55.45
CA TYR D 118 -19.38 21.04 54.41
C TYR D 118 -19.51 19.54 54.67
N THR D 119 -18.86 19.02 55.70
CA THR D 119 -18.81 17.58 55.94
C THR D 119 -19.11 17.27 57.39
N GLU D 120 -19.82 16.16 57.59
CA GLU D 120 -20.08 15.63 58.93
C GLU D 120 -19.63 14.17 58.95
N THR D 121 -18.68 13.86 59.81
CA THR D 121 -18.17 12.50 59.94
C THR D 121 -18.98 11.76 60.99
N LYS D 122 -19.52 10.61 60.63
CA LYS D 122 -20.41 9.83 61.49
C LYS D 122 -19.71 8.58 61.97
N PHE D 123 -19.60 8.42 63.28
CA PHE D 123 -19.30 7.10 63.82
C PHE D 123 -20.54 6.24 63.74
N GLU D 124 -20.38 5.05 63.19
CA GLU D 124 -21.43 4.03 63.25
C GLU D 124 -20.93 2.91 64.15
N ASN D 125 -21.49 2.83 65.35
CA ASN D 125 -21.05 1.86 66.35
C ASN D 125 -21.63 0.49 65.97
N THR D 126 -20.78 -0.54 66.01
CA THR D 126 -21.22 -1.90 65.72
C THR D 126 -21.29 -2.70 67.02
N ILE D 127 -22.44 -3.31 67.27
CA ILE D 127 -22.64 -4.23 68.38
C ILE D 127 -22.93 -5.60 67.78
N ASN D 128 -22.12 -6.58 68.13
CA ASN D 128 -22.15 -7.88 67.48
C ASN D 128 -22.95 -8.87 68.31
N ARG D 129 -23.72 -9.71 67.64
CA ARG D 129 -24.59 -10.62 68.34
C ARG D 129 -23.78 -11.62 69.15
N LEU D 130 -24.23 -11.86 70.38
CA LEU D 130 -23.65 -12.87 71.26
C LEU D 130 -22.27 -12.44 71.77
N THR D 131 -21.71 -11.37 71.20
CA THR D 131 -20.40 -10.91 71.63
C THR D 131 -20.40 -9.43 71.97
N ALA D 132 -21.14 -8.64 71.20
CA ALA D 132 -21.22 -7.18 71.36
C ALA D 132 -19.83 -6.56 71.45
N VAL D 133 -19.09 -6.70 70.36
CA VAL D 133 -17.73 -6.17 70.24
C VAL D 133 -17.79 -4.87 69.45
N ALA D 134 -17.41 -3.77 70.10
CA ALA D 134 -17.57 -2.43 69.53
C ALA D 134 -16.37 -2.08 68.67
N ASN D 135 -16.55 -2.09 67.36
CA ASN D 135 -15.54 -1.60 66.43
C ASN D 135 -16.10 -0.37 65.71
N PRO D 136 -15.62 0.82 66.00
CA PRO D 136 -16.18 2.01 65.35
C PRO D 136 -15.87 2.04 63.87
N ARG D 137 -16.78 2.64 63.11
CA ARG D 137 -16.58 2.87 61.70
C ARG D 137 -16.88 4.33 61.39
N GLN D 138 -16.32 4.81 60.28
CA GLN D 138 -16.49 6.18 59.86
C GLN D 138 -17.20 6.23 58.51
N ILE D 139 -17.97 7.29 58.30
CA ILE D 139 -18.55 7.60 56.99
C ILE D 139 -18.70 9.12 56.91
N GLU D 140 -18.47 9.67 55.72
CA GLU D 140 -18.54 11.10 55.51
C GLU D 140 -19.86 11.50 54.86
N ARG D 141 -20.32 12.70 55.18
CA ARG D 141 -21.62 13.17 54.73
C ARG D 141 -21.52 14.62 54.28
N VAL D 142 -22.43 15.02 53.42
CA VAL D 142 -22.54 16.40 52.95
C VAL D 142 -23.55 17.12 53.81
N THR D 143 -23.16 18.29 54.31
CA THR D 143 -23.97 18.97 55.31
C THR D 143 -25.37 19.25 54.78
N ARG D 144 -26.36 18.96 55.61
CA ARG D 144 -27.74 19.27 55.26
C ARG D 144 -27.94 20.77 55.24
N GLY D 145 -28.90 21.20 54.43
CA GLY D 145 -29.14 22.61 54.24
C GLY D 145 -28.38 23.24 53.10
N SER D 146 -27.52 22.49 52.42
CA SER D 146 -26.85 22.99 51.23
C SER D 146 -27.67 22.63 49.99
N GLU D 147 -27.65 23.51 49.01
CA GLU D 147 -28.41 23.31 47.79
C GLU D 147 -27.52 23.30 46.56
N PHE D 148 -27.86 22.43 45.62
CA PHE D 148 -27.10 22.24 44.40
C PHE D 148 -27.92 22.76 43.23
N ASP D 149 -27.23 23.20 42.19
CA ASP D 149 -27.86 23.79 41.02
C ASP D 149 -27.64 22.87 39.83
N PHE D 150 -28.74 22.46 39.20
CA PHE D 150 -28.70 21.55 38.07
C PHE D 150 -29.25 22.23 36.83
N VAL D 151 -28.95 21.64 35.69
CA VAL D 151 -29.60 21.98 34.43
C VAL D 151 -29.94 20.68 33.72
N PHE D 152 -31.17 20.55 33.26
CA PHE D 152 -31.56 19.46 32.37
C PHE D 152 -31.88 20.03 31.01
N ILE D 153 -31.40 19.36 29.98
CA ILE D 153 -31.49 19.82 28.61
C ILE D 153 -32.35 18.81 27.87
N TYR D 154 -33.47 19.26 27.34
CA TYR D 154 -34.39 18.39 26.64
C TYR D 154 -34.24 18.60 25.14
N ASN D 155 -34.17 17.51 24.39
CA ASN D 155 -34.10 17.56 22.94
C ASN D 155 -35.47 17.22 22.38
N VAL D 156 -35.98 18.07 21.50
CA VAL D 156 -37.31 17.94 20.95
C VAL D 156 -37.19 17.33 19.56
N ASP D 157 -37.81 16.18 19.37
CA ASP D 157 -37.77 15.51 18.07
C ASP D 157 -39.15 15.38 17.43
N GLU D 158 -40.23 15.55 18.18
CA GLU D 158 -41.58 15.32 17.69
C GLU D 158 -42.53 16.25 18.43
N GLU D 159 -43.24 17.08 17.67
CA GLU D 159 -43.84 18.29 18.22
C GLU D 159 -45.03 18.03 19.14
N SER D 160 -45.57 16.81 19.17
CA SER D 160 -46.76 16.54 19.96
C SER D 160 -46.45 15.88 21.30
N GLN D 161 -45.58 14.88 21.31
CA GLN D 161 -45.30 14.14 22.53
C GLN D 161 -44.35 14.86 23.49
N VAL D 162 -44.12 16.15 23.26
CA VAL D 162 -43.35 16.93 24.21
C VAL D 162 -44.06 16.97 25.57
N GLU D 163 -45.38 17.19 25.54
CA GLU D 163 -46.13 17.33 26.78
C GLU D 163 -46.08 16.06 27.61
N ASP D 164 -46.24 14.91 26.96
CA ASP D 164 -46.20 13.64 27.68
C ASP D 164 -44.84 13.44 28.34
N ASP D 165 -43.76 13.78 27.63
CA ASP D 165 -42.43 13.61 28.19
C ASP D 165 -42.23 14.55 29.37
N PHE D 166 -42.75 15.77 29.29
CA PHE D 166 -42.66 16.67 30.43
C PHE D 166 -43.43 16.13 31.63
N GLU D 167 -44.61 15.55 31.39
CA GLU D 167 -45.37 14.99 32.48
C GLU D 167 -44.64 13.82 33.14
N ASN D 168 -44.04 12.96 32.32
CA ASN D 168 -43.24 11.88 32.90
C ASN D 168 -42.08 12.43 33.70
N ILE D 169 -41.46 13.52 33.25
CA ILE D 169 -40.41 14.10 34.07
C ILE D 169 -40.99 14.64 35.39
N GLU D 170 -42.23 15.12 35.36
CA GLU D 170 -42.83 15.57 36.61
C GLU D 170 -42.99 14.42 37.59
N LYS D 171 -43.53 13.29 37.15
CA LYS D 171 -43.56 12.13 38.06
C LYS D 171 -42.16 11.66 38.40
N ALA D 172 -41.21 11.88 37.51
CA ALA D 172 -39.82 11.60 37.80
C ALA D 172 -39.37 12.28 39.07
N ILE D 173 -39.49 13.61 39.07
CA ILE D 173 -39.06 14.38 40.23
C ILE D 173 -39.90 14.02 41.43
N HIS D 174 -41.19 13.76 41.23
CA HIS D 174 -42.06 13.40 42.35
C HIS D 174 -41.55 12.16 43.07
N LEU D 175 -41.31 11.08 42.33
CA LEU D 175 -40.74 9.89 42.95
C LEU D 175 -39.39 10.18 43.58
N LEU D 176 -38.51 10.86 42.85
CA LEU D 176 -37.15 11.02 43.33
C LEU D 176 -37.12 11.79 44.64
N GLU D 177 -38.06 12.73 44.80
CA GLU D 177 -38.13 13.46 46.05
C GLU D 177 -38.45 12.53 47.22
N ASN D 178 -39.31 11.55 47.00
CA ASN D 178 -39.75 10.66 48.07
C ASN D 178 -38.86 9.43 48.21
N ASP D 179 -37.75 9.39 47.49
CA ASP D 179 -36.81 8.29 47.61
C ASP D 179 -35.42 8.81 47.92
N TYR D 180 -34.42 7.96 47.77
CA TYR D 180 -33.08 8.24 48.24
C TYR D 180 -32.09 8.21 47.10
N LEU D 181 -31.14 9.14 47.13
CA LEU D 181 -30.11 9.23 46.11
C LEU D 181 -28.75 9.08 46.75
N GLY D 182 -27.86 8.37 46.07
CA GLY D 182 -26.51 8.15 46.57
C GLY D 182 -26.39 6.82 47.28
N GLY D 183 -25.52 6.76 48.29
CA GLY D 183 -25.38 5.58 49.11
C GLY D 183 -26.07 5.76 50.44
N GLY D 184 -26.19 4.64 51.14
CA GLY D 184 -26.93 4.67 52.39
C GLY D 184 -28.37 5.11 52.24
N GLY D 185 -28.96 4.84 51.07
CA GLY D 185 -30.37 5.16 50.90
C GLY D 185 -31.25 4.41 51.86
N THR D 186 -30.84 3.18 52.19
CA THR D 186 -31.62 2.34 53.08
C THR D 186 -31.55 2.80 54.53
N ARG D 187 -30.45 3.39 54.95
CA ARG D 187 -30.19 3.66 56.36
C ARG D 187 -30.50 5.08 56.77
N GLY D 188 -30.94 5.92 55.83
CA GLY D 188 -31.34 7.28 56.15
C GLY D 188 -30.47 8.36 55.55
N ASN D 189 -29.97 8.16 54.33
CA ASN D 189 -29.06 9.11 53.71
C ASN D 189 -29.46 9.33 52.26
N GLY D 190 -29.85 10.56 51.92
CA GLY D 190 -30.07 10.87 50.52
C GLY D 190 -31.32 11.66 50.18
N ARG D 191 -32.15 11.95 51.17
CA ARG D 191 -33.45 12.55 50.90
C ARG D 191 -33.27 14.02 50.52
N ILE D 192 -33.54 14.35 49.26
CA ILE D 192 -33.32 15.69 48.75
C ILE D 192 -34.61 16.20 48.10
N GLN D 193 -34.76 17.52 48.08
CA GLN D 193 -35.93 18.14 47.49
C GLN D 193 -35.51 19.18 46.47
N PHE D 194 -36.49 19.60 45.66
CA PHE D 194 -36.30 20.43 44.49
C PHE D 194 -37.06 21.74 44.68
N LYS D 195 -36.44 22.85 44.25
CA LYS D 195 -37.13 24.13 44.31
C LYS D 195 -36.73 25.00 43.13
N ASP D 196 -37.56 26.02 42.89
CA ASP D 196 -37.27 27.08 41.93
C ASP D 196 -37.04 26.52 40.53
N THR D 197 -37.84 25.55 40.14
CA THR D 197 -37.77 25.03 38.77
C THR D 197 -38.15 26.12 37.79
N ASN D 198 -37.36 26.24 36.73
CA ASN D 198 -37.60 27.26 35.71
C ASN D 198 -37.45 26.64 34.34
N ILE D 199 -38.41 26.94 33.48
CA ILE D 199 -38.49 26.36 32.15
C ILE D 199 -38.34 27.48 31.14
N GLU D 200 -37.44 27.31 30.17
CA GLU D 200 -37.18 28.38 29.23
C GLU D 200 -36.62 27.78 27.94
N THR D 201 -37.43 27.77 26.89
CA THR D 201 -36.92 27.39 25.59
C THR D 201 -35.82 28.36 25.17
N VAL D 202 -34.70 27.83 24.70
CA VAL D 202 -33.55 28.65 24.37
C VAL D 202 -33.28 28.70 22.88
N VAL D 203 -33.48 27.61 22.15
CA VAL D 203 -33.29 27.58 20.72
C VAL D 203 -34.57 27.04 20.09
N GLY D 204 -34.99 27.67 19.01
CA GLY D 204 -36.20 27.28 18.32
C GLY D 204 -37.32 28.28 18.56
N GLU D 205 -38.47 27.97 17.99
CA GLU D 205 -39.62 28.86 18.09
C GLU D 205 -40.76 28.10 18.76
N TYR D 206 -40.46 27.39 19.83
CA TYR D 206 -41.43 26.58 20.55
C TYR D 206 -42.03 27.36 21.71
N ASP D 207 -43.32 27.14 21.94
CA ASP D 207 -44.04 27.77 23.04
C ASP D 207 -44.09 26.78 24.20
N SER D 208 -43.33 27.07 25.25
CA SER D 208 -43.26 26.19 26.41
C SER D 208 -43.44 26.98 27.71
N LYS E 4 -44.89 1.12 51.57
CA LYS E 4 -45.06 2.45 50.99
C LYS E 4 -44.25 3.50 51.72
N ASN E 5 -44.90 4.62 52.00
CA ASN E 5 -44.26 5.76 52.63
C ASN E 5 -45.14 6.27 53.76
N TYR E 6 -44.56 6.41 54.95
CA TYR E 6 -45.32 6.77 56.14
C TYR E 6 -44.47 7.67 57.03
N GLU E 7 -45.16 8.44 57.86
CA GLU E 7 -44.53 9.29 58.87
C GLU E 7 -44.66 8.60 60.21
N VAL E 8 -43.56 8.54 60.96
CA VAL E 8 -43.53 7.83 62.23
C VAL E 8 -43.34 8.84 63.34
N VAL E 9 -44.19 8.77 64.36
CA VAL E 9 -44.15 9.67 65.51
C VAL E 9 -43.57 8.90 66.69
N ILE E 10 -42.65 9.54 67.41
CA ILE E 10 -41.96 8.91 68.53
C ILE E 10 -42.26 9.72 69.78
N LYS E 11 -42.79 9.03 70.80
CA LYS E 11 -43.08 9.71 72.10
C LYS E 11 -42.07 9.21 73.12
N THR E 12 -41.05 10.01 73.44
CA THR E 12 -39.99 9.63 74.36
C THR E 12 -40.57 9.48 75.77
N LEU E 13 -40.82 8.24 76.19
CA LEU E 13 -41.28 8.01 77.55
C LEU E 13 -40.17 8.30 78.56
N GLY E 14 -38.94 7.93 78.23
CA GLY E 14 -37.85 8.12 79.15
C GLY E 14 -36.69 8.84 78.50
N PRO E 15 -35.64 9.10 79.27
CA PRO E 15 -34.44 9.72 78.71
C PRO E 15 -33.81 8.83 77.64
N ILE E 16 -33.54 9.44 76.50
CA ILE E 16 -32.97 8.75 75.35
C ILE E 16 -31.64 9.39 75.02
N HIS E 17 -30.62 8.58 74.82
CA HIS E 17 -29.29 9.04 74.46
C HIS E 17 -28.80 8.29 73.24
N ILE E 18 -28.14 9.00 72.33
CA ILE E 18 -27.39 8.38 71.24
C ILE E 18 -25.97 8.94 71.31
N GLY E 19 -25.05 8.14 71.84
CA GLY E 19 -23.68 8.57 72.02
C GLY E 19 -22.97 8.98 70.76
N SER E 20 -22.28 10.13 70.81
CA SER E 20 -21.54 10.64 69.68
C SER E 20 -20.07 10.30 69.71
N GLY E 21 -19.58 9.69 70.78
CA GLY E 21 -18.16 9.46 70.91
C GLY E 21 -17.37 10.65 71.42
N GLN E 22 -18.03 11.76 71.70
CA GLN E 22 -17.37 12.92 72.28
C GLN E 22 -17.60 12.94 73.78
N VAL E 23 -16.52 12.88 74.54
CA VAL E 23 -16.59 12.89 75.99
C VAL E 23 -15.99 14.21 76.47
N MET E 24 -16.85 15.12 76.94
CA MET E 24 -16.37 16.43 77.45
C MET E 24 -15.43 16.20 78.64
N LYS E 25 -14.30 16.92 78.68
CA LYS E 25 -13.34 16.79 79.81
C LYS E 25 -13.68 17.83 80.87
N LYS E 26 -12.67 18.27 81.64
CA LYS E 26 -12.88 19.34 82.67
C LYS E 26 -12.77 20.71 81.99
N GLN E 27 -13.63 20.99 81.00
CA GLN E 27 -13.53 22.27 80.23
C GLN E 27 -14.86 22.54 79.50
N ASP E 28 -15.19 23.81 79.27
CA ASP E 28 -16.41 24.21 78.50
C ASP E 28 -17.69 23.95 79.31
N TYR E 29 -17.64 24.06 80.64
CA TYR E 29 -18.85 23.92 81.43
C TYR E 29 -18.69 24.78 82.68
N ILE E 30 -19.81 25.06 83.31
CA ILE E 30 -19.85 25.51 84.69
C ILE E 30 -20.83 24.61 85.43
N TYR E 31 -20.34 23.93 86.47
CA TYR E 31 -21.17 23.05 87.26
C TYR E 31 -21.62 23.78 88.52
N ASP E 32 -22.87 24.20 88.54
CA ASP E 32 -23.46 24.90 89.68
C ASP E 32 -23.98 23.84 90.65
N PHE E 33 -23.20 23.57 91.70
CA PHE E 33 -23.70 22.71 92.77
C PHE E 33 -25.00 23.25 93.34
N TYR E 34 -25.16 24.57 93.36
CA TYR E 34 -26.18 25.22 94.16
C TYR E 34 -27.43 25.59 93.41
N ASN E 35 -27.47 25.41 92.08
CA ASN E 35 -28.72 25.57 91.34
C ASN E 35 -28.91 24.44 90.33
N SER E 36 -27.89 23.60 90.13
CA SER E 36 -28.01 22.32 89.41
C SER E 36 -28.32 22.52 87.92
N LYS E 37 -27.59 23.45 87.31
CA LYS E 37 -27.51 23.57 85.86
C LYS E 37 -26.05 23.70 85.45
N VAL E 38 -25.70 23.05 84.36
CA VAL E 38 -24.35 23.06 83.81
C VAL E 38 -24.40 23.88 82.53
N TYR E 39 -23.43 24.76 82.34
CA TYR E 39 -23.49 25.76 81.29
C TYR E 39 -22.40 25.49 80.26
N MET E 40 -22.78 24.91 79.13
CA MET E 40 -21.86 24.78 78.01
C MET E 40 -21.51 26.17 77.48
N ILE E 41 -20.28 26.34 77.03
CA ILE E 41 -19.75 27.63 76.64
C ILE E 41 -19.35 27.60 75.17
N ASN E 42 -19.79 28.62 74.43
CA ASN E 42 -19.32 28.87 73.06
C ASN E 42 -17.82 29.13 73.10
N GLY E 43 -17.05 28.30 72.40
CA GLY E 43 -15.62 28.51 72.35
C GLY E 43 -15.24 29.85 71.73
N ASN E 44 -15.86 30.18 70.59
CA ASN E 44 -15.49 31.39 69.87
C ASN E 44 -15.76 32.63 70.73
N LYS E 45 -16.99 32.75 71.22
CA LYS E 45 -17.37 33.94 71.96
C LYS E 45 -16.56 34.08 73.23
N LEU E 46 -16.32 32.95 73.92
CA LEU E 46 -15.57 33.00 75.18
C LEU E 46 -14.14 33.49 74.94
N VAL E 47 -13.48 32.98 73.91
CA VAL E 47 -12.09 33.35 73.70
C VAL E 47 -12.00 34.78 73.19
N LYS E 48 -12.97 35.23 72.39
CA LYS E 48 -12.89 36.63 71.98
C LYS E 48 -13.22 37.56 73.13
N PHE E 49 -14.03 37.10 74.09
CA PHE E 49 -14.11 37.80 75.36
C PHE E 49 -12.75 37.84 76.07
N LEU E 50 -12.07 36.71 76.14
CA LEU E 50 -10.76 36.67 76.79
C LEU E 50 -9.82 37.68 76.18
N LYS E 51 -9.91 37.86 74.86
CA LYS E 51 -9.06 38.84 74.20
C LYS E 51 -9.56 40.27 74.39
N ARG E 52 -10.87 40.49 74.51
CA ARG E 52 -11.25 41.86 74.88
C ARG E 52 -10.87 42.17 76.32
N LYS E 53 -10.54 41.14 77.10
CA LYS E 53 -9.98 41.34 78.44
C LYS E 53 -8.54 40.89 78.53
N ASN E 54 -7.90 40.56 77.41
CA ASN E 54 -6.44 40.40 77.33
C ASN E 54 -5.92 39.42 78.37
N LEU E 55 -6.74 38.45 78.76
CA LEU E 55 -6.34 37.45 79.77
C LEU E 55 -6.13 36.09 79.14
N LEU E 56 -6.02 36.02 77.80
CA LEU E 56 -5.92 34.73 77.15
C LEU E 56 -4.68 33.97 77.61
N TYR E 57 -3.57 34.66 77.82
CA TYR E 57 -2.39 33.94 78.32
C TYR E 57 -2.66 33.36 79.71
N THR E 58 -3.36 34.10 80.55
CA THR E 58 -3.77 33.57 81.84
C THR E 58 -4.66 32.34 81.69
N TYR E 59 -5.66 32.41 80.82
CA TYR E 59 -6.56 31.28 80.61
C TYR E 59 -5.81 30.07 80.09
N GLN E 60 -4.89 30.30 79.15
CA GLN E 60 -4.12 29.22 78.57
C GLN E 60 -3.25 28.54 79.63
N ASN E 61 -2.54 29.32 80.43
CA ASN E 61 -1.70 28.70 81.46
C ASN E 61 -2.56 28.00 82.51
N PHE E 62 -3.73 28.56 82.83
CA PHE E 62 -4.63 27.89 83.76
C PHE E 62 -5.02 26.51 83.24
N LEU E 63 -5.31 26.43 81.95
CA LEU E 63 -5.58 25.14 81.35
C LEU E 63 -4.35 24.25 81.41
N ARG E 64 -3.18 24.83 81.22
CA ARG E 64 -2.05 24.01 80.81
C ARG E 64 -1.51 23.12 81.91
N TYR E 65 -1.53 23.57 83.16
CA TYR E 65 -0.90 22.83 84.25
C TYR E 65 -1.84 22.98 85.43
N PRO E 66 -2.91 22.18 85.48
CA PRO E 66 -3.99 22.48 86.41
C PRO E 66 -3.51 22.43 87.85
N PRO E 67 -4.13 23.20 88.73
CA PRO E 67 -3.62 23.30 90.11
C PRO E 67 -3.63 21.98 90.86
N LYS E 68 -4.29 20.96 90.33
CA LYS E 68 -4.33 19.62 90.89
C LYS E 68 -5.21 19.67 92.15
N ASN E 69 -5.54 20.87 92.58
CA ASN E 69 -6.50 21.03 93.65
C ASN E 69 -7.88 20.83 93.07
N PRO E 70 -8.62 19.79 93.48
CA PRO E 70 -9.88 19.48 92.80
C PRO E 70 -10.88 20.63 92.84
N ARG E 71 -10.93 21.37 93.94
CA ARG E 71 -11.79 22.54 93.98
C ARG E 71 -11.33 23.62 93.02
N GLU E 72 -10.05 23.60 92.62
CA GLU E 72 -9.48 24.60 91.74
C GLU E 72 -9.23 24.05 90.33
N ASN E 73 -10.00 23.05 89.93
CA ASN E 73 -9.80 22.40 88.63
C ASN E 73 -11.11 22.37 87.85
N GLY E 74 -11.74 23.52 87.67
CA GLY E 74 -12.89 23.62 86.78
C GLY E 74 -12.78 24.79 85.81
N LEU E 75 -13.90 25.24 85.26
CA LEU E 75 -13.95 26.46 84.46
C LEU E 75 -14.65 27.61 85.16
N LYS E 76 -15.63 27.31 86.02
CA LYS E 76 -16.27 28.37 86.79
C LYS E 76 -15.26 29.08 87.69
N ASP E 77 -14.40 28.32 88.36
CA ASP E 77 -13.39 28.94 89.20
C ASP E 77 -12.41 29.77 88.37
N TYR E 78 -12.05 29.27 87.19
CA TYR E 78 -11.18 30.05 86.31
C TYR E 78 -11.81 31.38 85.97
N LEU E 79 -13.10 31.37 85.64
CA LEU E 79 -13.77 32.61 85.29
C LEU E 79 -13.92 33.52 86.50
N ASP E 80 -14.15 32.94 87.67
CA ASP E 80 -14.33 33.76 88.87
C ASP E 80 -13.04 34.46 89.26
N ALA E 81 -11.91 33.74 89.16
CA ALA E 81 -10.64 34.32 89.58
C ALA E 81 -10.34 35.60 88.82
N GLN E 82 -10.84 35.73 87.60
CA GLN E 82 -10.72 36.97 86.84
C GLN E 82 -11.88 37.92 87.13
N ASN E 83 -12.75 37.55 88.06
CA ASN E 83 -13.84 38.42 88.51
C ASN E 83 -14.78 38.78 87.37
N VAL E 84 -14.96 37.84 86.44
CA VAL E 84 -15.79 38.10 85.27
C VAL E 84 -17.25 38.14 85.69
N LYS E 85 -17.96 39.17 85.25
CA LYS E 85 -19.30 39.45 85.74
C LYS E 85 -20.29 38.38 85.30
N GLN E 86 -21.21 38.04 86.22
CA GLN E 86 -22.13 36.95 86.00
C GLN E 86 -23.02 37.20 84.78
N SER E 87 -23.39 38.45 84.55
CA SER E 87 -24.16 38.78 83.35
C SER E 87 -23.33 38.54 82.10
N GLU E 88 -22.06 38.95 82.13
CA GLU E 88 -21.14 38.55 81.08
C GLU E 88 -20.92 37.04 81.14
N TRP E 89 -20.74 36.49 82.34
CA TRP E 89 -20.81 35.05 82.50
C TRP E 89 -22.13 34.47 81.98
N GLU E 90 -23.19 35.28 81.97
CA GLU E 90 -24.36 34.91 81.18
C GLU E 90 -24.24 35.30 79.71
N ALA E 91 -23.39 36.28 79.40
CA ALA E 91 -23.21 36.65 78.00
C ALA E 91 -22.48 35.57 77.19
N PHE E 92 -21.67 34.74 77.85
CA PHE E 92 -20.80 33.82 77.13
C PHE E 92 -21.25 32.36 77.22
N VAL E 93 -22.52 32.13 77.54
CA VAL E 93 -23.06 30.77 77.60
C VAL E 93 -23.70 30.44 76.25
N SER E 94 -23.19 29.40 75.59
CA SER E 94 -23.80 28.95 74.35
C SER E 94 -25.12 28.24 74.61
N TYR E 95 -25.14 27.34 75.60
CA TYR E 95 -26.32 26.54 75.89
C TYR E 95 -26.08 25.76 77.18
N SER E 96 -27.18 25.35 77.81
CA SER E 96 -27.13 24.83 79.17
C SER E 96 -28.19 23.77 79.38
N GLU E 97 -27.97 22.94 80.40
CA GLU E 97 -28.90 21.89 80.78
C GLU E 97 -28.88 21.73 82.29
N LYS E 98 -29.96 21.18 82.84
CA LYS E 98 -30.12 21.03 84.28
C LYS E 98 -29.28 19.90 84.86
N LEU E 113 -19.89 16.73 87.81
CA LEU E 113 -19.68 16.36 86.43
C LEU E 113 -18.21 16.39 86.04
N ASN E 114 -17.53 15.26 86.22
CA ASN E 114 -16.17 15.15 85.70
C ASN E 114 -16.18 15.03 84.18
N ASP E 115 -17.07 14.21 83.64
CA ASP E 115 -17.25 14.03 82.21
C ASP E 115 -18.72 14.17 81.85
N LEU E 116 -18.97 14.48 80.58
CA LEU E 116 -20.34 14.60 80.06
C LEU E 116 -20.35 14.12 78.63
N HIS E 117 -21.35 13.31 78.28
CA HIS E 117 -21.40 12.66 76.97
C HIS E 117 -22.44 13.35 76.11
N LEU E 118 -22.00 13.89 74.98
CA LEU E 118 -22.90 14.56 74.04
C LEU E 118 -23.46 13.61 73.01
N MET E 119 -24.68 13.91 72.57
CA MET E 119 -25.31 13.21 71.47
C MET E 119 -24.66 13.59 70.15
N VAL E 120 -25.05 12.89 69.09
CA VAL E 120 -24.72 13.35 67.75
C VAL E 120 -25.37 14.71 67.52
N ARG E 121 -24.70 15.54 66.74
CA ARG E 121 -25.26 16.82 66.33
C ARG E 121 -25.00 17.05 64.85
N ASP E 122 -25.81 17.91 64.25
CA ASP E 122 -25.81 18.12 62.81
C ASP E 122 -24.99 19.34 62.43
N GLY E 123 -25.03 19.70 61.15
CA GLY E 123 -24.20 20.78 60.64
C GLY E 123 -24.44 22.10 61.33
N GLN E 124 -25.61 22.28 61.95
CA GLN E 124 -25.88 23.44 62.77
C GLN E 124 -25.96 23.08 64.26
N ASN E 125 -25.34 21.97 64.67
CA ASN E 125 -25.17 21.61 66.07
C ASN E 125 -26.50 21.45 66.81
N LYS E 126 -27.58 21.10 66.11
CA LYS E 126 -28.73 20.54 66.78
C LYS E 126 -28.68 19.03 66.76
N VAL E 127 -29.21 18.43 67.82
CA VAL E 127 -29.31 16.97 67.91
C VAL E 127 -30.39 16.47 66.98
N TYR E 128 -30.11 15.37 66.29
CA TYR E 128 -31.09 14.66 65.49
C TYR E 128 -30.96 13.18 65.78
N LEU E 129 -32.00 12.42 65.47
CA LEU E 129 -31.96 10.98 65.69
C LEU E 129 -31.44 10.29 64.44
N PRO E 130 -30.37 9.51 64.52
CA PRO E 130 -29.81 8.88 63.33
C PRO E 130 -30.69 7.78 62.78
N GLY E 131 -30.45 7.46 61.51
CA GLY E 131 -31.07 6.29 60.91
C GLY E 131 -30.48 4.98 61.39
N SER E 132 -29.26 5.01 61.93
CA SER E 132 -28.64 3.79 62.43
C SER E 132 -29.34 3.28 63.68
N SER E 133 -29.65 4.20 64.59
CA SER E 133 -30.27 3.82 65.85
C SER E 133 -31.67 3.25 65.62
N ILE E 134 -32.46 3.93 64.79
CA ILE E 134 -33.87 3.57 64.69
C ILE E 134 -34.03 2.19 64.06
N LYS E 135 -33.35 1.94 62.94
CA LYS E 135 -33.37 0.56 62.46
C LYS E 135 -32.58 -0.36 63.38
N GLY E 136 -31.68 0.17 64.21
CA GLY E 136 -31.04 -0.70 65.20
C GLY E 136 -32.06 -1.37 66.10
N ALA E 137 -32.91 -0.56 66.72
CA ALA E 137 -33.97 -1.12 67.55
C ALA E 137 -34.99 -1.91 66.73
N ILE E 138 -35.36 -1.41 65.54
CA ILE E 138 -36.37 -2.09 64.74
C ILE E 138 -35.87 -3.45 64.25
N LYS E 139 -34.61 -3.52 63.80
CA LYS E 139 -34.02 -4.79 63.40
C LYS E 139 -33.96 -5.75 64.57
N THR E 140 -33.53 -5.27 65.73
CA THR E 140 -33.52 -6.15 66.89
C THR E 140 -34.91 -6.73 67.14
N THR E 141 -35.94 -5.88 67.04
CA THR E 141 -37.30 -6.37 67.24
C THR E 141 -37.68 -7.42 66.20
N LEU E 142 -37.39 -7.15 64.92
CA LEU E 142 -37.74 -8.08 63.83
C LEU E 142 -37.00 -9.41 64.02
N VAL E 143 -35.69 -9.34 64.29
CA VAL E 143 -34.86 -10.58 64.41
C VAL E 143 -35.46 -11.48 65.50
N SER E 144 -35.78 -10.92 66.67
CA SER E 144 -36.31 -11.73 67.80
C SER E 144 -37.67 -12.35 67.43
N LYS E 145 -38.57 -11.55 66.85
CA LYS E 145 -39.95 -12.04 66.53
C LYS E 145 -39.89 -13.11 65.42
N TYR E 146 -39.14 -12.86 64.34
CA TYR E 146 -39.13 -13.80 63.19
C TYR E 146 -38.00 -14.83 63.34
N ASN E 147 -37.33 -14.86 64.50
CA ASN E 147 -36.21 -15.81 64.74
C ASN E 147 -35.19 -15.69 63.59
N ASN E 148 -34.80 -14.46 63.26
CA ASN E 148 -33.81 -14.21 62.15
C ASN E 148 -34.26 -14.94 60.88
N GLU E 149 -35.48 -14.65 60.41
CA GLU E 149 -35.97 -15.26 59.14
C GLU E 149 -35.42 -14.45 57.96
N LYS E 150 -34.13 -14.60 57.65
CA LYS E 150 -33.49 -13.80 56.56
C LYS E 150 -33.77 -12.32 56.79
N ASN E 151 -33.75 -11.86 58.05
CA ASN E 151 -34.07 -10.44 58.37
C ASN E 151 -32.96 -9.52 57.84
N LYS E 152 -31.74 -10.07 57.66
CA LYS E 152 -30.62 -9.26 57.10
C LYS E 152 -30.97 -8.84 55.67
N ASP E 153 -31.64 -9.72 54.91
CA ASP E 153 -32.07 -9.38 53.53
C ASP E 153 -33.15 -8.29 53.57
N ILE E 154 -34.11 -8.40 54.50
CA ILE E 154 -35.24 -7.43 54.59
C ILE E 154 -34.71 -6.10 55.14
N TYR E 155 -33.51 -6.08 55.71
CA TYR E 155 -32.90 -4.82 56.19
C TYR E 155 -32.87 -3.83 55.02
N SER E 156 -32.48 -4.29 53.83
CA SER E 156 -32.41 -3.44 52.62
C SER E 156 -33.81 -3.00 52.17
N LYS E 157 -34.84 -3.80 52.50
CA LYS E 157 -36.21 -3.51 52.01
C LYS E 157 -37.03 -2.73 53.05
N ILE E 158 -36.40 -2.24 54.12
CA ILE E 158 -37.12 -1.38 55.12
C ILE E 158 -36.27 -0.14 55.31
N LYS E 159 -36.78 1.04 54.93
CA LYS E 159 -35.93 2.22 55.00
C LYS E 159 -36.49 3.28 55.92
N VAL E 160 -35.62 3.84 56.75
CA VAL E 160 -35.95 4.81 57.77
C VAL E 160 -35.17 6.09 57.47
N SER E 161 -35.89 7.21 57.37
CA SER E 161 -35.24 8.50 57.22
C SER E 161 -34.74 8.98 58.58
N ASP E 162 -33.68 9.80 58.54
CA ASP E 162 -33.20 10.43 59.77
C ASP E 162 -34.27 11.33 60.34
N SER E 163 -34.03 11.80 61.55
CA SER E 163 -35.00 12.65 62.21
C SER E 163 -34.90 14.08 61.73
N LYS E 164 -35.96 14.84 61.97
CA LYS E 164 -35.89 16.29 61.95
C LYS E 164 -35.15 16.77 63.18
N PRO E 165 -34.67 18.02 63.18
CA PRO E 165 -33.83 18.47 64.29
C PRO E 165 -34.56 18.45 65.62
N ILE E 166 -33.77 18.47 66.69
CA ILE E 166 -34.29 18.51 68.05
C ILE E 166 -33.78 19.79 68.69
N ASP E 167 -34.68 20.74 68.91
CA ASP E 167 -34.30 21.99 69.55
C ASP E 167 -33.86 21.77 70.99
N GLU E 168 -33.02 22.68 71.48
CA GLU E 168 -32.31 22.43 72.75
C GLU E 168 -33.25 22.21 73.92
N SER E 169 -34.33 23.00 74.00
CA SER E 169 -35.07 23.06 75.25
C SER E 169 -35.54 21.69 75.74
N ASN E 170 -35.37 20.66 74.93
CA ASN E 170 -35.67 19.29 75.29
C ASN E 170 -34.42 18.51 75.65
N LEU E 171 -33.31 19.19 75.93
CA LEU E 171 -32.05 18.53 76.27
C LEU E 171 -31.73 18.76 77.74
N ALA E 172 -31.39 17.67 78.44
CA ALA E 172 -31.00 17.75 79.84
C ALA E 172 -30.05 16.60 80.16
N ILE E 173 -29.26 16.78 81.21
CA ILE E 173 -28.22 15.86 81.62
C ILE E 173 -28.78 14.87 82.64
N TYR E 174 -28.34 13.62 82.57
CA TYR E 174 -28.75 12.61 83.54
C TYR E 174 -27.58 11.74 83.94
N GLN E 175 -27.62 11.26 85.19
CA GLN E 175 -26.63 10.32 85.68
C GLN E 175 -27.05 8.89 85.34
N LYS E 176 -26.05 8.05 85.10
CA LYS E 176 -26.30 6.62 84.90
C LYS E 176 -26.51 5.95 86.25
N ILE E 177 -27.63 5.26 86.38
CA ILE E 177 -28.03 4.61 87.64
C ILE E 177 -28.01 3.11 87.41
N ASP E 178 -27.24 2.41 88.23
CA ASP E 178 -27.21 0.94 88.19
C ASP E 178 -28.30 0.45 89.14
N ILE E 179 -29.45 0.10 88.57
CA ILE E 179 -30.63 -0.26 89.36
C ILE E 179 -30.57 -1.76 89.62
N ASN E 180 -30.10 -2.12 90.81
CA ASN E 180 -30.16 -3.49 91.31
C ASN E 180 -30.88 -3.45 92.65
N LYS E 181 -30.87 -4.55 93.40
CA LYS E 181 -31.61 -4.57 94.65
C LYS E 181 -31.13 -3.49 95.62
N SER E 182 -29.90 -3.04 95.47
CA SER E 182 -29.41 -1.83 96.11
C SER E 182 -28.87 -0.92 95.02
N GLU E 183 -29.36 0.31 94.98
CA GLU E 183 -29.02 1.22 93.88
C GLU E 183 -27.61 1.76 94.03
N LYS E 184 -26.95 1.96 92.89
CA LYS E 184 -25.60 2.47 92.81
C LYS E 184 -25.50 3.46 91.67
N SER E 185 -24.70 4.51 91.82
CA SER E 185 -24.49 5.47 90.73
C SER E 185 -23.27 5.15 89.90
N MET E 186 -23.36 5.48 88.60
CA MET E 186 -22.15 5.36 87.74
C MET E 186 -21.48 6.73 87.83
N PRO E 187 -20.14 6.84 87.91
CA PRO E 187 -19.49 8.12 88.19
C PRO E 187 -19.74 9.22 87.16
N LEU E 188 -20.09 8.88 85.93
CA LEU E 188 -20.30 9.89 84.90
C LEU E 188 -21.79 10.00 84.56
N TYR E 189 -22.08 10.94 83.67
CA TYR E 189 -23.43 11.33 83.28
C TYR E 189 -23.60 11.06 81.80
N ARG E 190 -24.84 11.13 81.34
CA ARG E 190 -25.10 11.21 79.90
C ARG E 190 -26.21 12.21 79.65
N GLU E 191 -26.00 13.09 78.67
CA GLU E 191 -27.08 13.96 78.25
C GLU E 191 -28.17 13.15 77.58
N CYS E 192 -29.41 13.57 77.77
CA CYS E 192 -30.54 12.82 77.24
C CYS E 192 -31.60 13.77 76.74
N ILE E 193 -32.52 13.22 75.96
CA ILE E 193 -33.73 13.94 75.58
C ILE E 193 -34.68 13.92 76.77
N ASP E 194 -35.33 15.05 77.02
CA ASP E 194 -36.25 15.14 78.15
C ASP E 194 -37.48 14.26 77.89
N VAL E 195 -38.25 14.03 78.96
CA VAL E 195 -39.42 13.17 78.86
C VAL E 195 -40.47 13.80 77.95
N ASN E 196 -41.17 12.95 77.22
CA ASN E 196 -42.38 13.25 76.43
C ASN E 196 -42.12 14.05 75.16
N THR E 197 -40.86 14.18 74.74
CA THR E 197 -40.58 14.88 73.49
C THR E 197 -41.16 14.12 72.31
N GLU E 198 -41.71 14.84 71.34
CA GLU E 198 -42.28 14.24 70.14
C GLU E 198 -41.30 14.39 69.00
N ILE E 199 -40.89 13.27 68.41
CA ILE E 199 -39.92 13.27 67.33
C ILE E 199 -40.46 12.44 66.18
N LYS E 200 -40.36 12.95 64.96
CA LYS E 200 -40.90 12.31 63.79
C LYS E 200 -39.79 11.90 62.84
N PHE E 201 -39.98 10.77 62.16
CA PHE E 201 -39.22 10.48 60.96
C PHE E 201 -40.18 9.89 59.93
N LYS E 202 -39.66 9.57 58.77
CA LYS E 202 -40.47 9.05 57.68
C LYS E 202 -40.02 7.64 57.34
N LEU E 203 -40.99 6.78 57.05
CA LEU E 203 -40.76 5.36 56.88
C LEU E 203 -41.13 4.93 55.46
N THR E 204 -40.31 4.08 54.85
CA THR E 204 -40.59 3.54 53.53
C THR E 204 -40.42 2.03 53.55
N ILE E 205 -41.29 1.32 52.84
CA ILE E 205 -41.32 -0.13 52.83
C ILE E 205 -41.10 -0.63 51.41
N GLU E 206 -40.06 -1.44 51.21
CA GLU E 206 -39.85 -2.12 49.94
C GLU E 206 -40.10 -3.61 50.00
N ASP E 207 -40.52 -4.16 51.15
CA ASP E 207 -40.93 -5.55 51.26
C ASP E 207 -42.27 -5.56 52.00
N GLU E 208 -43.35 -5.66 51.24
CA GLU E 208 -44.68 -5.53 51.80
C GLU E 208 -45.01 -6.63 52.80
N ILE E 209 -44.23 -7.71 52.80
CA ILE E 209 -44.53 -8.84 53.68
C ILE E 209 -44.49 -8.43 55.14
N TYR E 210 -43.47 -7.65 55.52
CA TYR E 210 -43.36 -7.15 56.89
C TYR E 210 -44.08 -5.81 56.98
N SER E 211 -45.41 -5.90 56.93
CA SER E 211 -46.25 -4.72 56.84
C SER E 211 -46.16 -3.88 58.10
N ILE E 212 -46.85 -2.73 58.06
CA ILE E 212 -46.86 -1.82 59.19
C ILE E 212 -47.37 -2.51 60.44
N ASN E 213 -48.51 -3.19 60.33
CA ASN E 213 -49.05 -3.87 61.50
C ASN E 213 -48.13 -5.01 61.90
N GLU E 214 -47.53 -5.68 60.92
CA GLU E 214 -46.56 -6.71 61.24
C GLU E 214 -45.42 -6.14 62.06
N ILE E 215 -44.88 -4.99 61.66
CA ILE E 215 -43.77 -4.39 62.38
C ILE E 215 -44.19 -4.04 63.80
N GLU E 216 -45.38 -3.43 63.94
CA GLU E 216 -45.84 -3.02 65.26
C GLU E 216 -46.02 -4.24 66.17
N GLN E 217 -46.63 -5.29 65.65
CA GLN E 217 -46.82 -6.48 66.47
C GLN E 217 -45.49 -7.14 66.79
N SER E 218 -44.52 -7.05 65.89
CA SER E 218 -43.20 -7.59 66.18
C SER E 218 -42.58 -6.85 67.36
N ILE E 219 -42.65 -5.52 67.35
CA ILE E 219 -42.12 -4.75 68.47
C ILE E 219 -42.86 -5.11 69.75
N GLN E 220 -44.18 -5.23 69.67
CA GLN E 220 -44.98 -5.48 70.87
C GLN E 220 -44.64 -6.84 71.46
N ASP E 221 -44.50 -7.86 70.62
CA ASP E 221 -44.13 -9.18 71.09
C ASP E 221 -42.74 -9.16 71.71
N PHE E 222 -41.81 -8.43 71.08
CA PHE E 222 -40.50 -8.26 71.67
C PHE E 222 -40.60 -7.69 73.08
N TYR E 223 -41.46 -6.68 73.24
CA TYR E 223 -41.58 -6.05 74.56
C TYR E 223 -42.18 -7.01 75.57
N LYS E 224 -43.23 -7.75 75.18
CA LYS E 224 -43.86 -8.68 76.13
C LYS E 224 -42.90 -9.77 76.55
N ASN E 225 -42.13 -10.30 75.60
CA ASN E 225 -41.11 -11.28 75.95
C ASN E 225 -40.08 -10.67 76.88
N TYR E 226 -39.71 -9.41 76.63
CA TYR E 226 -38.74 -8.74 77.49
C TYR E 226 -39.31 -8.62 78.90
N TYR E 227 -40.59 -8.27 79.01
CA TYR E 227 -41.22 -8.13 80.31
C TYR E 227 -41.19 -9.46 81.07
N ASP E 228 -41.74 -10.51 80.46
CA ASP E 228 -41.87 -11.74 81.24
C ASP E 228 -40.53 -12.44 81.42
N LYS E 229 -39.47 -12.02 80.72
CA LYS E 229 -38.17 -12.57 81.06
C LYS E 229 -37.45 -11.75 82.13
N TRP E 230 -37.25 -10.46 81.89
CA TRP E 230 -36.36 -9.68 82.74
C TRP E 230 -37.03 -8.59 83.56
N LEU E 231 -37.99 -7.87 83.00
CA LEU E 231 -38.51 -6.71 83.71
C LEU E 231 -39.27 -7.09 84.98
N VAL E 232 -39.67 -8.34 85.13
CA VAL E 232 -40.34 -8.75 86.35
C VAL E 232 -39.37 -9.01 87.51
N GLY E 233 -38.09 -9.21 87.22
CA GLY E 233 -37.15 -9.60 88.26
C GLY E 233 -36.66 -8.47 89.14
N PHE E 234 -36.67 -7.23 88.65
CA PHE E 234 -36.15 -6.14 89.46
C PHE E 234 -37.11 -5.68 90.55
N LYS E 235 -38.15 -6.46 90.86
CA LYS E 235 -39.10 -6.00 91.86
C LYS E 235 -38.48 -6.07 93.25
N GLU E 236 -39.13 -5.35 94.18
CA GLU E 236 -38.73 -5.11 95.58
C GLU E 236 -37.62 -4.06 95.69
N THR E 237 -37.25 -3.42 94.58
CA THR E 237 -36.33 -2.29 94.60
C THR E 237 -37.11 -0.98 94.55
N LYS E 238 -36.77 -0.05 95.44
CA LYS E 238 -37.52 1.20 95.57
C LYS E 238 -37.64 1.92 94.23
N GLY E 239 -36.52 2.13 93.56
CA GLY E 239 -36.56 2.73 92.24
C GLY E 239 -37.30 1.86 91.24
N GLY E 240 -37.22 0.55 91.41
CA GLY E 240 -37.89 -0.37 90.52
C GLY E 240 -39.39 -0.17 90.47
N ARG E 241 -40.07 -0.44 91.59
CA ARG E 241 -41.52 -0.36 91.58
C ARG E 241 -42.00 1.07 91.38
N ARG E 242 -41.16 2.06 91.68
CA ARG E 242 -41.56 3.44 91.39
C ARG E 242 -41.71 3.63 89.89
N PHE E 243 -40.68 3.27 89.12
CA PHE E 243 -40.73 3.42 87.66
C PHE E 243 -41.69 2.43 87.02
N ALA E 244 -41.62 1.16 87.43
CA ALA E 244 -42.46 0.14 86.82
C ALA E 244 -43.93 0.52 86.89
N LEU E 245 -44.37 1.02 88.05
CA LEU E 245 -45.74 1.47 88.22
C LEU E 245 -46.00 2.81 87.53
N GLU E 246 -45.06 3.75 87.63
CA GLU E 246 -45.29 5.07 87.04
C GLU E 246 -45.37 4.98 85.52
N GLY E 247 -44.55 4.12 84.92
CA GLY E 247 -44.62 3.93 83.48
C GLY E 247 -45.82 3.15 82.99
N GLY E 248 -46.54 2.49 83.90
CA GLY E 248 -47.74 1.76 83.51
C GLY E 248 -47.47 0.60 82.58
N ILE E 249 -46.40 -0.15 82.82
CA ILE E 249 -46.08 -1.26 81.92
C ILE E 249 -47.12 -2.36 81.86
N PRO E 250 -47.90 -2.68 82.91
CA PRO E 250 -48.99 -3.66 82.70
C PRO E 250 -49.93 -3.28 81.57
N ASP E 251 -50.24 -2.00 81.42
CA ASP E 251 -50.95 -1.54 80.23
C ASP E 251 -50.04 -1.45 79.02
N VAL E 252 -48.77 -1.07 79.25
CA VAL E 252 -47.81 -0.91 78.16
C VAL E 252 -47.66 -2.19 77.34
N LEU E 253 -47.99 -3.35 77.90
CA LEU E 253 -47.99 -4.57 77.10
C LEU E 253 -48.90 -4.44 75.90
N ASN E 254 -49.90 -3.57 75.98
CA ASN E 254 -50.68 -3.21 74.82
C ASN E 254 -50.02 -2.12 73.98
N GLN E 255 -49.04 -1.42 74.52
CA GLN E 255 -48.44 -0.29 73.82
C GLN E 255 -47.18 -0.70 73.07
N ASN E 256 -46.90 0.05 71.99
CA ASN E 256 -45.78 -0.22 71.09
C ASN E 256 -44.55 0.52 71.61
N ILE E 257 -43.82 -0.15 72.50
CA ILE E 257 -42.73 0.46 73.24
C ILE E 257 -41.43 -0.25 72.90
N LEU E 258 -40.35 0.52 72.75
CA LEU E 258 -39.06 -0.03 72.37
C LEU E 258 -37.95 0.84 72.95
N PHE E 259 -36.79 0.24 73.14
CA PHE E 259 -35.61 0.95 73.61
C PHE E 259 -34.77 1.34 72.41
N LEU E 260 -34.41 2.61 72.32
CA LEU E 260 -33.52 3.07 71.26
C LEU E 260 -32.12 3.27 71.79
N GLY E 261 -31.17 3.29 70.86
CA GLY E 261 -29.81 3.71 71.10
C GLY E 261 -29.09 2.90 72.16
N ALA E 262 -28.07 3.53 72.73
CA ALA E 262 -27.27 2.95 73.80
C ALA E 262 -27.85 3.31 75.16
N GLY E 263 -27.32 2.67 76.19
CA GLY E 263 -27.76 2.88 77.54
C GLY E 263 -28.83 1.93 78.00
N THR E 264 -29.53 1.27 77.08
CA THR E 264 -30.43 0.21 77.46
C THR E 264 -29.64 -1.01 77.91
N GLY E 265 -30.29 -1.86 78.71
CA GLY E 265 -29.60 -3.02 79.25
C GLY E 265 -29.02 -3.90 78.17
N PHE E 266 -27.91 -4.56 78.50
CA PHE E 266 -27.25 -5.42 77.54
C PHE E 266 -28.19 -6.46 76.97
N VAL E 267 -29.16 -6.92 77.77
CA VAL E 267 -30.10 -7.93 77.28
C VAL E 267 -30.97 -7.37 76.17
N SER E 268 -31.40 -6.12 76.29
CA SER E 268 -32.21 -5.48 75.27
C SER E 268 -31.51 -5.47 73.92
N ASN E 277 -33.69 -19.46 77.96
CA ASN E 277 -33.65 -19.80 79.37
C ASN E 277 -32.71 -18.88 80.12
N ARG E 278 -32.74 -19.01 81.44
CA ARG E 278 -31.93 -18.14 82.29
C ARG E 278 -30.45 -18.54 82.26
N LYS E 279 -30.18 -19.84 82.25
CA LYS E 279 -28.80 -20.32 82.30
C LYS E 279 -28.03 -19.88 81.06
N GLN E 280 -28.63 -20.00 79.88
CA GLN E 280 -27.94 -19.58 78.68
C GLN E 280 -27.71 -18.08 78.68
N ALA E 281 -28.66 -17.32 79.22
CA ALA E 281 -28.46 -15.89 79.36
C ALA E 281 -27.30 -15.59 80.29
N LYS E 282 -27.18 -16.36 81.38
CA LYS E 282 -26.06 -16.18 82.32
C LYS E 282 -24.73 -16.44 81.63
N GLN E 283 -24.63 -17.54 80.91
CA GLN E 283 -23.38 -17.86 80.23
C GLN E 283 -23.03 -16.80 79.21
N ASP E 284 -24.02 -16.37 78.43
CA ASP E 284 -23.76 -15.35 77.41
C ASP E 284 -23.34 -14.05 78.05
N SER E 285 -24.03 -13.64 79.13
CA SER E 285 -23.73 -12.38 79.78
C SER E 285 -22.35 -12.40 80.41
N PHE E 286 -21.98 -13.53 81.03
CA PHE E 286 -20.61 -13.69 81.50
C PHE E 286 -19.63 -13.50 80.36
N GLU E 287 -19.89 -14.15 79.22
CA GLU E 287 -18.95 -14.05 78.11
C GLU E 287 -18.82 -12.61 77.61
N ILE E 288 -19.95 -11.92 77.49
CA ILE E 288 -19.96 -10.56 76.95
C ILE E 288 -19.27 -9.59 77.91
N LEU E 289 -19.60 -9.69 79.20
CA LEU E 289 -18.96 -8.80 80.18
C LEU E 289 -17.49 -9.15 80.37
N THR E 290 -17.12 -10.41 80.18
CA THR E 290 -15.71 -10.79 80.19
C THR E 290 -14.97 -10.15 79.03
N LYS E 291 -15.61 -10.10 77.85
CA LYS E 291 -14.97 -9.43 76.72
C LYS E 291 -14.95 -7.92 76.89
N LYS E 292 -15.95 -7.33 77.54
CA LYS E 292 -16.07 -5.88 77.60
C LYS E 292 -15.22 -5.26 78.71
N PHE E 293 -15.54 -5.58 79.97
CA PHE E 293 -14.98 -4.88 81.12
C PHE E 293 -13.72 -5.55 81.67
N ARG E 294 -13.05 -6.40 80.89
CA ARG E 294 -11.94 -7.19 81.43
C ARG E 294 -10.76 -6.33 81.84
N GLY E 295 -10.58 -5.17 81.21
CA GLY E 295 -9.40 -4.35 81.48
C GLY E 295 -9.51 -3.53 82.76
N THR E 296 -10.68 -3.50 83.41
CA THR E 296 -10.86 -2.70 84.62
C THR E 296 -11.23 -3.53 85.84
N TYR E 297 -12.30 -4.33 85.76
CA TYR E 297 -12.77 -5.14 86.88
C TYR E 297 -12.86 -6.59 86.45
N GLY E 298 -11.77 -7.35 86.62
CA GLY E 298 -11.76 -8.74 86.22
C GLY E 298 -12.76 -9.62 86.95
N LYS E 299 -13.53 -9.06 87.89
CA LYS E 299 -14.40 -9.88 88.74
C LYS E 299 -15.49 -10.59 87.95
N MET E 300 -15.77 -10.18 86.70
CA MET E 300 -16.84 -10.84 85.96
C MET E 300 -16.55 -12.32 85.77
N LYS E 301 -15.28 -12.70 85.80
CA LYS E 301 -14.90 -14.09 85.63
C LYS E 301 -15.29 -14.95 86.82
N GLU E 302 -15.69 -14.36 87.95
CA GLU E 302 -16.03 -15.11 89.14
C GLU E 302 -17.35 -14.66 89.76
N ILE E 303 -18.26 -14.12 88.94
CA ILE E 303 -19.60 -13.89 89.44
C ILE E 303 -20.37 -15.21 89.52
N ALA E 310 -28.48 -5.67 87.76
CA ALA E 310 -27.77 -4.58 87.11
C ALA E 310 -28.59 -3.99 85.96
N LEU E 311 -29.28 -2.88 86.23
CA LEU E 311 -30.10 -2.20 85.24
C LEU E 311 -29.62 -0.78 85.06
N LYS E 312 -29.65 -0.30 83.82
CA LYS E 312 -29.29 1.07 83.52
C LYS E 312 -30.54 1.94 83.47
N GLY E 313 -30.57 2.96 84.33
CA GLY E 313 -31.67 3.91 84.34
C GLY E 313 -31.22 5.27 84.82
N THR E 314 -32.14 6.20 85.00
CA THR E 314 -31.79 7.53 85.48
C THR E 314 -32.69 7.92 86.63
N THR E 315 -32.09 8.58 87.61
CA THR E 315 -32.77 9.04 88.82
C THR E 315 -32.63 10.55 88.88
N ASN E 316 -33.75 11.24 89.04
CA ASN E 316 -33.75 12.69 89.13
C ASN E 316 -33.73 13.14 90.58
N GLN E 317 -33.04 14.25 90.83
CA GLN E 317 -33.19 14.91 92.12
C GLN E 317 -34.48 15.69 92.19
N SER E 318 -34.94 16.22 91.05
CA SER E 318 -36.04 17.18 91.04
C SER E 318 -37.35 16.55 91.50
N ARG E 319 -37.68 15.37 91.00
CA ARG E 319 -38.90 14.71 91.38
C ARG E 319 -38.67 13.42 92.16
N HIS E 320 -37.42 13.02 92.36
CA HIS E 320 -37.10 11.75 93.01
C HIS E 320 -37.74 10.58 92.27
N THR E 321 -37.75 10.64 90.95
CA THR E 321 -38.39 9.64 90.12
C THR E 321 -37.35 9.05 89.17
N SER E 322 -37.30 7.73 89.12
CA SER E 322 -36.32 7.03 88.31
C SER E 322 -36.93 6.60 86.99
N TYR E 323 -36.19 6.80 85.90
CA TYR E 323 -36.56 6.33 84.59
C TYR E 323 -35.45 5.43 84.07
N GLN E 324 -35.80 4.32 83.44
CA GLN E 324 -34.77 3.49 82.83
C GLN E 324 -34.45 4.11 81.47
N GLN E 325 -33.20 4.08 81.06
CA GLN E 325 -32.83 4.71 79.81
C GLN E 325 -33.37 3.91 78.63
N GLY E 326 -34.01 4.59 77.68
CA GLY E 326 -34.22 4.04 76.36
C GLY E 326 -35.64 3.96 75.83
N MET E 327 -36.64 3.63 76.64
CA MET E 327 -37.93 3.31 76.04
C MET E 327 -38.62 4.56 75.51
N CYS E 328 -39.40 4.37 74.45
CA CYS E 328 -40.19 5.44 73.84
C CYS E 328 -41.29 4.80 73.01
N LYS E 329 -42.39 5.55 72.85
CA LYS E 329 -43.57 5.02 72.17
C LYS E 329 -43.51 5.34 70.69
N VAL E 330 -43.92 4.36 69.88
CA VAL E 330 -43.90 4.51 68.43
C VAL E 330 -45.29 4.19 67.91
N SER E 331 -45.83 5.09 67.08
CA SER E 331 -47.05 4.86 66.35
C SER E 331 -46.83 5.28 64.91
N PHE E 332 -47.49 4.59 63.99
CA PHE E 332 -47.28 4.78 62.57
C PHE E 332 -48.45 5.54 61.95
N GLN E 333 -48.24 6.04 60.74
CA GLN E 333 -49.30 6.67 59.96
C GLN E 333 -48.99 6.64 58.46
N MET F 1 -4.29 -28.59 -84.68
CA MET F 1 -3.62 -28.21 -83.43
C MET F 1 -2.22 -28.79 -83.36
N ASN F 2 -1.32 -28.04 -82.74
CA ASN F 2 0.01 -28.57 -82.46
C ASN F 2 -0.12 -29.88 -81.70
N LYS F 3 0.71 -30.84 -82.07
CA LYS F 3 0.56 -32.16 -81.47
C LYS F 3 0.81 -32.12 -79.98
N LYS F 4 1.70 -31.25 -79.51
CA LYS F 4 1.87 -31.08 -78.08
C LYS F 4 0.57 -30.62 -77.43
N ASN F 5 -0.10 -29.65 -78.05
CA ASN F 5 -1.38 -29.22 -77.50
C ASN F 5 -2.40 -30.34 -77.56
N ILE F 6 -2.26 -31.23 -78.52
CA ILE F 6 -3.15 -32.38 -78.59
C ILE F 6 -2.93 -33.28 -77.40
N LEU F 7 -1.66 -33.55 -77.07
CA LEU F 7 -1.37 -34.29 -75.85
C LEU F 7 -2.00 -33.61 -74.65
N MET F 8 -1.80 -32.29 -74.54
CA MET F 8 -2.34 -31.56 -73.40
C MET F 8 -3.84 -31.78 -73.27
N TYR F 9 -4.58 -31.34 -74.30
CA TYR F 9 -6.03 -31.29 -74.23
C TYR F 9 -6.62 -32.69 -74.14
N GLY F 10 -5.90 -33.70 -74.61
CA GLY F 10 -6.41 -35.04 -74.49
C GLY F 10 -6.11 -35.62 -73.12
N SER F 11 -4.88 -35.44 -72.66
CA SER F 11 -4.44 -36.06 -71.44
C SER F 11 -5.23 -35.54 -70.25
N LEU F 12 -5.33 -34.21 -70.14
CA LEU F 12 -5.99 -33.67 -68.96
C LEU F 12 -7.42 -34.17 -68.83
N LEU F 13 -7.95 -34.83 -69.85
CA LEU F 13 -9.29 -35.40 -69.82
C LEU F 13 -9.30 -36.92 -70.00
N HIS F 14 -8.21 -37.61 -69.64
CA HIS F 14 -8.14 -39.03 -69.94
C HIS F 14 -9.09 -39.84 -69.05
N ASP F 15 -9.08 -39.56 -67.76
CA ASP F 15 -9.98 -40.21 -66.81
C ASP F 15 -11.24 -39.39 -66.54
N ILE F 16 -11.71 -38.64 -67.54
CA ILE F 16 -12.93 -37.86 -67.35
C ILE F 16 -14.13 -38.77 -67.15
N GLY F 17 -14.13 -39.94 -67.80
CA GLY F 17 -15.28 -40.82 -67.75
C GLY F 17 -15.63 -41.30 -66.36
N LYS F 18 -14.70 -41.19 -65.42
CA LYS F 18 -14.97 -41.65 -64.07
C LYS F 18 -16.12 -40.88 -63.44
N ILE F 19 -16.09 -39.55 -63.55
CA ILE F 19 -17.16 -38.74 -62.97
C ILE F 19 -18.48 -39.09 -63.63
N ILE F 20 -18.41 -39.59 -64.86
CA ILE F 20 -19.62 -39.85 -65.62
C ILE F 20 -20.24 -41.18 -65.19
N TYR F 21 -19.41 -42.22 -65.09
CA TYR F 21 -19.89 -43.51 -64.59
C TYR F 21 -20.36 -43.40 -63.16
N ARG F 22 -19.52 -42.86 -62.29
CA ARG F 22 -19.93 -42.71 -60.90
C ARG F 22 -21.26 -41.98 -60.76
N SER F 23 -21.63 -41.21 -61.78
CA SER F 23 -22.89 -40.48 -61.73
C SER F 23 -24.07 -41.43 -61.67
N GLY F 24 -24.06 -42.47 -62.49
CA GLY F 24 -25.22 -43.36 -62.53
C GLY F 24 -26.42 -42.85 -63.31
N ASP F 25 -26.73 -41.56 -63.16
CA ASP F 25 -27.83 -40.96 -63.97
C ASP F 25 -27.29 -40.58 -65.34
N HIS F 26 -25.98 -40.71 -65.55
CA HIS F 26 -25.35 -40.34 -66.85
C HIS F 26 -24.60 -41.55 -67.44
N THR F 27 -24.96 -42.76 -67.01
CA THR F 27 -24.23 -43.98 -67.48
C THR F 27 -24.78 -44.46 -68.82
N PHE F 28 -24.43 -43.75 -69.91
CA PHE F 28 -24.85 -44.20 -71.26
C PHE F 28 -24.08 -45.47 -71.62
N SER F 29 -22.76 -45.46 -71.42
CA SER F 29 -21.93 -46.67 -71.66
C SER F 29 -21.48 -47.25 -70.32
N ARG F 30 -22.27 -48.15 -69.75
CA ARG F 30 -21.95 -48.74 -68.42
C ARG F 30 -20.88 -49.82 -68.56
N GLY F 31 -20.04 -49.74 -69.60
CA GLY F 31 -19.06 -50.79 -69.82
C GLY F 31 -17.69 -50.45 -69.25
N THR F 32 -17.08 -49.37 -69.73
CA THR F 32 -15.77 -48.94 -69.29
C THR F 32 -15.74 -47.43 -69.24
N HIS F 33 -14.79 -46.90 -68.46
CA HIS F 33 -14.65 -45.46 -68.33
C HIS F 33 -14.33 -44.82 -69.67
N SER F 34 -13.46 -45.47 -70.45
CA SER F 34 -12.96 -44.86 -71.67
C SER F 34 -14.09 -44.58 -72.66
N LYS F 35 -14.91 -45.59 -72.95
CA LYS F 35 -15.96 -45.41 -73.95
C LYS F 35 -16.99 -44.40 -73.49
N LEU F 36 -17.32 -44.42 -72.20
CA LEU F 36 -18.30 -43.49 -71.68
C LEU F 36 -17.81 -42.06 -71.79
N GLY F 37 -16.57 -41.80 -71.37
CA GLY F 37 -16.02 -40.46 -71.52
C GLY F 37 -15.96 -40.04 -72.97
N HIS F 38 -15.62 -40.98 -73.86
CA HIS F 38 -15.60 -40.69 -75.27
C HIS F 38 -16.96 -40.23 -75.75
N GLN F 39 -18.00 -40.92 -75.32
CA GLN F 39 -19.34 -40.52 -75.75
C GLN F 39 -19.71 -39.16 -75.18
N PHE F 40 -19.34 -38.90 -73.93
CA PHE F 40 -19.75 -37.64 -73.32
C PHE F 40 -19.11 -36.45 -74.02
N LEU F 41 -17.80 -36.51 -74.23
CA LEU F 41 -17.17 -35.33 -74.82
C LEU F 41 -17.63 -35.08 -76.25
N SER F 42 -18.29 -36.04 -76.87
CA SER F 42 -18.50 -36.06 -78.31
C SER F 42 -19.72 -35.28 -78.75
N GLN F 43 -20.31 -34.42 -77.93
CA GLN F 43 -21.44 -33.61 -78.36
C GLN F 43 -21.15 -32.13 -78.48
N PHE F 44 -19.94 -31.68 -78.15
CA PHE F 44 -19.67 -30.27 -77.92
C PHE F 44 -18.81 -29.69 -79.04
N SER F 45 -19.23 -28.54 -79.56
CA SER F 45 -18.60 -27.95 -80.74
C SER F 45 -17.12 -27.64 -80.50
N GLU F 46 -16.80 -26.93 -79.42
CA GLU F 46 -15.41 -26.54 -79.20
C GLU F 46 -14.50 -27.75 -79.06
N PHE F 47 -14.86 -28.69 -78.20
CA PHE F 47 -14.00 -29.84 -77.96
C PHE F 47 -14.31 -30.94 -78.97
N LYS F 48 -14.82 -30.55 -80.12
CA LYS F 48 -15.11 -31.47 -81.21
C LYS F 48 -13.86 -31.91 -81.95
N ASP F 49 -12.67 -31.62 -81.42
CA ASP F 49 -11.45 -32.17 -81.98
C ASP F 49 -11.45 -33.68 -81.80
N ASN F 50 -11.00 -34.39 -82.84
CA ASN F 50 -11.14 -35.84 -82.88
C ASN F 50 -9.97 -36.55 -82.19
N GLU F 51 -8.74 -36.09 -82.39
CA GLU F 51 -7.64 -36.81 -81.78
C GLU F 51 -7.70 -36.72 -80.27
N VAL F 52 -8.22 -35.62 -79.74
CA VAL F 52 -8.46 -35.56 -78.30
C VAL F 52 -9.43 -36.65 -77.89
N LEU F 53 -10.45 -36.89 -78.73
CA LEU F 53 -11.40 -37.95 -78.43
C LEU F 53 -10.72 -39.31 -78.40
N ASP F 54 -9.80 -39.55 -79.34
CA ASP F 54 -9.06 -40.80 -79.31
C ASP F 54 -8.24 -40.93 -78.04
N ASN F 55 -7.54 -39.86 -77.68
CA ASN F 55 -6.75 -39.87 -76.45
C ASN F 55 -7.61 -40.27 -75.26
N VAL F 56 -8.74 -39.61 -75.09
CA VAL F 56 -9.59 -39.91 -73.94
C VAL F 56 -10.08 -41.34 -74.01
N ALA F 57 -10.55 -41.77 -75.19
CA ALA F 57 -11.20 -43.06 -75.32
C ALA F 57 -10.24 -44.23 -75.22
N TYR F 58 -8.93 -43.99 -75.20
CA TYR F 58 -8.05 -45.14 -75.26
C TYR F 58 -6.99 -45.09 -74.16
N HIS F 59 -7.37 -44.70 -72.95
CA HIS F 59 -6.31 -44.49 -71.98
C HIS F 59 -5.84 -45.78 -71.30
N HIS F 60 -6.30 -46.95 -71.74
CA HIS F 60 -5.99 -48.17 -71.03
C HIS F 60 -5.53 -49.27 -71.98
N TYR F 61 -4.87 -50.27 -71.39
CA TYR F 61 -4.23 -51.36 -72.13
C TYR F 61 -5.20 -52.10 -73.04
N LYS F 62 -6.29 -52.58 -72.48
CA LYS F 62 -7.23 -53.41 -73.23
C LYS F 62 -7.78 -52.67 -74.44
N GLU F 63 -8.22 -51.42 -74.23
CA GLU F 63 -8.75 -50.65 -75.34
C GLU F 63 -7.71 -50.47 -76.43
N LEU F 64 -6.47 -50.16 -76.04
CA LEU F 64 -5.42 -49.94 -77.01
C LEU F 64 -5.08 -51.21 -77.76
N ALA F 65 -5.39 -52.38 -77.19
CA ALA F 65 -5.05 -53.63 -77.84
C ALA F 65 -5.64 -53.74 -79.25
N LYS F 66 -6.77 -53.10 -79.52
CA LYS F 66 -7.47 -53.29 -80.77
C LYS F 66 -7.79 -52.00 -81.51
N ALA F 67 -7.34 -50.85 -81.01
CA ALA F 67 -7.66 -49.59 -81.65
C ALA F 67 -6.95 -49.43 -82.99
N ASN F 68 -5.93 -50.24 -83.27
CA ASN F 68 -5.21 -50.21 -84.53
C ASN F 68 -4.72 -48.80 -84.84
N LEU F 69 -4.31 -48.07 -83.81
CA LEU F 69 -3.85 -46.71 -84.00
C LEU F 69 -2.47 -46.71 -84.65
N ASP F 70 -2.07 -45.55 -85.14
CA ASP F 70 -0.77 -45.41 -85.78
C ASP F 70 0.34 -45.70 -84.77
N ASN F 71 1.52 -46.06 -85.30
CA ASN F 71 2.68 -46.15 -84.44
C ASN F 71 3.01 -44.81 -83.80
N ASP F 72 2.55 -43.71 -84.39
CA ASP F 72 2.53 -42.42 -83.73
C ASP F 72 1.08 -41.92 -83.57
N ASN F 73 0.52 -42.14 -82.38
CA ASN F 73 -0.76 -41.55 -82.03
C ASN F 73 -0.67 -41.17 -80.56
N THR F 74 -1.11 -39.96 -80.25
CA THR F 74 -0.77 -39.32 -78.99
C THR F 74 -1.19 -40.16 -77.79
N ALA F 75 -2.17 -41.04 -77.95
CA ALA F 75 -2.76 -41.74 -76.81
C ALA F 75 -1.75 -42.64 -76.11
N TYR F 76 -0.73 -43.11 -76.82
CA TYR F 76 0.22 -44.03 -76.23
C TYR F 76 1.00 -43.35 -75.11
N ILE F 77 1.42 -42.12 -75.37
CA ILE F 77 2.04 -41.33 -74.31
C ILE F 77 1.08 -41.19 -73.14
N THR F 78 -0.22 -41.04 -73.43
CA THR F 78 -1.19 -40.93 -72.35
C THR F 78 -1.20 -42.21 -71.52
N TYR F 79 -1.11 -43.36 -72.18
CA TYR F 79 -1.07 -44.63 -71.46
C TYR F 79 0.11 -44.69 -70.51
N ILE F 80 1.30 -44.40 -71.04
CA ILE F 80 2.47 -44.49 -70.18
C ILE F 80 2.37 -43.45 -69.08
N ALA F 81 1.78 -42.30 -69.36
CA ALA F 81 1.71 -41.26 -68.35
C ALA F 81 0.79 -41.67 -67.21
N ASP F 82 -0.36 -42.25 -67.55
CA ASP F 82 -1.28 -42.65 -66.50
C ASP F 82 -0.64 -43.76 -65.67
N ASN F 83 0.05 -44.69 -66.34
CA ASN F 83 0.75 -45.72 -65.57
C ASN F 83 1.75 -45.11 -64.61
N ILE F 84 2.53 -44.15 -65.08
CA ILE F 84 3.54 -43.53 -64.23
C ILE F 84 2.89 -42.84 -63.05
N ALA F 85 1.83 -42.08 -63.30
CA ALA F 85 1.19 -41.36 -62.20
C ALA F 85 0.53 -42.32 -61.22
N SER F 86 0.06 -43.46 -61.70
CA SER F 86 -0.58 -44.46 -60.86
C SER F 86 0.30 -44.88 -59.69
N LEU F 105 -10.92 -56.99 -57.21
CA LEU F 105 -9.60 -56.36 -57.14
C LEU F 105 -9.66 -54.90 -57.53
N PHE F 106 -10.47 -54.58 -58.55
CA PHE F 106 -10.64 -53.22 -59.04
C PHE F 106 -12.11 -52.85 -59.06
N ASN F 107 -12.81 -53.15 -57.95
CA ASN F 107 -14.22 -52.80 -57.81
C ASN F 107 -14.28 -51.36 -57.29
N PHE F 108 -14.74 -50.45 -58.13
CA PHE F 108 -14.81 -49.04 -57.79
C PHE F 108 -16.18 -48.73 -57.19
N ASP F 109 -16.18 -48.35 -55.90
CA ASP F 109 -17.41 -47.95 -55.22
C ASP F 109 -17.60 -46.46 -55.46
N LYS F 110 -18.73 -46.10 -56.06
CA LYS F 110 -18.91 -44.71 -56.46
C LYS F 110 -19.02 -43.77 -55.29
N TYR F 111 -19.29 -44.28 -54.09
CA TYR F 111 -19.51 -43.44 -52.93
C TYR F 111 -18.29 -43.38 -52.02
N THR F 112 -17.14 -43.82 -52.50
CA THR F 112 -15.96 -43.88 -51.65
C THR F 112 -15.58 -42.48 -51.19
N PRO F 113 -15.43 -42.26 -49.89
CA PRO F 113 -15.06 -40.93 -49.41
C PRO F 113 -13.56 -40.68 -49.44
N LEU F 114 -13.20 -39.49 -49.89
CA LEU F 114 -11.79 -39.12 -50.00
C LEU F 114 -11.17 -38.98 -48.63
N TYR F 115 -9.92 -39.41 -48.49
CA TYR F 115 -9.23 -39.33 -47.22
C TYR F 115 -8.15 -38.26 -47.26
N SER F 116 -7.98 -37.56 -46.15
CA SER F 116 -6.94 -36.56 -46.05
C SER F 116 -5.58 -37.24 -45.90
N VAL F 117 -4.61 -36.79 -46.69
CA VAL F 117 -3.28 -37.38 -46.63
C VAL F 117 -2.64 -37.15 -45.27
N PHE F 118 -3.02 -36.07 -44.58
CA PHE F 118 -2.31 -35.68 -43.37
C PHE F 118 -2.38 -36.74 -42.28
N ASN F 119 -3.41 -37.57 -42.27
CA ASN F 119 -3.45 -38.65 -41.30
C ASN F 119 -2.30 -39.61 -41.50
N ILE F 120 -2.10 -40.05 -42.74
CA ILE F 120 -1.18 -41.14 -43.03
C ILE F 120 0.26 -40.70 -42.75
N VAL F 121 0.52 -39.40 -42.82
CA VAL F 121 1.89 -38.88 -42.78
C VAL F 121 2.60 -39.36 -41.51
N ASN F 122 2.03 -39.00 -40.36
CA ASN F 122 2.62 -39.43 -39.06
C ASN F 122 1.78 -40.56 -38.46
N SER F 123 1.11 -41.36 -39.30
CA SER F 123 0.34 -42.54 -38.80
C SER F 123 1.32 -43.64 -38.38
N GLU F 124 2.55 -43.63 -38.95
CA GLU F 124 3.58 -44.62 -38.56
C GLU F 124 3.73 -44.61 -37.03
N LYS F 125 3.86 -43.44 -36.42
CA LYS F 125 3.94 -43.34 -34.94
C LYS F 125 2.54 -43.54 -34.34
N LEU F 126 1.58 -42.68 -34.69
CA LEU F 126 0.21 -42.77 -34.10
C LEU F 126 -0.83 -42.84 -35.21
N LYS F 127 -1.35 -44.05 -35.49
CA LYS F 127 -2.41 -44.19 -36.53
C LYS F 127 -3.75 -43.80 -35.92
N GLN F 128 -4.34 -42.71 -36.40
CA GLN F 128 -5.66 -42.26 -35.89
C GLN F 128 -6.78 -42.68 -36.86
N THR F 129 -8.03 -42.68 -36.38
CA THR F 129 -9.19 -43.04 -37.25
C THR F 129 -9.14 -42.21 -38.53
N ASN F 130 -8.84 -42.76 -39.76
CA ASN F 130 -8.84 -42.07 -41.04
C ASN F 130 -10.08 -41.18 -41.15
N GLY F 131 -9.85 -39.88 -41.23
CA GLY F 131 -10.92 -38.94 -41.47
C GLY F 131 -11.28 -38.95 -42.94
N LYS F 132 -12.13 -38.01 -43.33
CA LYS F 132 -12.64 -37.99 -44.70
C LYS F 132 -13.37 -36.69 -44.95
N PHE F 133 -13.53 -36.38 -46.24
CA PHE F 133 -14.11 -35.13 -46.69
C PHE F 133 -15.55 -35.35 -47.14
N LYS F 134 -16.23 -34.24 -47.43
CA LYS F 134 -17.66 -34.28 -47.67
C LYS F 134 -17.99 -34.04 -49.14
N GLU F 147 -15.62 -38.71 -38.00
CA GLU F 147 -17.00 -38.90 -38.46
C GLU F 147 -17.04 -39.71 -39.75
N ASN F 148 -18.17 -40.37 -40.00
CA ASN F 148 -18.30 -41.29 -41.14
C ASN F 148 -19.18 -40.67 -42.21
N ILE F 149 -18.56 -39.81 -43.03
CA ILE F 149 -19.25 -39.17 -44.14
C ILE F 149 -19.29 -40.14 -45.33
N GLN F 150 -20.32 -39.99 -46.17
CA GLN F 150 -20.35 -40.71 -47.43
C GLN F 150 -20.99 -39.84 -48.51
N TYR F 151 -20.44 -39.92 -49.72
CA TYR F 151 -21.01 -39.24 -50.88
C TYR F 151 -22.22 -39.98 -51.42
N SER F 152 -22.93 -39.29 -52.31
CA SER F 152 -24.21 -39.75 -52.84
C SER F 152 -24.24 -39.52 -54.33
N SER F 153 -25.19 -40.19 -54.99
CA SER F 153 -25.19 -40.27 -56.44
C SER F 153 -25.49 -38.92 -57.07
N GLY F 154 -26.53 -38.24 -56.62
CA GLY F 154 -26.97 -37.02 -57.27
C GLY F 154 -25.91 -35.94 -57.35
N ASN F 155 -24.96 -35.95 -56.43
CA ASN F 155 -23.86 -35.00 -56.47
C ASN F 155 -23.16 -35.04 -57.83
N TYR F 156 -22.81 -36.26 -58.26
CA TYR F 156 -22.12 -36.42 -59.53
C TYR F 156 -22.97 -35.93 -60.68
N THR F 157 -24.29 -36.15 -60.63
CA THR F 157 -25.15 -35.64 -61.67
C THR F 157 -25.09 -34.12 -61.72
N THR F 158 -25.13 -33.49 -60.55
CA THR F 158 -25.02 -32.03 -60.48
C THR F 158 -23.71 -31.56 -61.09
N LEU F 159 -22.62 -32.24 -60.76
CA LEU F 159 -21.33 -31.87 -61.32
C LEU F 159 -21.33 -32.05 -62.83
N MET F 160 -22.04 -33.06 -63.32
CA MET F 160 -22.18 -33.24 -64.77
C MET F 160 -22.87 -32.04 -65.38
N LYS F 161 -23.98 -31.62 -64.77
CA LYS F 161 -24.68 -30.42 -65.23
C LYS F 161 -23.74 -29.23 -65.25
N ASP F 162 -23.00 -29.03 -64.16
CA ASP F 162 -22.14 -27.86 -64.04
C ASP F 162 -21.07 -27.88 -65.12
N MET F 163 -20.50 -29.06 -65.38
CA MET F 163 -19.40 -29.09 -66.34
C MET F 163 -19.91 -28.97 -67.76
N SER F 164 -21.11 -29.48 -68.05
CA SER F 164 -21.71 -29.18 -69.35
C SER F 164 -21.99 -27.70 -69.51
N HIS F 165 -22.48 -27.05 -68.46
CA HIS F 165 -22.70 -25.60 -68.50
C HIS F 165 -21.41 -24.87 -68.82
N ASP F 166 -20.36 -25.12 -68.03
CA ASP F 166 -19.08 -24.47 -68.29
C ASP F 166 -18.52 -24.83 -69.65
N LEU F 167 -18.84 -26.03 -70.14
CA LEU F 167 -18.22 -26.50 -71.36
C LEU F 167 -18.89 -25.92 -72.59
N GLU F 168 -20.18 -25.60 -72.50
CA GLU F 168 -20.85 -24.82 -73.52
C GLU F 168 -20.48 -23.35 -73.46
N HIS F 169 -20.34 -22.80 -72.25
CA HIS F 169 -20.38 -21.35 -72.11
C HIS F 169 -19.04 -20.72 -71.70
N LYS F 170 -18.16 -21.46 -71.05
CA LYS F 170 -16.90 -20.91 -70.57
C LYS F 170 -15.68 -21.46 -71.28
N LEU F 171 -15.73 -22.68 -71.79
CA LEU F 171 -14.56 -23.35 -72.34
C LEU F 171 -14.56 -23.26 -73.86
N SER F 172 -13.37 -23.07 -74.42
CA SER F 172 -13.20 -22.96 -75.86
C SER F 172 -11.79 -23.38 -76.20
N ILE F 173 -11.63 -23.91 -77.41
CA ILE F 173 -10.38 -24.56 -77.80
C ILE F 173 -9.56 -23.61 -78.68
N LYS F 174 -8.43 -23.16 -78.14
CA LYS F 174 -7.40 -22.44 -78.88
C LYS F 174 -6.05 -22.84 -78.31
N GLU F 175 -4.98 -22.37 -78.96
CA GLU F 175 -3.64 -22.71 -78.53
C GLU F 175 -3.38 -22.30 -77.09
N GLY F 176 -3.91 -21.14 -76.67
CA GLY F 176 -3.56 -20.58 -75.38
C GLY F 176 -4.56 -20.77 -74.27
N THR F 177 -5.58 -21.59 -74.45
CA THR F 177 -6.61 -21.74 -73.43
C THR F 177 -6.35 -22.90 -72.50
N PHE F 178 -5.26 -23.65 -72.71
CA PHE F 178 -4.95 -24.76 -71.82
C PHE F 178 -4.88 -24.36 -70.35
N PRO F 179 -4.24 -23.25 -69.96
CA PRO F 179 -4.34 -22.84 -68.56
C PRO F 179 -5.76 -22.66 -68.10
N SER F 180 -6.64 -22.15 -68.95
CA SER F 180 -8.04 -22.00 -68.55
C SER F 180 -8.69 -23.35 -68.30
N LEU F 181 -8.44 -24.31 -69.19
CA LEU F 181 -8.97 -25.64 -68.96
C LEU F 181 -8.47 -26.20 -67.63
N LEU F 182 -7.19 -25.99 -67.35
CA LEU F 182 -6.63 -26.47 -66.09
C LEU F 182 -7.31 -25.79 -64.92
N GLN F 183 -7.61 -24.50 -65.05
CA GLN F 183 -8.26 -23.78 -63.96
C GLN F 183 -9.65 -24.32 -63.72
N TRP F 184 -10.42 -24.58 -64.77
CA TRP F 184 -11.76 -25.11 -64.55
C TRP F 184 -11.73 -26.51 -63.95
N THR F 185 -10.79 -27.34 -64.39
CA THR F 185 -10.62 -28.64 -63.74
C THR F 185 -10.32 -28.46 -62.26
N GLU F 186 -9.43 -27.51 -61.94
CA GLU F 186 -9.11 -27.22 -60.56
C GLU F 186 -10.35 -26.77 -59.80
N SER F 187 -11.17 -25.94 -60.42
CA SER F 187 -12.33 -25.40 -59.73
C SER F 187 -13.31 -26.51 -59.39
N LEU F 188 -13.49 -27.45 -60.30
CA LEU F 188 -14.59 -28.40 -60.15
C LEU F 188 -14.21 -29.70 -59.44
N TRP F 189 -12.95 -30.14 -59.51
CA TRP F 189 -12.68 -31.53 -59.16
C TRP F 189 -11.89 -31.73 -57.87
N GLN F 190 -11.47 -30.67 -57.17
CA GLN F 190 -10.47 -30.88 -56.12
C GLN F 190 -10.90 -31.83 -55.01
N TYR F 191 -12.16 -32.21 -54.90
CA TYR F 191 -12.48 -33.18 -53.86
C TYR F 191 -13.34 -34.33 -54.37
N VAL F 192 -13.26 -34.64 -55.66
CA VAL F 192 -13.88 -35.85 -56.19
C VAL F 192 -12.82 -36.94 -56.25
N PRO F 193 -13.02 -38.07 -55.57
CA PRO F 193 -11.95 -39.06 -55.46
C PRO F 193 -11.56 -39.62 -56.82
N SER F 194 -10.25 -39.81 -57.00
CA SER F 194 -9.73 -40.16 -58.32
C SER F 194 -9.90 -41.65 -58.61
N SER F 195 -9.24 -42.48 -57.83
CA SER F 195 -9.48 -43.91 -57.84
C SER F 195 -10.23 -44.27 -56.57
N THR F 196 -11.34 -44.99 -56.72
CA THR F 196 -12.14 -45.43 -55.58
C THR F 196 -11.98 -46.92 -55.32
N ASN F 197 -10.76 -47.43 -55.53
CA ASN F 197 -10.50 -48.84 -55.26
C ASN F 197 -10.63 -49.12 -53.77
N LYS F 198 -11.45 -50.11 -53.42
CA LYS F 198 -11.71 -50.38 -52.01
C LYS F 198 -10.45 -50.84 -51.29
N ASN F 199 -9.47 -51.36 -52.01
CA ASN F 199 -8.29 -51.95 -51.42
C ASN F 199 -7.10 -51.01 -51.38
N GLN F 200 -7.22 -49.81 -51.94
CA GLN F 200 -6.13 -48.84 -51.95
C GLN F 200 -6.45 -47.71 -50.97
N LEU F 201 -5.40 -47.07 -50.45
CA LEU F 201 -5.57 -45.94 -49.54
C LEU F 201 -5.92 -44.73 -50.37
N ILE F 202 -7.19 -44.34 -50.36
CA ILE F 202 -7.71 -43.36 -51.30
C ILE F 202 -7.36 -41.97 -50.79
N ASP F 203 -6.36 -41.34 -51.40
CA ASP F 203 -6.04 -39.97 -51.01
C ASP F 203 -5.70 -39.06 -52.19
N ILE F 204 -6.07 -39.42 -53.42
CA ILE F 204 -5.75 -38.62 -54.59
C ILE F 204 -7.05 -38.07 -55.17
N SER F 205 -7.10 -36.77 -55.34
CA SER F 205 -8.19 -36.17 -56.07
C SER F 205 -7.98 -36.36 -57.56
N LEU F 206 -9.08 -36.42 -58.30
CA LEU F 206 -8.98 -36.61 -59.75
C LEU F 206 -8.25 -35.44 -60.39
N TYR F 207 -8.36 -34.25 -59.82
CA TYR F 207 -7.61 -33.11 -60.33
C TYR F 207 -6.13 -33.37 -60.24
N ASP F 208 -5.67 -33.91 -59.12
CA ASP F 208 -4.26 -34.22 -58.96
C ASP F 208 -3.81 -35.27 -59.97
N HIS F 209 -4.60 -36.33 -60.12
CA HIS F 209 -4.26 -37.39 -61.06
C HIS F 209 -4.16 -36.82 -62.46
N SER F 210 -5.15 -36.05 -62.87
CA SER F 210 -5.15 -35.50 -64.21
C SER F 210 -3.98 -34.56 -64.42
N ARG F 211 -3.70 -33.69 -63.46
CA ARG F 211 -2.62 -32.73 -63.63
C ARG F 211 -1.29 -33.44 -63.78
N ILE F 212 -1.02 -34.40 -62.90
CA ILE F 212 0.29 -35.04 -62.98
C ILE F 212 0.38 -35.90 -64.23
N THR F 213 -0.72 -36.50 -64.66
CA THR F 213 -0.67 -37.25 -65.90
C THR F 213 -0.34 -36.33 -67.07
N CYS F 214 -0.96 -35.16 -67.12
CA CYS F 214 -0.65 -34.22 -68.19
C CYS F 214 0.81 -33.79 -68.14
N ALA F 215 1.31 -33.54 -66.94
CA ALA F 215 2.71 -33.17 -66.79
C ALA F 215 3.64 -34.24 -67.34
N ILE F 216 3.43 -35.48 -66.91
CA ILE F 216 4.29 -36.56 -67.35
C ILE F 216 4.16 -36.77 -68.84
N ALA F 217 2.95 -36.62 -69.37
CA ALA F 217 2.78 -36.76 -70.81
C ALA F 217 3.58 -35.73 -71.56
N SER F 218 3.57 -34.49 -71.09
CA SER F 218 4.34 -33.46 -71.77
C SER F 218 5.82 -33.79 -71.75
N CYS F 219 6.30 -34.23 -70.59
CA CYS F 219 7.72 -34.54 -70.48
C CYS F 219 8.11 -35.68 -71.42
N ILE F 220 7.30 -36.74 -71.45
CA ILE F 220 7.56 -37.85 -72.36
C ILE F 220 7.58 -37.37 -73.79
N PHE F 221 6.61 -36.55 -74.18
CA PHE F 221 6.54 -36.15 -75.57
C PHE F 221 7.78 -35.40 -75.97
N ASP F 222 8.23 -34.46 -75.14
CA ASP F 222 9.43 -33.73 -75.49
C ASP F 222 10.64 -34.67 -75.55
N TYR F 223 10.77 -35.58 -74.58
CA TYR F 223 11.94 -36.43 -74.55
C TYR F 223 12.00 -37.34 -75.76
N LEU F 224 10.85 -37.85 -76.20
CA LEU F 224 10.84 -38.72 -77.36
C LEU F 224 11.03 -37.94 -78.66
N ASN F 225 10.35 -36.80 -78.79
CA ASN F 225 10.50 -36.03 -80.02
C ASN F 225 11.91 -35.54 -80.19
N GLU F 226 12.56 -35.16 -79.10
CA GLU F 226 13.93 -34.66 -79.20
C GLU F 226 14.91 -35.79 -79.48
N ASN F 227 14.69 -36.96 -78.92
CA ASN F 227 15.67 -38.04 -79.01
C ASN F 227 15.40 -38.94 -80.22
N ASN F 228 14.77 -38.40 -81.27
CA ASN F 228 14.67 -39.07 -82.57
C ASN F 228 14.02 -40.44 -82.47
N ILE F 229 12.82 -40.47 -81.90
CA ILE F 229 11.97 -41.66 -81.90
C ILE F 229 10.57 -41.24 -82.32
N HIS F 230 9.96 -42.00 -83.24
CA HIS F 230 8.67 -41.56 -83.78
C HIS F 230 7.60 -42.65 -83.74
N ASN F 231 8.00 -43.92 -83.85
CA ASN F 231 7.03 -45.02 -83.80
C ASN F 231 6.86 -45.50 -82.37
N TYR F 232 6.20 -44.65 -81.58
CA TYR F 232 6.18 -44.84 -80.13
C TYR F 232 5.53 -46.17 -79.75
N LYS F 233 4.59 -46.65 -80.56
CA LYS F 233 4.01 -47.97 -80.32
C LYS F 233 5.08 -49.04 -80.20
N ASP F 234 6.11 -48.95 -81.01
CA ASP F 234 7.19 -49.93 -80.96
C ASP F 234 8.27 -49.54 -79.97
N GLU F 235 8.44 -48.24 -79.73
CA GLU F 235 9.41 -47.79 -78.75
C GLU F 235 9.02 -48.22 -77.35
N LEU F 236 7.73 -48.16 -77.04
CA LEU F 236 7.24 -48.35 -75.68
C LEU F 236 6.37 -49.59 -75.52
N PHE F 237 5.31 -49.71 -76.31
CA PHE F 237 4.25 -50.65 -75.99
C PHE F 237 4.66 -52.08 -76.28
N SER F 238 5.54 -52.27 -77.28
CA SER F 238 5.82 -53.57 -77.88
C SER F 238 6.01 -54.70 -76.87
N LYS F 239 7.02 -54.60 -76.02
CA LYS F 239 7.32 -55.68 -75.09
C LYS F 239 7.59 -55.10 -73.71
N TYR F 240 7.06 -55.78 -72.69
CA TYR F 240 7.16 -55.25 -71.33
C TYR F 240 8.60 -55.04 -70.90
N GLU F 241 9.53 -55.87 -71.38
CA GLU F 241 10.93 -55.64 -71.08
C GLU F 241 11.42 -54.34 -71.67
N ASN F 242 11.09 -54.09 -72.94
CA ASN F 242 11.38 -52.78 -73.52
C ASN F 242 10.63 -51.69 -72.77
N THR F 243 9.36 -51.94 -72.45
CA THR F 243 8.59 -51.01 -71.65
C THR F 243 9.32 -50.70 -70.35
N LYS F 244 9.76 -51.74 -69.64
CA LYS F 244 10.45 -51.54 -68.37
C LYS F 244 11.73 -50.75 -68.53
N SER F 245 12.41 -50.90 -69.68
CA SER F 245 13.59 -50.09 -69.95
C SER F 245 13.22 -48.61 -70.00
N PHE F 246 12.09 -48.30 -70.64
CA PHE F 246 11.68 -46.91 -70.78
C PHE F 246 11.43 -46.28 -69.42
N TYR F 247 10.83 -47.02 -68.49
CA TYR F 247 10.77 -46.54 -67.13
C TYR F 247 12.15 -46.26 -66.57
N GLN F 248 13.15 -47.01 -67.02
CA GLN F 248 14.49 -46.92 -66.46
C GLN F 248 15.32 -45.81 -67.08
N LYS F 249 15.02 -45.42 -68.31
CA LYS F 249 15.78 -44.36 -68.95
C LYS F 249 15.50 -43.04 -68.27
N GLU F 250 16.55 -42.26 -68.04
CA GLU F 250 16.43 -40.99 -67.33
C GLU F 250 15.91 -39.95 -68.30
N ALA F 251 14.59 -39.92 -68.44
CA ALA F 251 13.92 -39.04 -69.39
C ALA F 251 13.38 -37.78 -68.73
N PHE F 252 13.62 -37.59 -67.44
CA PHE F 252 13.03 -36.51 -66.67
C PHE F 252 14.12 -35.71 -65.98
N LEU F 253 13.91 -34.40 -65.87
CA LEU F 253 14.73 -33.54 -65.04
C LEU F 253 13.86 -32.84 -64.02
N LEU F 254 14.29 -32.84 -62.77
CA LEU F 254 13.64 -32.06 -61.72
C LEU F 254 14.46 -30.81 -61.48
N LEU F 255 13.80 -29.66 -61.45
CA LEU F 255 14.45 -28.37 -61.33
C LEU F 255 14.05 -27.71 -60.02
N SER F 256 14.94 -26.89 -59.49
CA SER F 256 14.69 -26.17 -58.24
C SER F 256 14.99 -24.70 -58.40
N MET F 257 14.37 -23.89 -57.54
CA MET F 257 14.58 -22.45 -57.50
C MET F 257 14.76 -22.06 -56.04
N ASP F 258 15.36 -20.89 -55.81
CA ASP F 258 15.48 -20.41 -54.43
C ASP F 258 15.81 -18.93 -54.47
N MET F 259 14.92 -18.11 -53.92
CA MET F 259 15.21 -16.72 -53.61
C MET F 259 16.22 -16.61 -52.47
N SER F 260 17.30 -15.87 -52.72
CA SER F 260 18.40 -15.82 -51.76
C SER F 260 18.10 -14.91 -50.58
N GLY F 261 17.75 -13.66 -50.85
CA GLY F 261 17.78 -12.63 -49.83
C GLY F 261 16.43 -12.14 -49.35
N ILE F 262 15.52 -13.08 -49.08
CA ILE F 262 14.18 -12.74 -48.62
C ILE F 262 14.24 -11.74 -47.47
N GLN F 263 14.87 -12.16 -46.37
CA GLN F 263 14.64 -11.51 -45.08
C GLN F 263 15.13 -10.07 -45.07
N ASP F 264 16.35 -9.84 -45.52
CA ASP F 264 16.90 -8.50 -45.43
C ASP F 264 16.25 -7.54 -46.41
N PHE F 265 15.62 -8.04 -47.46
CA PHE F 265 14.88 -7.16 -48.35
C PHE F 265 13.52 -6.81 -47.76
N ILE F 266 12.85 -7.79 -47.13
CA ILE F 266 11.52 -7.51 -46.63
C ILE F 266 11.57 -6.74 -45.32
N TYR F 267 12.64 -6.86 -44.56
CA TYR F 267 12.71 -6.25 -43.24
C TYR F 267 13.78 -5.18 -43.12
N ASN F 268 13.80 -4.24 -44.06
CA ASN F 268 14.65 -3.07 -43.94
C ASN F 268 13.84 -1.78 -43.97
N ILE F 269 12.80 -1.71 -43.15
CA ILE F 269 11.86 -0.58 -43.16
C ILE F 269 12.05 0.25 -41.90
N SER F 270 12.00 1.57 -42.06
CA SER F 270 12.02 2.49 -40.93
C SER F 270 10.97 3.60 -40.99
N GLY F 271 10.25 3.77 -42.11
CA GLY F 271 9.38 4.91 -42.30
C GLY F 271 8.03 4.79 -41.62
N SER F 272 7.20 5.81 -41.85
CA SER F 272 5.90 5.92 -41.20
C SER F 272 4.80 5.09 -41.87
N LYS F 273 5.00 4.63 -43.11
CA LYS F 273 4.03 3.79 -43.78
C LYS F 273 4.34 2.30 -43.60
N ALA F 274 4.74 1.92 -42.39
CA ALA F 274 5.19 0.57 -42.11
C ALA F 274 4.16 -0.47 -42.54
N LEU F 275 2.89 -0.29 -42.14
CA LEU F 275 1.87 -1.24 -42.58
C LEU F 275 1.73 -1.24 -44.08
N LYS F 276 1.70 -0.05 -44.69
CA LYS F 276 1.37 0.04 -46.10
C LYS F 276 2.45 -0.61 -46.96
N SER F 277 3.72 -0.39 -46.62
CA SER F 277 4.80 -0.95 -47.43
C SER F 277 4.86 -2.46 -47.31
N LEU F 278 4.78 -2.98 -46.08
CA LEU F 278 5.07 -4.39 -45.86
C LEU F 278 4.10 -5.27 -46.63
N ARG F 279 2.82 -4.96 -46.58
CA ARG F 279 1.86 -5.72 -47.37
C ARG F 279 2.18 -5.64 -48.85
N SER F 280 2.87 -4.58 -49.25
CA SER F 280 3.20 -4.39 -50.66
C SER F 280 4.57 -4.92 -51.02
N ARG F 281 5.56 -4.77 -50.15
CA ARG F 281 6.88 -5.34 -50.44
C ARG F 281 6.82 -6.86 -50.52
N SER F 282 6.11 -7.46 -49.55
CA SER F 282 5.94 -8.94 -49.53
C SER F 282 5.28 -9.37 -50.83
N PHE F 283 4.28 -8.61 -51.28
CA PHE F 283 3.57 -9.00 -52.48
C PHE F 283 4.41 -8.81 -53.72
N TYR F 284 5.24 -7.78 -53.74
CA TYR F 284 6.10 -7.57 -54.90
C TYR F 284 7.10 -8.70 -55.04
N LEU F 285 7.67 -9.14 -53.93
CA LEU F 285 8.62 -10.26 -53.99
C LEU F 285 7.92 -11.54 -54.42
N GLU F 286 6.73 -11.79 -53.89
CA GLU F 286 5.95 -12.95 -54.30
C GLU F 286 5.67 -12.94 -55.79
N LEU F 287 5.18 -11.82 -56.30
CA LEU F 287 4.85 -11.74 -57.71
C LEU F 287 6.09 -11.85 -58.56
N MET F 288 7.24 -11.40 -58.05
CA MET F 288 8.49 -11.63 -58.77
C MET F 288 8.76 -13.10 -58.94
N LEU F 289 8.63 -13.87 -57.86
CA LEU F 289 8.84 -15.31 -57.98
C LEU F 289 7.87 -15.91 -59.00
N GLU F 290 6.61 -15.50 -58.94
CA GLU F 290 5.62 -16.06 -59.85
C GLU F 290 5.94 -15.71 -61.30
N VAL F 291 6.35 -14.49 -61.58
CA VAL F 291 6.62 -14.13 -62.96
C VAL F 291 7.87 -14.85 -63.46
N ILE F 292 8.88 -15.00 -62.61
CA ILE F 292 10.04 -15.81 -63.02
C ILE F 292 9.61 -17.20 -63.43
N VAL F 293 8.82 -17.86 -62.59
CA VAL F 293 8.50 -19.26 -62.90
C VAL F 293 7.64 -19.34 -64.15
N ASP F 294 6.67 -18.43 -64.28
CA ASP F 294 5.80 -18.46 -65.45
C ASP F 294 6.61 -18.21 -66.72
N GLN F 295 7.54 -17.26 -66.68
CA GLN F 295 8.32 -16.94 -67.86
C GLN F 295 9.23 -18.11 -68.23
N LEU F 296 9.78 -18.80 -67.24
CA LEU F 296 10.60 -19.97 -67.54
C LEU F 296 9.75 -21.03 -68.23
N LEU F 297 8.57 -21.29 -67.68
CA LEU F 297 7.70 -22.28 -68.30
C LEU F 297 7.38 -21.89 -69.74
N GLU F 298 7.17 -20.60 -69.99
CA GLU F 298 6.91 -20.15 -71.34
C GLU F 298 8.09 -20.46 -72.25
N ARG F 299 9.30 -20.21 -71.76
CA ARG F 299 10.48 -20.54 -72.55
C ARG F 299 10.50 -22.01 -72.93
N LEU F 300 10.38 -22.90 -71.95
CA LEU F 300 10.50 -24.31 -72.23
C LEU F 300 9.29 -24.88 -72.95
N GLU F 301 8.36 -24.04 -73.37
CA GLU F 301 7.18 -24.45 -74.13
C GLU F 301 6.32 -25.44 -73.35
N LEU F 302 6.49 -25.51 -72.05
CA LEU F 302 5.76 -26.44 -71.20
C LEU F 302 4.51 -25.79 -70.63
N ALA F 303 3.71 -26.61 -69.97
CA ALA F 303 2.43 -26.17 -69.44
C ALA F 303 2.55 -25.78 -67.98
N ARG F 304 1.54 -25.07 -67.50
CA ARG F 304 1.50 -24.66 -66.10
C ARG F 304 1.36 -25.85 -65.17
N ALA F 305 1.02 -27.02 -65.71
CA ALA F 305 0.92 -28.21 -64.87
C ALA F 305 2.26 -28.61 -64.29
N ASN F 306 3.33 -28.44 -65.05
CA ASN F 306 4.65 -28.90 -64.62
C ASN F 306 5.14 -28.17 -63.39
N LEU F 307 4.52 -27.07 -63.01
CA LEU F 307 4.82 -26.44 -61.74
C LEU F 307 4.22 -27.28 -60.63
N LEU F 308 5.06 -27.73 -59.70
CA LEU F 308 4.58 -28.56 -58.60
C LEU F 308 4.44 -27.80 -57.30
N TYR F 309 5.30 -26.80 -57.07
CA TYR F 309 5.23 -26.06 -55.79
C TYR F 309 5.86 -24.67 -55.91
N THR F 310 5.14 -23.63 -55.51
CA THR F 310 5.71 -22.30 -55.38
C THR F 310 5.35 -21.78 -54.00
N GLY F 311 6.18 -20.92 -53.46
CA GLY F 311 5.95 -20.38 -52.15
C GLY F 311 7.26 -20.11 -51.47
N GLY F 312 7.25 -19.12 -50.59
CA GLY F 312 8.49 -18.72 -49.95
C GLY F 312 9.44 -18.25 -51.02
N GLY F 313 10.51 -18.98 -51.23
CA GLY F 313 11.42 -18.66 -52.30
C GLY F 313 11.64 -19.83 -53.24
N HIS F 314 11.12 -20.98 -52.87
CA HIS F 314 11.35 -22.20 -53.63
C HIS F 314 10.29 -22.39 -54.70
N ALA F 315 10.70 -23.01 -55.78
CA ALA F 315 9.79 -23.50 -56.80
C ALA F 315 10.40 -24.74 -57.40
N TYR F 316 9.56 -25.73 -57.67
CA TYR F 316 10.02 -26.99 -58.23
C TYR F 316 9.35 -27.15 -59.57
N LEU F 317 10.13 -27.50 -60.58
CA LEU F 317 9.59 -27.70 -61.92
C LEU F 317 10.02 -29.06 -62.41
N LEU F 318 9.12 -29.76 -63.06
CA LEU F 318 9.43 -31.03 -63.71
C LEU F 318 9.43 -30.80 -65.20
N VAL F 319 10.60 -30.88 -65.81
CA VAL F 319 10.80 -30.52 -67.20
C VAL F 319 11.45 -31.69 -67.92
N SER F 320 11.70 -31.50 -69.21
CA SER F 320 12.23 -32.57 -70.04
C SER F 320 13.73 -32.74 -69.86
N ASN F 321 14.19 -33.97 -70.05
CA ASN F 321 15.62 -34.28 -69.94
C ASN F 321 16.25 -34.34 -71.32
N THR F 322 16.30 -33.18 -71.97
CA THR F 322 16.88 -33.06 -73.29
C THR F 322 18.03 -32.07 -73.25
N ASP F 323 18.82 -32.06 -74.32
CA ASP F 323 19.88 -31.07 -74.42
C ASP F 323 19.32 -29.68 -74.66
N LYS F 324 18.25 -29.60 -75.45
CA LYS F 324 17.63 -28.31 -75.73
C LYS F 324 17.19 -27.62 -74.45
N VAL F 325 16.49 -28.35 -73.60
CA VAL F 325 15.97 -27.78 -72.37
C VAL F 325 17.12 -27.30 -71.49
N LYS F 326 18.17 -28.10 -71.37
CA LYS F 326 19.28 -27.73 -70.50
C LYS F 326 19.99 -26.48 -71.01
N LYS F 327 20.19 -26.39 -72.32
CA LYS F 327 20.82 -25.22 -72.89
C LYS F 327 19.99 -23.97 -72.60
N LYS F 328 18.67 -24.06 -72.81
CA LYS F 328 17.82 -22.91 -72.50
C LYS F 328 17.89 -22.56 -71.01
N ILE F 329 17.92 -23.56 -70.15
CA ILE F 329 17.97 -23.29 -68.71
C ILE F 329 19.23 -22.52 -68.37
N THR F 330 20.36 -22.93 -68.93
CA THR F 330 21.60 -22.22 -68.64
C THR F 330 21.52 -20.78 -69.11
N GLN F 331 21.01 -20.56 -70.32
CA GLN F 331 20.93 -19.20 -70.83
C GLN F 331 20.01 -18.34 -69.97
N PHE F 332 18.88 -18.91 -69.54
CA PHE F 332 17.92 -18.16 -68.76
C PHE F 332 18.46 -17.84 -67.37
N ASN F 333 19.20 -18.78 -66.78
CA ASN F 333 19.88 -18.49 -65.53
C ASN F 333 20.84 -17.31 -65.71
N ASN F 334 21.57 -17.31 -66.82
CA ASN F 334 22.48 -16.21 -67.09
C ASN F 334 21.74 -14.88 -67.12
N GLU F 335 20.64 -14.82 -67.88
CA GLU F 335 19.93 -13.56 -67.99
C GLU F 335 19.36 -13.11 -66.67
N LEU F 336 18.78 -14.04 -65.90
CA LEU F 336 18.22 -13.67 -64.61
C LEU F 336 19.28 -13.12 -63.67
N LYS F 337 20.42 -13.80 -63.60
CA LYS F 337 21.44 -13.35 -62.66
C LYS F 337 21.97 -11.99 -63.07
N LYS F 338 22.11 -11.75 -64.38
CA LYS F 338 22.55 -10.43 -64.83
C LYS F 338 21.55 -9.35 -64.42
N TRP F 339 20.25 -9.62 -64.61
CA TRP F 339 19.24 -8.67 -64.15
C TRP F 339 19.42 -8.37 -62.67
N PHE F 340 19.34 -9.42 -61.85
CA PHE F 340 19.32 -9.24 -60.40
C PHE F 340 20.57 -8.54 -59.90
N MET F 341 21.70 -8.70 -60.59
CA MET F 341 22.82 -7.85 -60.29
C MET F 341 22.57 -6.42 -60.74
N SER F 342 21.88 -6.25 -61.88
CA SER F 342 21.69 -4.92 -62.42
C SER F 342 20.76 -4.06 -61.59
N GLU F 343 19.96 -4.62 -60.68
CA GLU F 343 19.29 -3.77 -59.70
C GLU F 343 19.75 -3.94 -58.26
N PHE F 344 19.94 -5.15 -57.75
CA PHE F 344 20.10 -5.24 -56.30
C PHE F 344 21.51 -5.54 -55.82
N THR F 345 22.20 -6.51 -56.42
CA THR F 345 23.60 -6.87 -56.20
C THR F 345 23.92 -7.62 -54.90
N THR F 346 23.05 -7.60 -53.90
CA THR F 346 23.21 -8.56 -52.82
C THR F 346 21.86 -8.92 -52.23
N ASP F 347 20.88 -8.05 -52.44
CA ASP F 347 19.64 -8.16 -51.68
C ASP F 347 18.77 -9.28 -52.19
N LEU F 348 18.90 -9.63 -53.47
CA LEU F 348 18.07 -10.66 -54.07
C LEU F 348 18.86 -11.33 -55.17
N SER F 349 18.90 -12.66 -55.14
CA SER F 349 19.47 -13.42 -56.23
C SER F 349 18.77 -14.77 -56.31
N LEU F 350 18.76 -15.35 -57.50
CA LEU F 350 18.10 -16.61 -57.76
C LEU F 350 19.09 -17.64 -58.24
N SER F 351 18.96 -18.84 -57.70
CA SER F 351 19.80 -19.96 -58.06
C SER F 351 18.91 -21.11 -58.51
N MET F 352 19.30 -21.76 -59.60
CA MET F 352 18.56 -22.89 -60.11
C MET F 352 19.49 -24.07 -60.25
N ALA F 353 18.95 -25.26 -60.05
CA ALA F 353 19.72 -26.46 -60.30
C ALA F 353 18.75 -27.55 -60.72
N PHE F 354 19.27 -28.52 -61.47
CA PHE F 354 18.45 -29.59 -61.99
C PHE F 354 19.20 -30.89 -61.83
N GLU F 355 18.44 -31.98 -61.84
CA GLU F 355 19.06 -33.29 -61.67
C GLU F 355 18.33 -34.31 -62.54
N LYS F 356 19.09 -35.17 -63.18
CA LYS F 356 18.50 -36.27 -63.92
C LYS F 356 17.81 -37.23 -62.98
N CYS F 357 16.62 -37.68 -63.37
CA CYS F 357 15.88 -38.67 -62.62
C CYS F 357 15.13 -39.56 -63.60
N SER F 358 14.99 -40.83 -63.25
CA SER F 358 14.37 -41.81 -64.13
C SER F 358 12.96 -42.11 -63.66
N GLY F 359 12.07 -42.33 -64.63
CA GLY F 359 10.66 -42.51 -64.32
C GLY F 359 10.42 -43.65 -63.36
N ASP F 360 11.28 -44.66 -63.38
CA ASP F 360 11.19 -45.74 -62.41
C ASP F 360 11.25 -45.19 -61.00
N ASP F 361 11.98 -44.10 -60.80
CA ASP F 361 12.09 -43.49 -59.47
C ASP F 361 10.81 -42.77 -59.08
N LEU F 362 9.99 -42.35 -60.05
CA LEU F 362 8.77 -41.67 -59.69
C LEU F 362 7.69 -42.62 -59.19
N MET F 363 7.79 -43.91 -59.50
CA MET F 363 6.80 -44.87 -59.03
C MET F 363 7.15 -45.46 -57.68
N ASN F 364 8.00 -44.80 -56.90
CA ASN F 364 8.32 -45.24 -55.54
C ASN F 364 8.82 -46.68 -55.56
N THR F 365 9.74 -46.96 -56.47
CA THR F 365 10.21 -48.32 -56.64
C THR F 365 11.14 -48.75 -55.50
N SER F 366 12.07 -47.90 -55.12
CA SER F 366 13.03 -48.25 -54.09
C SER F 366 13.19 -47.11 -53.10
N GLY F 367 12.12 -46.34 -52.89
CA GLY F 367 12.20 -45.13 -52.08
C GLY F 367 13.16 -44.12 -52.67
N ASN F 368 13.64 -44.40 -53.89
CA ASN F 368 14.69 -43.60 -54.50
C ASN F 368 14.22 -42.19 -54.81
N TYR F 369 12.91 -41.98 -54.82
CA TYR F 369 12.38 -40.62 -54.93
C TYR F 369 12.99 -39.74 -53.85
N ARG F 370 13.11 -40.29 -52.65
CA ARG F 370 13.67 -39.54 -51.54
C ARG F 370 15.15 -39.25 -51.75
N THR F 371 15.87 -40.21 -52.32
CA THR F 371 17.28 -39.99 -52.64
C THR F 371 17.45 -38.88 -53.66
N ILE F 372 16.71 -38.94 -54.76
CA ILE F 372 16.91 -37.97 -55.83
C ILE F 372 16.48 -36.59 -55.38
N TRP F 373 15.42 -36.52 -54.57
CA TRP F 373 14.92 -35.24 -54.09
C TRP F 373 15.95 -34.60 -53.16
N ARG F 374 16.53 -35.39 -52.27
CA ARG F 374 17.58 -34.88 -51.40
C ARG F 374 18.82 -34.48 -52.20
N ASN F 375 19.13 -35.24 -53.25
CA ASN F 375 20.29 -34.90 -54.07
C ASN F 375 20.13 -33.54 -54.73
N VAL F 376 18.95 -33.27 -55.31
CA VAL F 376 18.76 -31.97 -55.94
C VAL F 376 18.78 -30.87 -54.88
N SER F 377 18.26 -31.15 -53.70
CA SER F 377 18.34 -30.15 -52.63
C SER F 377 19.79 -29.83 -52.30
N SER F 378 20.63 -30.85 -52.20
CA SER F 378 22.03 -30.62 -51.89
C SER F 378 22.73 -29.84 -53.01
N LYS F 379 22.43 -30.18 -54.26
CA LYS F 379 23.02 -29.45 -55.36
C LYS F 379 22.63 -27.99 -55.34
N LEU F 380 21.38 -27.69 -54.98
CA LEU F 380 21.00 -26.29 -54.83
C LEU F 380 21.77 -25.64 -53.69
N SER F 381 21.81 -26.29 -52.52
CA SER F 381 22.46 -25.69 -51.37
C SER F 381 23.97 -25.59 -51.55
N ASP F 382 24.52 -26.24 -52.56
CA ASP F 382 25.94 -26.18 -52.81
C ASP F 382 26.26 -25.50 -54.13
N ILE F 383 25.27 -25.06 -54.88
CA ILE F 383 25.48 -24.14 -55.99
C ILE F 383 24.94 -22.75 -55.65
N LYS F 384 24.45 -22.57 -54.43
CA LYS F 384 24.34 -21.22 -53.87
C LYS F 384 25.63 -20.75 -53.25
N ALA F 385 26.66 -21.60 -53.19
CA ALA F 385 27.94 -21.16 -52.69
C ALA F 385 28.66 -20.31 -53.71
N HIS F 386 28.85 -20.83 -54.91
CA HIS F 386 29.62 -20.16 -55.95
C HIS F 386 28.65 -19.38 -56.82
N LYS F 387 28.47 -18.10 -56.51
CA LYS F 387 27.39 -17.31 -57.07
C LYS F 387 27.84 -16.29 -58.09
N TYR F 388 29.07 -15.80 -57.98
CA TYR F 388 29.51 -14.70 -58.82
C TYR F 388 30.86 -15.05 -59.43
N SER F 389 30.98 -14.84 -60.74
CA SER F 389 32.22 -15.13 -61.44
C SER F 389 33.24 -14.01 -61.18
N ALA F 390 34.45 -14.22 -61.71
CA ALA F 390 35.53 -13.29 -61.44
C ALA F 390 35.24 -11.91 -62.02
N GLU F 391 34.92 -11.86 -63.32
CA GLU F 391 34.64 -10.56 -63.94
C GLU F 391 33.45 -9.90 -63.27
N ASP F 392 32.49 -10.69 -62.80
CA ASP F 392 31.36 -10.13 -62.06
C ASP F 392 31.83 -9.38 -60.81
N ILE F 393 32.63 -10.03 -59.98
CA ILE F 393 33.00 -9.38 -58.73
C ILE F 393 33.91 -8.20 -58.98
N LEU F 394 34.71 -8.24 -60.05
CA LEU F 394 35.44 -7.02 -60.42
C LEU F 394 34.45 -5.89 -60.76
N LYS F 395 33.45 -6.18 -61.58
CA LYS F 395 32.53 -5.13 -61.98
C LYS F 395 31.80 -4.56 -60.77
N LEU F 396 31.49 -5.40 -59.79
CA LEU F 396 30.82 -4.92 -58.59
C LEU F 396 31.67 -3.88 -57.86
N ASN F 397 32.99 -4.07 -57.84
CA ASN F 397 33.85 -3.23 -57.03
C ASN F 397 34.40 -2.02 -57.74
N HIS F 398 34.42 -1.99 -59.07
CA HIS F 398 35.01 -0.85 -59.76
C HIS F 398 33.95 -0.15 -60.60
N PHE F 399 33.08 0.60 -59.92
CA PHE F 399 32.11 1.58 -60.45
C PHE F 399 32.09 2.74 -59.46
N HIS F 400 32.92 3.73 -59.71
CA HIS F 400 32.88 4.96 -58.92
C HIS F 400 31.75 5.84 -59.44
N SER F 401 30.64 5.89 -58.71
CA SER F 401 29.42 6.50 -59.20
C SER F 401 28.94 7.57 -58.24
N TYR F 402 28.47 8.69 -58.79
CA TYR F 402 27.85 9.76 -58.00
C TYR F 402 26.52 9.29 -57.44
N GLY F 403 26.45 9.05 -56.14
CA GLY F 403 25.25 8.52 -55.53
C GLY F 403 24.77 9.39 -54.39
N ASP F 404 23.45 9.45 -54.24
CA ASP F 404 22.80 10.03 -53.08
C ASP F 404 22.57 8.91 -52.05
N ARG F 405 21.74 9.18 -51.05
CA ARG F 405 21.80 8.40 -49.83
C ARG F 405 20.52 7.65 -49.55
N GLU F 406 20.41 7.10 -48.34
CA GLU F 406 19.57 5.94 -48.10
C GLU F 406 18.11 6.33 -47.98
N CYS F 407 17.25 5.60 -48.70
CA CYS F 407 15.81 5.83 -48.62
C CYS F 407 15.36 5.71 -47.17
N LYS F 408 14.57 6.67 -46.71
CA LYS F 408 14.04 6.58 -45.35
C LYS F 408 13.15 5.35 -45.20
N GLU F 409 12.26 5.13 -46.16
CA GLU F 409 11.40 3.95 -46.12
C GLU F 409 12.21 2.67 -46.29
N CYS F 410 13.04 2.62 -47.33
CA CYS F 410 13.78 1.41 -47.70
C CYS F 410 15.23 1.59 -47.31
N LEU F 411 15.69 0.83 -46.32
CA LEU F 411 17.07 1.03 -45.89
C LEU F 411 18.02 0.51 -46.96
N ARG F 412 18.30 1.36 -47.95
CA ARG F 412 19.22 1.02 -49.04
C ARG F 412 19.89 2.30 -49.52
N SER F 413 21.20 2.23 -49.70
CA SER F 413 21.96 3.36 -50.21
C SER F 413 22.12 3.33 -51.72
N ASP F 414 22.35 2.14 -52.28
CA ASP F 414 22.72 2.04 -53.68
C ASP F 414 21.61 2.60 -54.57
N ILE F 415 20.35 2.28 -54.24
CA ILE F 415 19.23 2.80 -55.02
C ILE F 415 19.18 4.32 -54.88
N ASP F 416 18.65 4.96 -55.91
CA ASP F 416 18.85 6.39 -56.15
C ASP F 416 17.61 7.14 -55.68
N ILE F 417 17.75 7.95 -54.62
CA ILE F 417 16.59 8.58 -54.01
C ILE F 417 16.14 9.79 -54.80
N ASN F 418 14.98 10.31 -54.41
CA ASN F 418 14.33 11.46 -55.02
C ASN F 418 13.55 12.16 -53.91
N ASP F 419 12.53 12.93 -54.30
CA ASP F 419 11.68 13.67 -53.39
C ASP F 419 11.33 12.87 -52.15
N ASP F 420 11.30 13.56 -51.00
CA ASP F 420 11.00 12.96 -49.70
C ASP F 420 12.02 11.87 -49.34
N GLY F 421 13.21 11.96 -49.91
CA GLY F 421 14.25 10.97 -49.63
C GLY F 421 13.85 9.56 -49.98
N LEU F 422 13.18 9.38 -51.11
CA LEU F 422 12.68 8.08 -51.52
C LEU F 422 13.07 7.84 -52.97
N CYS F 423 13.46 6.61 -53.27
CA CYS F 423 13.80 6.26 -54.65
C CYS F 423 12.52 6.07 -55.46
N SER F 424 12.72 5.76 -56.75
CA SER F 424 11.59 5.45 -57.61
C SER F 424 10.97 4.10 -57.25
N ILE F 425 11.80 3.11 -56.93
CA ILE F 425 11.28 1.78 -56.61
C ILE F 425 10.44 1.82 -55.35
N CYS F 426 10.92 2.49 -54.31
CA CYS F 426 10.13 2.59 -53.09
C CYS F 426 8.81 3.31 -53.35
N GLU F 427 8.81 4.32 -54.21
CA GLU F 427 7.57 5.02 -54.50
C GLU F 427 6.62 4.15 -55.31
N GLY F 428 7.15 3.34 -56.22
CA GLY F 428 6.30 2.38 -56.92
C GLY F 428 5.71 1.36 -55.97
N ILE F 429 6.51 0.92 -54.99
CA ILE F 429 6.01 0.03 -53.96
C ILE F 429 4.90 0.71 -53.18
N ILE F 430 5.05 2.00 -52.89
CA ILE F 430 4.00 2.73 -52.19
C ILE F 430 2.74 2.83 -53.05
N ASN F 431 2.92 3.02 -54.36
CA ASN F 431 1.78 3.06 -55.27
C ASN F 431 1.02 1.75 -55.25
N ILE F 432 1.72 0.63 -55.43
CA ILE F 432 1.04 -0.66 -55.42
C ILE F 432 0.41 -0.89 -54.06
N SER F 433 1.02 -0.37 -52.99
CA SER F 433 0.42 -0.49 -51.67
C SER F 433 -0.92 0.23 -51.61
N ASN F 434 -0.97 1.44 -52.16
CA ASN F 434 -2.24 2.17 -52.15
C ASN F 434 -3.27 1.45 -52.99
N ASP F 435 -2.84 0.87 -54.12
CA ASP F 435 -3.77 0.22 -55.03
C ASP F 435 -4.18 -1.19 -54.61
N LEU F 436 -3.55 -1.77 -53.58
CA LEU F 436 -3.89 -3.14 -53.21
C LEU F 436 -5.35 -3.29 -52.79
N ARG F 437 -5.80 -2.45 -51.86
CA ARG F 437 -6.97 -2.81 -51.08
C ARG F 437 -8.25 -2.82 -51.92
N ASP F 438 -8.36 -1.92 -52.89
CA ASP F 438 -9.61 -1.77 -53.61
C ASP F 438 -9.67 -2.59 -54.90
N LYS F 439 -8.52 -2.90 -55.50
CA LYS F 439 -8.50 -3.60 -56.77
C LYS F 439 -7.85 -4.97 -56.62
N SER F 440 -8.24 -5.90 -57.51
CA SER F 440 -7.91 -7.30 -57.33
C SER F 440 -7.08 -7.91 -58.45
N PHE F 441 -7.21 -7.46 -59.68
CA PHE F 441 -6.50 -8.07 -60.79
C PHE F 441 -5.17 -7.36 -61.02
N PHE F 442 -4.17 -8.13 -61.41
CA PHE F 442 -2.81 -7.64 -61.55
C PHE F 442 -2.30 -8.02 -62.92
N VAL F 443 -1.72 -7.05 -63.64
CA VAL F 443 -1.49 -7.18 -65.07
C VAL F 443 -0.02 -7.00 -65.37
N LEU F 444 0.49 -7.84 -66.26
CA LEU F 444 1.88 -7.82 -66.69
C LEU F 444 1.91 -7.20 -68.06
N SER F 445 2.53 -6.03 -68.19
CA SER F 445 2.47 -5.28 -69.43
C SER F 445 3.78 -4.52 -69.62
N GLU F 446 3.89 -3.84 -70.74
CA GLU F 446 5.15 -3.21 -71.13
C GLU F 446 5.38 -1.87 -70.44
N THR F 447 4.34 -1.27 -69.84
CA THR F 447 4.51 0.04 -69.22
C THR F 447 4.36 -0.03 -67.70
N GLY F 448 3.22 -0.51 -67.21
CA GLY F 448 2.99 -0.75 -65.80
C GLY F 448 3.42 0.34 -64.82
N LYS F 449 3.66 -0.05 -63.57
CA LYS F 449 4.11 0.88 -62.54
C LYS F 449 5.38 0.37 -61.88
N LEU F 450 5.44 -0.92 -61.60
CA LEU F 450 6.57 -1.55 -60.92
C LEU F 450 7.37 -2.38 -61.92
N LYS F 451 8.67 -2.48 -61.68
CA LYS F 451 9.58 -3.05 -62.66
C LYS F 451 9.78 -4.53 -62.38
N MET F 452 9.49 -5.35 -63.39
CA MET F 452 9.45 -6.79 -63.46
C MET F 452 10.66 -7.32 -64.24
N PRO F 453 11.04 -8.57 -64.01
CA PRO F 453 12.33 -9.07 -64.47
C PRO F 453 12.67 -8.89 -65.94
N PHE F 454 11.98 -9.57 -66.83
CA PHE F 454 12.42 -9.64 -68.22
C PHE F 454 11.78 -8.51 -69.03
N ASN F 455 12.11 -7.29 -68.62
CA ASN F 455 11.66 -6.08 -69.30
C ASN F 455 10.14 -6.04 -69.40
N LYS F 456 9.51 -6.08 -68.24
CA LYS F 456 8.07 -5.99 -68.11
C LYS F 456 7.74 -5.04 -66.97
N PHE F 457 6.45 -4.73 -66.83
CA PHE F 457 5.99 -3.96 -65.68
C PHE F 457 4.60 -4.40 -65.26
N ILE F 458 4.24 -4.04 -64.04
CA ILE F 458 2.92 -4.34 -63.47
C ILE F 458 2.16 -3.04 -63.25
N SER F 459 0.89 -3.04 -63.63
CA SER F 459 -0.06 -2.02 -63.20
C SER F 459 -1.27 -2.75 -62.63
N VAL F 460 -2.26 -1.98 -62.18
CA VAL F 460 -3.42 -2.53 -61.49
C VAL F 460 -4.68 -2.10 -62.21
N ILE F 461 -5.67 -2.99 -62.26
CA ILE F 461 -6.90 -2.80 -63.02
C ILE F 461 -8.08 -3.43 -62.31
N ASP F 462 -9.27 -3.34 -62.90
CA ASP F 462 -10.49 -3.97 -62.40
C ASP F 462 -11.04 -4.92 -63.46
N TYR F 463 -12.04 -5.73 -63.07
CA TYR F 463 -12.42 -6.86 -63.91
C TYR F 463 -12.95 -6.40 -65.27
N GLU F 464 -13.72 -5.31 -65.28
CA GLU F 464 -14.15 -4.74 -66.56
C GLU F 464 -12.94 -4.28 -67.35
N GLU F 465 -11.98 -3.63 -66.68
CA GLU F 465 -10.76 -3.21 -67.34
C GLU F 465 -9.96 -4.41 -67.83
N ALA F 466 -9.94 -5.48 -67.04
CA ALA F 466 -9.30 -6.71 -67.48
C ALA F 466 -9.94 -7.22 -68.76
N GLU F 467 -11.26 -7.25 -68.80
CA GLU F 467 -11.95 -7.67 -70.02
C GLU F 467 -11.53 -6.80 -71.19
N MET F 468 -11.64 -5.48 -71.01
CA MET F 468 -11.28 -4.54 -72.07
C MET F 468 -9.87 -4.80 -72.59
N LEU F 469 -8.95 -5.17 -71.71
CA LEU F 469 -7.63 -5.58 -72.17
C LEU F 469 -7.70 -6.91 -72.91
N VAL F 470 -8.61 -7.79 -72.51
CA VAL F 470 -8.69 -9.11 -73.14
C VAL F 470 -9.08 -9.00 -74.61
N GLN F 471 -10.17 -8.28 -74.91
CA GLN F 471 -10.47 -8.21 -76.35
C GLN F 471 -9.47 -7.35 -77.08
N ASN F 472 -8.71 -6.52 -76.37
CA ASN F 472 -7.61 -5.80 -76.98
C ASN F 472 -6.48 -6.75 -77.36
N ASN F 473 -6.52 -7.99 -76.90
CA ASN F 473 -5.55 -9.02 -77.26
C ASN F 473 -4.13 -8.63 -76.91
N ASN F 474 -3.97 -7.85 -75.85
CA ASN F 474 -2.64 -7.55 -75.34
C ASN F 474 -2.05 -8.78 -74.67
N GLN F 475 -0.74 -8.96 -74.81
CA GLN F 475 -0.06 -10.17 -74.34
C GLN F 475 0.01 -10.13 -72.82
N VAL F 476 -1.11 -10.47 -72.19
CA VAL F 476 -1.31 -10.19 -70.78
C VAL F 476 -1.49 -11.48 -70.00
N ARG F 477 -1.19 -11.39 -68.72
CA ARG F 477 -1.53 -12.39 -67.72
C ARG F 477 -2.26 -11.68 -66.59
N ILE F 478 -3.30 -12.32 -66.08
CA ILE F 478 -4.06 -11.80 -64.95
C ILE F 478 -3.70 -12.61 -63.72
N TYR F 479 -3.26 -11.92 -62.68
CA TYR F 479 -3.01 -12.53 -61.38
C TYR F 479 -4.00 -11.94 -60.38
N SER F 480 -4.69 -12.80 -59.66
CA SER F 480 -5.89 -12.41 -58.92
C SER F 480 -5.67 -12.47 -57.42
N LYS F 481 -6.70 -12.01 -56.70
CA LYS F 481 -6.75 -12.00 -55.25
C LYS F 481 -7.65 -13.14 -54.76
N ASN F 482 -7.15 -14.37 -54.94
CA ASN F 482 -7.85 -15.58 -54.51
C ASN F 482 -9.27 -15.63 -55.06
N LYS F 483 -9.40 -15.41 -56.37
CA LYS F 483 -10.73 -15.37 -56.97
C LYS F 483 -10.84 -16.35 -58.13
N PRO F 484 -11.61 -17.43 -57.99
CA PRO F 484 -11.93 -18.29 -59.15
C PRO F 484 -13.15 -17.77 -59.90
N TYR F 485 -13.68 -18.59 -60.81
CA TYR F 485 -14.78 -18.19 -61.68
C TYR F 485 -14.46 -16.88 -62.38
N ILE F 486 -13.23 -16.80 -62.89
CA ILE F 486 -12.79 -15.62 -63.63
C ILE F 486 -13.02 -15.93 -65.10
N GLY F 487 -12.36 -16.97 -65.59
CA GLY F 487 -12.50 -17.33 -67.00
C GLY F 487 -12.18 -16.18 -67.93
N ILE F 488 -11.26 -15.32 -67.52
CA ILE F 488 -10.94 -14.10 -68.25
C ILE F 488 -9.51 -14.25 -68.75
N GLY F 489 -9.35 -14.25 -70.08
CA GLY F 489 -8.06 -14.33 -70.71
C GLY F 489 -7.14 -15.37 -70.11
N ILE F 490 -5.99 -14.93 -69.62
CA ILE F 490 -5.12 -15.79 -68.81
C ILE F 490 -5.56 -15.58 -67.36
N SER F 491 -6.59 -16.31 -66.97
CA SER F 491 -7.05 -16.28 -65.60
C SER F 491 -6.14 -17.18 -64.77
N THR F 492 -5.36 -16.58 -63.87
CA THR F 492 -4.34 -17.29 -63.11
C THR F 492 -4.61 -16.98 -61.64
N ASN F 493 -5.42 -17.82 -61.01
CA ASN F 493 -5.84 -17.51 -59.65
C ASN F 493 -4.65 -17.75 -58.74
N LEU F 494 -3.78 -16.75 -58.67
CA LEU F 494 -2.66 -16.79 -57.75
C LEU F 494 -3.16 -16.58 -56.33
N TRP F 495 -2.54 -17.28 -55.39
CA TRP F 495 -3.07 -17.39 -54.04
C TRP F 495 -2.24 -16.50 -53.12
N MET F 496 -2.89 -15.54 -52.45
CA MET F 496 -2.20 -14.68 -51.51
C MET F 496 -3.20 -14.09 -50.53
N CYS F 497 -2.89 -14.21 -49.25
CA CYS F 497 -3.87 -13.95 -48.20
C CYS F 497 -3.84 -12.47 -47.86
N ASP F 498 -4.78 -11.73 -48.45
CA ASP F 498 -4.90 -10.30 -48.24
C ASP F 498 -6.14 -10.03 -47.38
N TYR F 499 -5.90 -9.81 -46.09
CA TYR F 499 -6.94 -9.42 -45.15
C TYR F 499 -6.45 -8.23 -44.34
N ASP F 500 -7.36 -7.31 -44.04
CA ASP F 500 -7.03 -6.18 -43.17
C ASP F 500 -8.29 -5.61 -42.53
N TYR F 501 -8.38 -5.74 -41.21
CA TYR F 501 -9.49 -5.16 -40.46
C TYR F 501 -9.51 -3.65 -40.58
N ALA F 502 -8.37 -3.04 -40.95
CA ALA F 502 -8.30 -1.59 -41.05
C ALA F 502 -9.29 -1.03 -42.06
N SER F 503 -9.70 -1.82 -43.05
CA SER F 503 -10.71 -1.38 -43.99
C SER F 503 -12.13 -1.61 -43.51
N GLN F 504 -12.31 -2.27 -42.37
CA GLN F 504 -13.66 -2.51 -41.86
C GLN F 504 -14.19 -1.31 -41.06
N ASN F 505 -13.37 -0.30 -40.83
CA ASN F 505 -13.82 0.90 -40.15
C ASN F 505 -14.64 1.76 -41.11
N GLN F 506 -15.09 2.93 -40.62
CA GLN F 506 -15.93 3.80 -41.45
C GLN F 506 -15.18 4.34 -42.65
N ASP F 507 -13.85 4.36 -42.62
CA ASP F 507 -13.03 4.84 -43.74
C ASP F 507 -12.37 3.62 -44.36
N MET F 508 -12.69 3.35 -45.63
CA MET F 508 -12.16 2.19 -46.32
C MET F 508 -10.69 2.35 -46.67
N ARG F 509 -10.16 3.58 -46.66
CA ARG F 509 -8.76 3.79 -47.00
C ARG F 509 -7.83 3.15 -45.98
N GLU F 510 -6.72 2.62 -46.46
CA GLU F 510 -5.74 1.98 -45.59
C GLU F 510 -5.17 3.00 -44.61
N LYS F 511 -5.01 2.58 -43.35
CA LYS F 511 -4.55 3.46 -42.30
C LYS F 511 -3.27 2.93 -41.68
N GLY F 512 -2.60 3.78 -40.91
CA GLY F 512 -1.28 3.49 -40.41
C GLY F 512 -1.26 2.48 -39.29
N ILE F 513 -0.05 2.20 -38.80
CA ILE F 513 0.11 1.21 -37.75
C ILE F 513 -0.52 1.70 -36.45
N GLY F 514 -0.68 3.02 -36.30
CA GLY F 514 -1.41 3.55 -35.17
C GLY F 514 -2.88 3.20 -35.18
N SER F 515 -3.42 2.82 -36.34
CA SER F 515 -4.84 2.47 -36.43
C SER F 515 -5.18 1.24 -35.60
N TYR F 516 -4.19 0.44 -35.20
CA TYR F 516 -4.40 -0.59 -34.20
C TYR F 516 -3.82 -0.23 -32.84
N VAL F 517 -2.90 0.73 -32.78
CA VAL F 517 -2.33 1.13 -31.49
C VAL F 517 -3.40 1.75 -30.61
N ASP F 518 -4.27 2.56 -31.20
CA ASP F 518 -5.16 3.44 -30.43
C ASP F 518 -6.32 2.71 -29.77
N ARG F 519 -6.29 1.38 -29.70
CA ARG F 519 -7.32 0.65 -28.97
C ARG F 519 -7.24 0.97 -27.49
N GLU F 520 -8.38 1.30 -26.89
CA GLU F 520 -8.44 1.65 -25.47
C GLU F 520 -8.62 0.43 -24.57
N GLU F 521 -8.96 -0.73 -25.12
CA GLU F 521 -9.16 -1.94 -24.32
C GLU F 521 -7.81 -2.57 -24.02
N GLY F 522 -7.05 -1.90 -23.18
CA GLY F 522 -5.72 -2.31 -22.81
C GLY F 522 -4.68 -1.29 -23.26
N VAL F 523 -3.43 -1.62 -22.97
CA VAL F 523 -2.33 -0.75 -23.35
C VAL F 523 -2.28 -0.58 -24.86
N LYS F 524 -1.87 0.61 -25.30
CA LYS F 524 -1.84 0.96 -26.71
C LYS F 524 -0.56 0.43 -27.34
N ARG F 525 -0.55 -0.87 -27.64
CA ARG F 525 0.64 -1.53 -28.13
C ARG F 525 0.25 -2.47 -29.28
N LEU F 526 1.27 -3.02 -29.92
CA LEU F 526 1.11 -3.88 -31.08
C LEU F 526 1.42 -5.32 -30.75
N GLY F 527 0.91 -6.23 -31.57
CA GLY F 527 1.24 -7.65 -31.48
C GLY F 527 1.79 -8.15 -32.80
N VAL F 528 2.79 -9.02 -32.72
CA VAL F 528 3.38 -9.67 -33.88
C VAL F 528 3.53 -11.15 -33.59
N VAL F 529 3.20 -11.98 -34.57
CA VAL F 529 3.22 -13.43 -34.40
C VAL F 529 3.97 -14.08 -35.56
N ARG F 530 4.89 -14.98 -35.23
CA ARG F 530 5.63 -15.78 -36.20
C ARG F 530 5.44 -17.26 -35.87
N ALA F 531 5.19 -18.07 -36.90
CA ALA F 531 4.98 -19.50 -36.70
C ALA F 531 5.67 -20.31 -37.79
N ASP F 532 6.24 -21.45 -37.39
CA ASP F 532 6.85 -22.41 -38.29
C ASP F 532 6.30 -23.78 -38.01
N ILE F 533 6.00 -24.53 -39.07
CA ILE F 533 5.68 -25.94 -38.92
C ILE F 533 6.93 -26.66 -38.44
N ASP F 534 6.82 -27.38 -37.33
CA ASP F 534 7.98 -28.06 -36.78
C ASP F 534 8.39 -29.24 -37.65
N ASN F 535 7.44 -30.08 -38.02
CA ASN F 535 7.71 -31.27 -38.84
C ASN F 535 7.35 -31.00 -40.31
N LEU F 536 8.08 -30.08 -40.94
CA LEU F 536 7.84 -29.83 -42.36
C LEU F 536 8.98 -30.25 -43.26
N GLY F 537 10.23 -30.14 -42.81
CA GLY F 537 11.32 -30.69 -43.60
C GLY F 537 11.15 -32.18 -43.83
N ALA F 538 10.85 -32.91 -42.76
CA ALA F 538 10.61 -34.35 -42.90
C ALA F 538 9.38 -34.61 -43.76
N THR F 539 8.29 -33.88 -43.53
CA THR F 539 7.06 -34.13 -44.26
C THR F 539 7.26 -33.93 -45.76
N PHE F 540 7.90 -32.86 -46.18
CA PHE F 540 8.06 -32.86 -47.66
C PHE F 540 9.13 -33.88 -48.07
N ILE F 541 10.10 -34.13 -47.21
CA ILE F 541 11.13 -35.05 -47.67
C ILE F 541 10.79 -36.50 -47.34
N SER F 542 10.73 -36.83 -46.04
CA SER F 542 10.49 -38.22 -45.66
C SER F 542 9.10 -38.67 -46.09
N GLY F 543 8.09 -37.84 -45.83
CA GLY F 543 6.74 -38.15 -46.22
C GLY F 543 6.23 -39.44 -45.60
N ILE F 544 5.35 -40.10 -46.33
CA ILE F 544 4.73 -41.34 -45.87
C ILE F 544 5.63 -42.50 -46.32
N PRO F 545 6.11 -43.34 -45.40
CA PRO F 545 7.21 -44.24 -45.75
C PRO F 545 6.79 -45.41 -46.62
N GLU F 546 7.60 -45.63 -47.65
CA GLU F 546 7.75 -46.92 -48.33
C GLU F 546 6.58 -47.32 -49.21
N LYS F 547 5.46 -46.60 -49.15
CA LYS F 547 4.33 -47.06 -49.94
C LYS F 547 3.52 -45.97 -50.60
N TYR F 548 3.68 -44.71 -50.21
CA TYR F 548 2.88 -43.65 -50.82
C TYR F 548 3.78 -42.55 -51.39
N ASN F 549 5.02 -42.90 -51.73
CA ASN F 549 6.05 -41.93 -52.10
C ASN F 549 6.19 -41.81 -53.61
N SER F 550 5.11 -41.41 -54.27
CA SER F 550 5.15 -41.12 -55.69
C SER F 550 5.33 -39.62 -55.87
N ILE F 551 5.39 -39.18 -57.12
CA ILE F 551 5.28 -37.76 -57.39
C ILE F 551 3.87 -37.29 -57.08
N SER F 552 2.87 -38.12 -57.37
CA SER F 552 1.47 -37.71 -57.24
C SER F 552 1.13 -37.40 -55.80
N ARG F 553 1.54 -38.26 -54.88
CA ARG F 553 1.07 -38.13 -53.51
C ARG F 553 1.79 -37.02 -52.76
N THR F 554 3.09 -36.84 -52.99
CA THR F 554 3.74 -35.68 -52.42
C THR F 554 3.21 -34.39 -53.05
N ALA F 555 2.86 -34.45 -54.34
CA ALA F 555 2.28 -33.27 -54.96
C ALA F 555 0.97 -32.88 -54.32
N THR F 556 0.11 -33.87 -54.05
CA THR F 556 -1.17 -33.52 -53.43
C THR F 556 -0.98 -33.02 -52.01
N LEU F 557 -0.01 -33.58 -51.28
CA LEU F 557 0.28 -33.05 -49.94
C LEU F 557 0.73 -31.59 -50.02
N SER F 558 1.62 -31.30 -50.98
CA SER F 558 2.08 -29.90 -51.17
C SER F 558 0.87 -29.00 -51.42
N ARG F 559 0.03 -29.38 -52.38
CA ARG F 559 -1.13 -28.55 -52.69
C ARG F 559 -2.00 -28.34 -51.48
N GLN F 560 -2.17 -29.37 -50.66
CA GLN F 560 -3.03 -29.21 -49.48
C GLN F 560 -2.44 -28.20 -48.51
N LEU F 561 -1.16 -28.31 -48.18
CA LEU F 561 -0.57 -27.32 -47.29
C LEU F 561 -0.65 -25.92 -47.86
N SER F 562 -0.38 -25.78 -49.16
CA SER F 562 -0.40 -24.46 -49.78
C SER F 562 -1.77 -23.84 -49.70
N LEU F 563 -2.80 -24.57 -50.14
CA LEU F 563 -4.16 -24.05 -50.09
C LEU F 563 -4.57 -23.75 -48.66
N PHE F 564 -4.10 -24.53 -47.69
CA PHE F 564 -4.44 -24.22 -46.31
C PHE F 564 -3.91 -22.84 -45.92
N PHE F 565 -2.62 -22.61 -46.19
CA PHE F 565 -2.06 -21.33 -45.80
C PHE F 565 -2.46 -20.17 -46.72
N LYS F 566 -3.16 -20.42 -47.81
CA LYS F 566 -3.49 -19.33 -48.72
C LYS F 566 -4.98 -19.06 -48.87
N TYR F 567 -5.85 -19.96 -48.41
CA TYR F 567 -7.25 -19.64 -48.14
C TYR F 567 -7.60 -19.62 -46.66
N GLU F 568 -7.28 -20.69 -45.94
CA GLU F 568 -7.84 -20.85 -44.60
C GLU F 568 -7.46 -19.70 -43.68
N LEU F 569 -6.28 -19.11 -43.84
CA LEU F 569 -5.94 -17.96 -43.02
C LEU F 569 -6.91 -16.81 -43.28
N ASN F 570 -7.23 -16.56 -44.54
CA ASN F 570 -8.13 -15.46 -44.88
C ASN F 570 -9.46 -15.62 -44.17
N HIS F 571 -10.00 -16.84 -44.16
CA HIS F 571 -11.28 -17.06 -43.50
C HIS F 571 -11.14 -17.01 -41.98
N LEU F 572 -10.12 -17.66 -41.45
CA LEU F 572 -10.00 -17.76 -40.00
C LEU F 572 -9.78 -16.40 -39.35
N LEU F 573 -9.13 -15.47 -40.05
CA LEU F 573 -8.78 -14.20 -39.45
C LEU F 573 -9.92 -13.18 -39.46
N GLU F 574 -11.13 -13.56 -39.89
CA GLU F 574 -12.15 -12.55 -40.16
C GLU F 574 -12.53 -11.76 -38.92
N ASN F 575 -12.82 -12.44 -37.82
CA ASN F 575 -13.32 -11.77 -36.62
C ASN F 575 -12.23 -11.09 -35.82
N TYR F 576 -11.10 -10.79 -36.43
CA TYR F 576 -9.95 -10.31 -35.70
C TYR F 576 -9.40 -9.04 -36.34
N GLN F 577 -8.91 -8.14 -35.51
CA GLN F 577 -8.44 -6.83 -35.95
C GLN F 577 -6.99 -6.93 -36.41
N ILE F 578 -6.77 -7.76 -37.42
CA ILE F 578 -5.42 -8.10 -37.86
C ILE F 578 -5.32 -7.91 -39.36
N THR F 579 -4.17 -7.43 -39.82
CA THR F 579 -3.86 -7.39 -41.24
C THR F 579 -2.78 -8.41 -41.55
N ALA F 580 -2.93 -9.11 -42.67
CA ALA F 580 -2.07 -10.23 -43.03
C ALA F 580 -0.88 -9.74 -43.84
N ILE F 581 0.32 -10.02 -43.35
CA ILE F 581 1.52 -9.45 -43.94
C ILE F 581 2.17 -10.43 -44.91
N TYR F 582 2.78 -11.46 -44.33
CA TYR F 582 3.38 -12.51 -45.18
C TYR F 582 2.92 -13.85 -44.63
N SER F 583 2.31 -14.64 -45.51
CA SER F 583 1.81 -15.94 -45.09
C SER F 583 1.87 -16.90 -46.27
N GLY F 584 2.30 -18.12 -45.99
CA GLY F 584 2.51 -19.12 -47.04
C GLY F 584 3.67 -20.02 -46.71
N GLY F 585 3.80 -21.12 -47.42
CA GLY F 585 4.84 -22.09 -47.10
C GLY F 585 4.65 -22.63 -45.70
N ASP F 586 5.55 -22.24 -44.80
CA ASP F 586 5.36 -22.55 -43.38
C ASP F 586 5.60 -21.33 -42.49
N ASP F 587 5.51 -20.12 -43.04
CA ASP F 587 5.78 -18.90 -42.29
C ASP F 587 4.47 -18.17 -42.08
N LEU F 588 4.22 -17.77 -40.84
CA LEU F 588 2.99 -17.08 -40.46
C LEU F 588 3.38 -15.77 -39.79
N PHE F 589 3.11 -14.65 -40.46
CA PHE F 589 3.55 -13.33 -39.99
C PHE F 589 2.36 -12.39 -39.97
N LEU F 590 1.77 -12.22 -38.80
CA LEU F 590 0.58 -11.41 -38.61
C LEU F 590 0.86 -10.37 -37.54
N ILE F 591 0.32 -9.17 -37.72
CA ILE F 591 0.56 -8.05 -36.81
C ILE F 591 -0.75 -7.34 -36.55
N GLY F 592 -0.96 -6.94 -35.31
CA GLY F 592 -2.19 -6.26 -34.93
C GLY F 592 -2.19 -5.89 -33.47
N ALA F 593 -3.39 -5.75 -32.91
CA ALA F 593 -3.55 -5.40 -31.50
C ALA F 593 -3.08 -6.54 -30.59
N TRP F 594 -2.55 -6.17 -29.42
CA TRP F 594 -2.03 -7.13 -28.45
C TRP F 594 -3.02 -8.25 -28.16
N ASP F 595 -4.17 -7.92 -27.56
CA ASP F 595 -5.11 -8.97 -27.17
C ASP F 595 -5.54 -9.79 -28.37
N ASP F 596 -5.80 -9.11 -29.48
CA ASP F 596 -6.32 -9.78 -30.65
C ASP F 596 -5.31 -10.77 -31.21
N ILE F 597 -4.03 -10.42 -31.18
CA ILE F 597 -3.02 -11.35 -31.69
C ILE F 597 -3.02 -12.63 -30.89
N ILE F 598 -3.11 -12.53 -29.57
CA ILE F 598 -3.12 -13.72 -28.73
C ILE F 598 -4.35 -14.57 -29.06
N GLU F 599 -5.52 -13.95 -29.12
CA GLU F 599 -6.74 -14.72 -29.35
C GLU F 599 -6.69 -15.40 -30.72
N ALA F 600 -6.27 -14.67 -31.74
CA ALA F 600 -6.20 -15.24 -33.08
C ALA F 600 -5.15 -16.33 -33.16
N SER F 601 -4.03 -16.17 -32.44
CA SER F 601 -3.01 -17.21 -32.46
C SER F 601 -3.55 -18.49 -31.88
N ILE F 602 -4.28 -18.41 -30.78
CA ILE F 602 -4.86 -19.62 -30.20
C ILE F 602 -5.85 -20.25 -31.17
N TYR F 603 -6.71 -19.41 -31.77
CA TYR F 603 -7.71 -19.92 -32.71
C TYR F 603 -7.04 -20.61 -33.91
N ILE F 604 -5.96 -20.02 -34.42
CA ILE F 604 -5.29 -20.59 -35.57
C ILE F 604 -4.61 -21.89 -35.21
N ASN F 605 -3.97 -21.96 -34.04
CA ASN F 605 -3.34 -23.21 -33.64
C ASN F 605 -4.36 -24.33 -33.56
N ASP F 606 -5.50 -24.06 -32.92
CA ASP F 606 -6.51 -25.11 -32.81
C ASP F 606 -7.05 -25.50 -34.18
N LYS F 607 -7.37 -24.52 -35.03
CA LYS F 607 -7.92 -24.83 -36.33
C LYS F 607 -6.93 -25.56 -37.22
N PHE F 608 -5.63 -25.32 -37.02
CA PHE F 608 -4.62 -26.08 -37.75
C PHE F 608 -4.57 -27.52 -37.26
N LYS F 609 -4.54 -27.71 -35.94
CA LYS F 609 -4.54 -29.07 -35.43
C LYS F 609 -5.75 -29.84 -35.90
N GLU F 610 -6.86 -29.15 -36.17
CA GLU F 610 -8.00 -29.81 -36.79
C GLU F 610 -7.65 -30.30 -38.19
N PHE F 611 -7.07 -29.45 -39.02
CA PHE F 611 -6.89 -29.75 -40.43
C PHE F 611 -5.76 -30.74 -40.67
N THR F 612 -4.77 -30.78 -39.78
CA THR F 612 -3.68 -31.75 -39.87
C THR F 612 -3.95 -32.97 -39.01
N LEU F 613 -5.17 -33.10 -38.51
CA LEU F 613 -5.59 -34.28 -37.74
C LEU F 613 -4.62 -34.57 -36.60
N ASP F 614 -4.04 -33.51 -36.03
CA ASP F 614 -3.13 -33.60 -34.88
C ASP F 614 -1.88 -34.38 -35.25
N LYS F 615 -1.41 -34.25 -36.49
CA LYS F 615 -0.17 -34.88 -36.88
C LYS F 615 1.02 -33.93 -36.90
N LEU F 616 0.79 -32.66 -37.24
CA LEU F 616 1.85 -31.67 -37.37
C LEU F 616 1.66 -30.58 -36.32
N THR F 617 2.76 -30.11 -35.75
CA THR F 617 2.72 -29.13 -34.67
C THR F 617 3.29 -27.80 -35.15
N LEU F 618 2.86 -26.73 -34.47
CA LEU F 618 3.32 -25.38 -34.76
C LEU F 618 4.01 -24.79 -33.54
N SER F 619 5.09 -24.07 -33.79
CA SER F 619 5.77 -23.30 -32.76
C SER F 619 5.63 -21.83 -33.13
N ALA F 620 5.24 -21.01 -32.16
CA ALA F 620 4.93 -19.62 -32.45
C ALA F 620 5.37 -18.73 -31.31
N GLY F 621 5.71 -17.49 -31.65
CA GLY F 621 6.08 -16.50 -30.67
C GLY F 621 5.32 -15.20 -30.87
N VAL F 622 4.80 -14.65 -29.79
CA VAL F 622 4.10 -13.37 -29.81
C VAL F 622 4.78 -12.45 -28.80
N GLY F 623 5.07 -11.22 -29.23
CA GLY F 623 5.63 -10.22 -28.34
C GLY F 623 4.85 -8.92 -28.41
N MET F 624 5.02 -8.12 -27.37
CA MET F 624 4.39 -6.81 -27.27
C MET F 624 5.39 -5.77 -27.74
N PHE F 625 5.03 -5.04 -28.79
CA PHE F 625 5.89 -4.01 -29.37
C PHE F 625 5.12 -2.70 -29.44
N SER F 626 5.78 -1.63 -29.01
CA SER F 626 5.15 -0.32 -28.97
C SER F 626 4.92 0.20 -30.38
N GLY F 627 3.93 1.07 -30.51
CA GLY F 627 3.67 1.68 -31.81
C GLY F 627 4.81 2.57 -32.25
N LYS F 628 4.91 2.74 -33.56
CA LYS F 628 5.87 3.61 -34.24
C LYS F 628 7.31 3.14 -34.12
N TYR F 629 7.55 1.92 -33.66
CA TYR F 629 8.88 1.35 -33.81
C TYR F 629 9.14 1.02 -35.28
N PRO F 630 10.39 1.12 -35.73
CA PRO F 630 10.72 0.64 -37.08
C PRO F 630 10.43 -0.85 -37.18
N VAL F 631 9.52 -1.20 -38.08
CA VAL F 631 9.03 -2.57 -38.12
C VAL F 631 10.15 -3.53 -38.51
N SER F 632 11.17 -3.04 -39.20
CA SER F 632 12.32 -3.87 -39.48
C SER F 632 12.95 -4.38 -38.20
N LYS F 633 12.70 -3.70 -37.08
CA LYS F 633 13.42 -4.07 -35.87
C LYS F 633 12.58 -4.97 -34.98
N MET F 634 11.26 -4.84 -35.09
CA MET F 634 10.33 -5.70 -34.30
C MET F 634 10.34 -7.12 -34.88
N ALA F 635 10.52 -7.24 -36.20
CA ALA F 635 10.50 -8.55 -36.84
C ALA F 635 11.68 -9.39 -36.41
N PHE F 636 12.86 -8.77 -36.25
CA PHE F 636 14.04 -9.53 -35.85
C PHE F 636 13.99 -9.92 -34.38
N GLU F 637 13.10 -9.32 -33.60
CA GLU F 637 12.92 -9.79 -32.22
C GLU F 637 12.13 -11.09 -32.17
N THR F 638 11.05 -11.17 -32.94
CA THR F 638 10.18 -12.35 -32.87
C THR F 638 10.84 -13.52 -33.59
N TRP F 664 0.91 -25.34 -26.09
CA TRP F 664 -0.29 -24.74 -26.63
C TRP F 664 -1.52 -25.11 -25.82
N ASP F 665 -1.81 -26.40 -25.72
CA ASP F 665 -2.89 -26.84 -24.85
C ASP F 665 -2.68 -26.33 -23.44
N GLU F 666 -1.42 -26.28 -23.00
CA GLU F 666 -1.10 -25.79 -21.67
C GLU F 666 -1.55 -24.35 -21.48
N PHE F 667 -1.22 -23.49 -22.45
CA PHE F 667 -1.52 -22.07 -22.33
C PHE F 667 -3.02 -21.82 -22.42
N LYS F 668 -3.71 -22.57 -23.27
CA LYS F 668 -5.15 -22.39 -23.44
C LYS F 668 -5.91 -22.87 -22.21
N LYS F 669 -5.72 -24.12 -21.83
CA LYS F 669 -6.51 -24.69 -20.74
C LYS F 669 -6.12 -24.10 -19.39
N ASN F 670 -4.83 -24.05 -19.09
CA ASN F 670 -4.44 -23.73 -17.73
C ASN F 670 -4.39 -22.24 -17.47
N ILE F 671 -3.81 -21.47 -18.38
CA ILE F 671 -3.59 -20.04 -18.14
C ILE F 671 -4.79 -19.22 -18.55
N LEU F 672 -5.17 -19.30 -19.83
CA LEU F 672 -6.22 -18.43 -20.33
C LEU F 672 -7.59 -18.82 -19.77
N GLU F 673 -7.89 -20.12 -19.71
CA GLU F 673 -9.26 -20.51 -19.44
C GLU F 673 -9.60 -20.44 -17.96
N GLU F 674 -8.70 -20.90 -17.09
CA GLU F 674 -9.03 -21.01 -15.67
C GLU F 674 -8.59 -19.79 -14.88
N LYS F 675 -7.27 -19.56 -14.82
CA LYS F 675 -6.75 -18.51 -13.97
C LYS F 675 -7.19 -17.14 -14.45
N LEU F 676 -7.09 -16.89 -15.76
CA LEU F 676 -7.46 -15.59 -16.29
C LEU F 676 -8.93 -15.30 -16.04
N LEU F 677 -9.79 -16.31 -16.22
CA LEU F 677 -11.22 -16.08 -16.03
C LEU F 677 -11.55 -15.79 -14.59
N VAL F 678 -11.00 -16.55 -13.65
CA VAL F 678 -11.32 -16.30 -12.25
C VAL F 678 -10.77 -14.94 -11.83
N LEU F 679 -9.60 -14.57 -12.35
CA LEU F 679 -9.02 -13.28 -12.02
C LEU F 679 -9.86 -12.12 -12.56
N GLN F 680 -10.31 -12.24 -13.81
CA GLN F 680 -11.13 -11.20 -14.41
C GLN F 680 -12.44 -11.06 -13.67
N GLN F 681 -13.06 -12.18 -13.29
CA GLN F 681 -14.27 -12.09 -12.49
C GLN F 681 -14.00 -11.44 -11.15
N GLY F 682 -12.87 -11.77 -10.53
CA GLY F 682 -12.55 -11.20 -9.23
C GLY F 682 -12.43 -9.70 -9.28
N PHE F 683 -11.67 -9.18 -10.25
CA PHE F 683 -11.56 -7.73 -10.36
C PHE F 683 -12.87 -7.09 -10.81
N SER F 684 -13.65 -7.78 -11.64
CA SER F 684 -14.92 -7.20 -12.08
C SER F 684 -15.89 -7.05 -10.92
N GLN F 685 -15.87 -8.00 -9.98
CA GLN F 685 -16.81 -7.94 -8.87
C GLN F 685 -16.40 -6.88 -7.86
N THR F 686 -15.11 -6.69 -7.63
CA THR F 686 -14.60 -5.80 -6.60
C THR F 686 -13.84 -4.64 -7.25
N ASP F 687 -14.37 -3.43 -7.12
CA ASP F 687 -13.74 -2.25 -7.69
C ASP F 687 -12.56 -1.80 -6.83
N GLU F 688 -11.98 -0.67 -7.23
CA GLU F 688 -10.90 0.02 -6.51
C GLU F 688 -9.58 -0.75 -6.60
N HIS F 689 -9.61 -1.93 -7.21
CA HIS F 689 -8.40 -2.70 -7.47
C HIS F 689 -7.79 -2.25 -8.80
N GLY F 690 -7.22 -1.05 -8.76
CA GLY F 690 -6.59 -0.47 -9.92
C GLY F 690 -5.23 -1.11 -10.19
N LYS F 691 -4.48 -0.48 -11.10
CA LYS F 691 -3.16 -0.98 -11.43
C LYS F 691 -2.24 -0.94 -10.21
N ALA F 692 -2.56 -0.11 -9.22
CA ALA F 692 -1.75 -0.06 -8.01
C ALA F 692 -1.79 -1.38 -7.23
N PHE F 693 -2.99 -1.88 -6.95
CA PHE F 693 -3.12 -3.13 -6.21
C PHE F 693 -2.49 -4.29 -6.97
N ILE F 694 -2.76 -4.36 -8.27
CA ILE F 694 -2.19 -5.42 -9.09
C ILE F 694 -0.67 -5.33 -9.10
N TYR F 695 -0.15 -4.10 -9.15
CA TYR F 695 1.29 -3.96 -9.25
C TYR F 695 1.96 -4.25 -7.92
N LYS F 696 1.30 -3.99 -6.79
CA LYS F 696 1.83 -4.47 -5.53
C LYS F 696 1.83 -5.99 -5.49
N MET F 697 0.79 -6.60 -6.04
CA MET F 697 0.81 -8.05 -6.15
C MET F 697 2.04 -8.51 -6.91
N LEU F 698 2.31 -7.88 -8.07
CA LEU F 698 3.54 -8.19 -8.81
C LEU F 698 4.77 -8.01 -7.95
N ALA F 699 4.86 -6.88 -7.26
CA ALA F 699 6.05 -6.58 -6.47
C ALA F 699 6.32 -7.68 -5.46
N LEU F 700 5.26 -8.18 -4.83
CA LEU F 700 5.45 -9.31 -3.92
C LEU F 700 5.83 -10.58 -4.67
N LEU F 701 5.18 -10.85 -5.80
CA LEU F 701 5.33 -12.14 -6.46
C LEU F 701 6.71 -12.32 -7.06
N ARG F 702 7.20 -11.32 -7.82
CA ARG F 702 8.43 -11.52 -8.57
C ARG F 702 9.61 -11.78 -7.67
N ASN F 703 9.61 -11.24 -6.46
CA ASN F 703 10.61 -11.60 -5.46
C ASN F 703 10.11 -12.85 -4.76
N ASN F 704 10.65 -14.00 -5.16
CA ASN F 704 10.18 -15.30 -4.65
C ASN F 704 10.80 -15.54 -3.27
N GLU F 705 10.14 -15.02 -2.25
CA GLU F 705 10.55 -15.20 -0.86
C GLU F 705 9.33 -15.46 0.02
N ALA F 706 9.57 -16.19 1.11
CA ALA F 706 8.47 -16.56 2.02
C ALA F 706 7.96 -15.37 2.80
N ILE F 707 8.85 -14.48 3.24
CA ILE F 707 8.39 -13.25 3.88
C ILE F 707 7.49 -12.49 2.94
N ASN F 708 7.79 -12.54 1.64
CA ASN F 708 6.89 -11.93 0.67
C ASN F 708 5.57 -12.67 0.59
N ILE F 709 5.57 -13.97 0.87
CA ILE F 709 4.32 -14.72 0.89
C ILE F 709 3.45 -14.25 2.04
N ALA F 710 4.05 -14.04 3.21
CA ALA F 710 3.30 -13.47 4.32
C ALA F 710 2.78 -12.08 3.99
N ARG F 711 3.61 -11.26 3.36
CA ARG F 711 3.17 -9.91 2.99
C ARG F 711 2.00 -9.97 2.01
N LEU F 712 2.08 -10.85 1.03
CA LEU F 712 0.99 -11.02 0.08
C LEU F 712 -0.27 -11.49 0.79
N ALA F 713 -0.11 -12.34 1.79
CA ALA F 713 -1.27 -12.75 2.58
C ALA F 713 -1.90 -11.55 3.25
N TYR F 714 -1.07 -10.67 3.82
CA TYR F 714 -1.61 -9.46 4.44
C TYR F 714 -2.35 -8.61 3.42
N LEU F 715 -1.77 -8.44 2.25
CA LEU F 715 -2.39 -7.60 1.23
C LEU F 715 -3.74 -8.16 0.80
N LEU F 716 -3.78 -9.46 0.50
CA LEU F 716 -5.05 -10.08 0.13
C LEU F 716 -6.06 -10.00 1.26
N ALA F 717 -5.59 -10.07 2.50
CA ALA F 717 -6.50 -9.91 3.63
C ALA F 717 -7.08 -8.51 3.66
N ARG F 718 -6.28 -7.51 3.31
CA ARG F 718 -6.77 -6.14 3.32
C ARG F 718 -7.67 -5.84 2.14
N SER F 719 -7.58 -6.63 1.07
CA SER F 719 -8.53 -6.48 -0.01
C SER F 719 -9.91 -6.94 0.43
N LYS F 720 -10.91 -6.68 -0.41
CA LYS F 720 -12.28 -7.08 -0.13
C LYS F 720 -12.82 -8.07 -1.17
N MET F 721 -11.98 -8.98 -1.64
CA MET F 721 -12.46 -10.03 -2.52
C MET F 721 -13.19 -11.11 -1.73
N ASN F 722 -13.99 -11.89 -2.45
CA ASN F 722 -14.67 -13.02 -1.84
C ASN F 722 -13.65 -14.04 -1.33
N GLU F 723 -14.03 -14.78 -0.30
CA GLU F 723 -13.12 -15.75 0.29
C GLU F 723 -12.61 -16.75 -0.73
N ASP F 724 -13.45 -17.14 -1.69
CA ASP F 724 -13.02 -18.09 -2.70
C ASP F 724 -11.88 -17.53 -3.53
N PHE F 725 -12.03 -16.28 -4.00
CA PHE F 725 -10.99 -15.68 -4.84
C PHE F 725 -9.67 -15.56 -4.10
N THR F 726 -9.71 -15.00 -2.90
CA THR F 726 -8.48 -14.84 -2.11
C THR F 726 -7.85 -16.19 -1.82
N SER F 727 -8.66 -17.19 -1.45
CA SER F 727 -8.13 -18.51 -1.14
C SER F 727 -7.44 -19.12 -2.34
N LYS F 728 -8.10 -19.04 -3.51
CA LYS F 728 -7.51 -19.60 -4.71
C LYS F 728 -6.20 -18.90 -5.06
N ILE F 729 -6.18 -17.57 -4.93
CA ILE F 729 -4.97 -16.83 -5.25
C ILE F 729 -3.83 -17.26 -4.32
N PHE F 730 -4.15 -17.45 -3.04
CA PHE F 730 -3.09 -17.75 -2.09
C PHE F 730 -2.56 -19.17 -2.29
N ASN F 731 -3.47 -20.10 -2.55
CA ASN F 731 -3.06 -21.48 -2.83
C ASN F 731 -2.20 -21.54 -4.10
N TRP F 732 -2.60 -20.82 -5.15
CA TRP F 732 -1.73 -20.75 -6.32
C TRP F 732 -0.39 -20.13 -6.00
N ALA F 733 -0.40 -19.08 -5.18
CA ALA F 733 0.84 -18.39 -4.85
C ALA F 733 1.82 -19.29 -4.13
N GLN F 734 1.33 -20.31 -3.44
CA GLN F 734 2.27 -21.19 -2.74
C GLN F 734 3.07 -22.11 -3.67
N ASN F 735 2.75 -22.20 -4.96
CA ASN F 735 3.33 -23.21 -5.84
C ASN F 735 4.03 -22.55 -7.02
N ASP F 736 5.24 -23.03 -7.33
CA ASP F 736 6.09 -22.34 -8.31
C ASP F 736 5.45 -22.30 -9.69
N LYS F 737 5.05 -23.46 -10.22
CA LYS F 737 4.45 -23.49 -11.54
C LYS F 737 3.19 -22.62 -11.57
N ASP F 738 2.34 -22.79 -10.55
CA ASP F 738 1.11 -22.02 -10.48
C ASP F 738 1.40 -20.53 -10.37
N LYS F 739 2.44 -20.16 -9.63
CA LYS F 739 2.66 -18.73 -9.45
C LYS F 739 3.22 -18.10 -10.70
N ASN F 740 4.09 -18.79 -11.44
CA ASN F 740 4.49 -18.27 -12.74
C ASN F 740 3.29 -18.11 -13.65
N GLN F 741 2.41 -19.11 -13.69
CA GLN F 741 1.23 -19.01 -14.53
C GLN F 741 0.34 -17.86 -14.09
N LEU F 742 0.24 -17.65 -12.77
CA LEU F 742 -0.55 -16.57 -12.24
C LEU F 742 0.03 -15.22 -12.62
N ILE F 743 1.36 -15.11 -12.57
CA ILE F 743 2.03 -13.89 -13.01
C ILE F 743 1.67 -13.59 -14.46
N THR F 744 1.80 -14.60 -15.31
CA THR F 744 1.50 -14.41 -16.73
C THR F 744 0.04 -13.99 -16.92
N ALA F 745 -0.87 -14.65 -16.20
CA ALA F 745 -2.28 -14.35 -16.38
C ALA F 745 -2.63 -12.94 -15.96
N LEU F 746 -2.13 -12.51 -14.80
CA LEU F 746 -2.50 -11.18 -14.35
C LEU F 746 -1.81 -10.12 -15.19
N GLU F 747 -0.60 -10.40 -15.66
CA GLU F 747 0.02 -9.50 -16.61
C GLU F 747 -0.84 -9.35 -17.84
N TYR F 748 -1.44 -10.45 -18.29
CA TYR F 748 -2.36 -10.34 -19.41
C TYR F 748 -3.58 -9.52 -19.05
N TYR F 749 -3.99 -9.55 -17.78
CA TYR F 749 -5.16 -8.76 -17.38
C TYR F 749 -4.95 -7.29 -17.70
N ILE F 750 -3.77 -6.78 -17.39
CA ILE F 750 -3.45 -5.38 -17.63
C ILE F 750 -3.36 -5.09 -19.12
N THR H 5 53.06 -13.76 -32.42
CA THR H 5 51.66 -13.93 -32.76
C THR H 5 50.77 -14.04 -31.53
N LYS H 6 50.50 -12.90 -30.90
CA LYS H 6 49.64 -12.84 -29.73
C LYS H 6 48.20 -12.56 -30.11
N VAL H 7 47.30 -12.86 -29.19
CA VAL H 7 45.89 -12.60 -29.33
C VAL H 7 45.45 -11.70 -28.17
N PHE H 8 44.45 -10.86 -28.43
CA PHE H 8 43.95 -9.91 -27.46
C PHE H 8 42.55 -10.28 -27.04
N LYS H 9 42.26 -10.12 -25.76
CA LYS H 9 40.97 -10.43 -25.19
C LYS H 9 40.34 -9.13 -24.72
N LEU H 10 39.07 -8.89 -25.07
CA LEU H 10 38.43 -7.62 -24.79
C LEU H 10 37.26 -7.81 -23.82
N SER H 11 37.32 -7.10 -22.69
CA SER H 11 36.21 -7.01 -21.76
C SER H 11 35.67 -5.59 -21.74
N PHE H 12 34.35 -5.44 -21.66
CA PHE H 12 33.69 -4.16 -21.93
C PHE H 12 33.09 -3.49 -20.70
N LYS H 13 32.17 -4.16 -20.00
CA LYS H 13 31.55 -3.64 -18.78
C LYS H 13 30.62 -2.45 -19.06
N THR H 14 30.54 -2.00 -20.30
CA THR H 14 29.59 -0.99 -20.74
C THR H 14 28.99 -1.43 -22.06
N PRO H 15 27.67 -1.31 -22.24
CA PRO H 15 27.04 -1.78 -23.47
C PRO H 15 27.57 -1.06 -24.69
N VAL H 16 27.61 -1.79 -25.80
CA VAL H 16 28.24 -1.33 -27.02
C VAL H 16 27.26 -1.39 -28.18
N HIS H 17 27.34 -0.39 -29.05
CA HIS H 17 26.58 -0.32 -30.29
C HIS H 17 27.54 -0.51 -31.44
N PHE H 18 27.25 -1.44 -32.33
CA PHE H 18 28.25 -1.78 -33.32
C PHE H 18 27.77 -1.56 -34.74
N GLY H 19 26.49 -1.80 -35.02
CA GLY H 19 25.86 -1.25 -36.20
C GLY H 19 26.13 -1.93 -37.52
N LYS H 20 25.07 -2.15 -38.30
CA LYS H 20 25.18 -2.58 -39.68
C LYS H 20 24.63 -1.54 -40.64
N LYS H 21 23.39 -1.12 -40.45
CA LYS H 21 22.83 -0.12 -41.35
C LYS H 21 22.26 1.11 -40.65
N ARG H 22 21.57 0.94 -39.52
CA ARG H 22 20.87 2.06 -38.91
C ARG H 22 21.13 2.05 -37.41
N LEU H 23 21.06 3.23 -36.78
CA LEU H 23 21.47 3.34 -35.39
C LEU H 23 20.65 2.45 -34.48
N SER H 24 19.46 2.05 -34.91
CA SER H 24 18.66 1.11 -34.14
C SER H 24 19.03 -0.32 -34.43
N ASP H 25 20.04 -0.55 -35.27
CA ASP H 25 20.48 -1.91 -35.51
C ASP H 25 21.54 -2.31 -34.49
N GLY H 26 21.55 -3.58 -34.15
CA GLY H 26 22.52 -4.11 -33.20
C GLY H 26 23.23 -5.32 -33.75
N GLU H 27 24.54 -5.34 -33.59
CA GLU H 27 25.36 -6.43 -34.06
C GLU H 27 26.32 -6.82 -32.95
N MET H 28 26.70 -8.10 -32.93
CA MET H 28 27.51 -8.59 -31.82
C MET H 28 29.00 -8.48 -32.09
N THR H 29 29.44 -8.91 -33.27
CA THR H 29 30.84 -8.88 -33.63
C THR H 29 31.05 -7.90 -34.78
N ILE H 30 32.27 -7.39 -34.87
CA ILE H 30 32.64 -6.50 -35.96
C ILE H 30 33.84 -7.06 -36.70
N THR H 31 34.10 -6.48 -37.85
CA THR H 31 35.05 -7.01 -38.81
C THR H 31 36.35 -6.22 -38.75
N ALA H 32 37.35 -6.74 -39.47
CA ALA H 32 38.64 -6.08 -39.51
C ALA H 32 38.58 -4.72 -40.16
N ASP H 33 37.51 -4.43 -40.92
CA ASP H 33 37.36 -3.10 -41.49
C ASP H 33 37.29 -2.05 -40.40
N THR H 34 36.31 -2.18 -39.51
CA THR H 34 36.15 -1.21 -38.43
C THR H 34 37.32 -1.24 -37.46
N LEU H 35 37.86 -2.42 -37.19
CA LEU H 35 39.00 -2.51 -36.28
C LEU H 35 40.21 -1.77 -36.82
N PHE H 36 40.58 -2.06 -38.07
CA PHE H 36 41.72 -1.39 -38.67
C PHE H 36 41.47 0.09 -38.78
N SER H 37 40.25 0.49 -39.08
CA SER H 37 39.94 1.91 -39.11
C SER H 37 40.19 2.54 -37.76
N ALA H 38 39.77 1.88 -36.68
CA ALA H 38 39.96 2.44 -35.34
C ALA H 38 41.44 2.54 -35.00
N LEU H 39 42.21 1.50 -35.30
CA LEU H 39 43.63 1.56 -35.00
C LEU H 39 44.29 2.69 -35.78
N PHE H 40 43.88 2.88 -37.02
CA PHE H 40 44.43 3.97 -37.82
C PHE H 40 44.07 5.32 -37.23
N ILE H 41 42.82 5.51 -36.81
CA ILE H 41 42.43 6.82 -36.28
C ILE H 41 43.14 7.11 -34.98
N GLU H 42 43.34 6.10 -34.14
CA GLU H 42 44.05 6.35 -32.89
C GLU H 42 45.54 6.56 -33.12
N THR H 43 46.12 5.90 -34.11
CA THR H 43 47.51 6.18 -34.46
C THR H 43 47.67 7.63 -34.89
N LEU H 44 46.76 8.12 -35.74
CA LEU H 44 46.83 9.51 -36.17
C LEU H 44 46.60 10.47 -35.02
N GLN H 45 45.65 10.18 -34.13
CA GLN H 45 45.43 11.06 -32.99
C GLN H 45 46.67 11.12 -32.12
N LEU H 46 47.32 9.98 -31.90
CA LEU H 46 48.57 9.98 -31.15
C LEU H 46 49.67 10.75 -31.87
N GLY H 47 49.53 10.98 -33.16
CA GLY H 47 50.58 11.62 -33.91
C GLY H 47 51.77 10.73 -34.19
N LYS H 48 51.58 9.42 -34.15
CA LYS H 48 52.69 8.51 -34.44
C LYS H 48 52.82 8.32 -35.94
N ASP H 49 53.74 7.45 -36.34
CA ASP H 49 54.01 7.20 -37.74
C ASP H 49 53.17 6.04 -38.23
N THR H 50 52.57 6.20 -39.41
CA THR H 50 51.56 5.26 -39.88
C THR H 50 52.10 4.21 -40.83
N ASP H 51 53.27 4.43 -41.44
CA ASP H 51 53.74 3.49 -42.44
C ASP H 51 53.98 2.11 -41.84
N TRP H 52 54.56 2.05 -40.64
CA TRP H 52 54.89 0.77 -40.03
C TRP H 52 53.66 -0.09 -39.85
N LEU H 53 52.58 0.50 -39.39
CA LEU H 53 51.38 -0.24 -39.04
C LEU H 53 50.34 -0.20 -40.15
N LEU H 54 50.76 0.13 -41.36
CA LEU H 54 49.91 0.08 -42.54
C LEU H 54 50.08 -1.21 -43.32
N ASN H 55 51.31 -1.53 -43.68
CA ASN H 55 51.61 -2.58 -44.63
C ASN H 55 52.41 -3.72 -44.01
N ASP H 56 52.22 -3.97 -42.71
CA ASP H 56 52.86 -5.11 -42.08
C ASP H 56 51.96 -5.90 -41.14
N LEU H 57 50.82 -5.38 -40.75
CA LEU H 57 49.98 -5.98 -39.71
C LEU H 57 48.83 -6.74 -40.34
N ILE H 58 48.55 -7.93 -39.80
CA ILE H 58 47.41 -8.74 -40.22
C ILE H 58 46.50 -8.92 -39.03
N ILE H 59 45.22 -8.57 -39.19
CA ILE H 59 44.24 -8.60 -38.13
C ILE H 59 43.11 -9.53 -38.54
N SER H 60 42.68 -10.38 -37.61
CA SER H 60 41.48 -11.17 -37.82
C SER H 60 40.27 -10.42 -37.29
N ASP H 61 39.09 -10.87 -37.70
CA ASP H 61 37.88 -10.24 -37.23
C ASP H 61 37.72 -10.49 -35.74
N THR H 62 36.67 -9.90 -35.17
CA THR H 62 36.37 -10.15 -33.77
C THR H 62 35.60 -11.45 -33.63
N PHE H 63 35.85 -12.16 -32.53
CA PHE H 63 35.15 -13.40 -32.32
C PHE H 63 34.84 -13.51 -30.85
N PRO H 64 33.62 -13.89 -30.48
CA PRO H 64 33.20 -13.81 -29.09
C PRO H 64 33.78 -14.91 -28.23
N TYR H 65 33.75 -14.69 -26.92
CA TYR H 65 34.09 -15.72 -25.95
C TYR H 65 33.11 -15.70 -24.79
N GLU H 66 33.17 -16.80 -24.02
CA GLU H 66 32.38 -16.90 -22.78
C GLU H 66 33.38 -17.08 -21.64
N ASN H 67 33.01 -17.73 -20.55
CA ASN H 67 33.88 -17.85 -19.38
C ASN H 67 35.27 -18.38 -19.69
N GLU H 68 35.36 -19.59 -20.23
CA GLU H 68 36.65 -20.16 -20.59
C GLU H 68 36.61 -20.79 -21.98
N LEU H 69 35.58 -20.49 -22.76
CA LEU H 69 35.41 -21.03 -24.09
C LEU H 69 35.63 -19.94 -25.11
N TYR H 70 36.35 -20.27 -26.17
CA TYR H 70 36.69 -19.35 -27.24
C TYR H 70 36.03 -19.87 -28.51
N TYR H 71 35.72 -18.95 -29.43
CA TYR H 71 34.81 -19.29 -30.49
C TYR H 71 35.38 -18.84 -31.82
N LEU H 72 35.15 -19.63 -32.85
CA LEU H 72 35.51 -19.22 -34.20
C LEU H 72 34.32 -19.44 -35.11
N PRO H 73 34.27 -18.82 -36.28
CA PRO H 73 33.09 -18.95 -37.13
C PRO H 73 32.99 -20.32 -37.77
N LYS H 74 31.81 -20.60 -38.27
CA LYS H 74 31.54 -21.85 -38.98
C LYS H 74 32.22 -21.87 -40.34
N PRO H 75 33.04 -22.85 -40.64
CA PRO H 75 33.52 -22.98 -42.01
C PRO H 75 32.37 -23.34 -42.93
N LEU H 76 32.25 -22.63 -44.04
CA LEU H 76 31.28 -22.97 -45.05
C LEU H 76 31.85 -24.13 -45.88
N ILE H 77 31.91 -25.29 -45.25
CA ILE H 77 32.42 -26.50 -45.87
C ILE H 77 31.24 -27.39 -46.23
N LYS H 78 31.44 -28.21 -47.25
CA LYS H 78 30.36 -29.01 -47.83
C LYS H 78 30.31 -30.33 -47.08
N ILE H 79 29.38 -30.43 -46.13
CA ILE H 79 29.17 -31.66 -45.38
C ILE H 79 28.04 -32.45 -46.02
N ASP H 80 28.28 -33.75 -46.22
CA ASP H 80 27.31 -34.64 -46.85
C ASP H 80 26.68 -35.52 -45.79
N SER H 81 25.42 -35.24 -45.46
CA SER H 81 24.63 -36.13 -44.64
C SER H 81 23.96 -37.18 -45.51
N ASN H 86 19.35 -33.59 -42.12
CA ASN H 86 18.64 -32.48 -41.51
C ASN H 86 18.78 -31.22 -42.35
N HIS H 87 20.01 -30.75 -42.52
CA HIS H 87 20.30 -29.47 -43.17
C HIS H 87 19.52 -28.34 -42.52
N LYS H 88 19.12 -28.54 -41.27
CA LYS H 88 18.41 -27.55 -40.47
C LYS H 88 19.22 -27.14 -39.25
N ALA H 89 19.66 -28.10 -38.44
CA ALA H 89 20.34 -27.78 -37.19
C ALA H 89 21.65 -27.05 -37.46
N PHE H 90 22.34 -27.40 -38.53
CA PHE H 90 23.58 -26.70 -38.85
C PHE H 90 23.29 -25.30 -39.38
N LYS H 91 22.14 -25.09 -40.01
CA LYS H 91 21.86 -23.77 -40.55
C LYS H 91 21.65 -22.74 -39.44
N LYS H 92 21.00 -23.13 -38.36
CA LYS H 92 20.76 -22.20 -37.26
C LYS H 92 22.00 -21.92 -36.45
N LEU H 93 23.12 -22.53 -36.79
CA LEU H 93 24.35 -22.42 -36.03
C LEU H 93 25.28 -21.44 -36.71
N LYS H 94 25.93 -20.60 -35.94
CA LYS H 94 26.88 -19.64 -36.47
C LYS H 94 28.31 -19.92 -36.07
N TYR H 95 28.55 -20.26 -34.80
CA TYR H 95 29.89 -20.34 -34.24
C TYR H 95 30.12 -21.69 -33.57
N VAL H 96 31.36 -22.16 -33.63
CA VAL H 96 31.75 -23.47 -33.10
C VAL H 96 32.97 -23.28 -32.21
N PRO H 97 32.90 -23.59 -30.93
CA PRO H 97 34.02 -23.32 -30.03
C PRO H 97 35.28 -24.07 -30.43
N VAL H 98 36.40 -23.69 -29.80
CA VAL H 98 37.70 -24.23 -30.17
C VAL H 98 37.82 -25.71 -29.82
N HIS H 99 37.13 -26.17 -28.78
CA HIS H 99 37.22 -27.57 -28.38
C HIS H 99 36.85 -28.49 -29.54
N HIS H 100 35.71 -28.22 -30.17
CA HIS H 100 35.09 -29.14 -31.11
C HIS H 100 35.32 -28.73 -32.56
N TYR H 101 36.28 -27.85 -32.82
CA TYR H 101 36.39 -27.30 -34.17
C TYR H 101 36.92 -28.34 -35.15
N ASN H 102 37.99 -29.04 -34.78
CA ASN H 102 38.49 -30.10 -35.64
C ASN H 102 37.48 -31.22 -35.79
N GLN H 103 36.67 -31.45 -34.74
CA GLN H 103 35.57 -32.39 -34.87
C GLN H 103 34.60 -31.95 -35.95
N TYR H 104 34.24 -30.67 -35.96
CA TYR H 104 33.36 -30.17 -37.02
C TYR H 104 33.98 -30.35 -38.38
N LEU H 105 35.27 -30.03 -38.50
CA LEU H 105 35.91 -30.13 -39.81
C LEU H 105 35.97 -31.56 -40.30
N ASN H 106 35.87 -32.54 -39.40
CA ASN H 106 35.97 -33.95 -39.77
C ASN H 106 34.70 -34.73 -39.45
N GLY H 107 33.56 -34.06 -39.38
CA GLY H 107 32.29 -34.75 -39.27
C GLY H 107 32.02 -35.41 -37.94
N GLU H 108 32.79 -35.09 -36.91
CA GLU H 108 32.59 -35.71 -35.62
C GLU H 108 31.54 -34.98 -34.78
N LEU H 109 30.72 -34.14 -35.40
CA LEU H 109 29.67 -33.41 -34.70
C LEU H 109 28.31 -33.98 -35.09
N SER H 110 27.50 -34.27 -34.10
CA SER H 110 26.19 -34.90 -34.30
C SER H 110 25.09 -33.88 -34.05
N ALA H 111 23.89 -34.21 -34.55
CA ALA H 111 22.78 -33.28 -34.49
C ALA H 111 22.44 -32.93 -33.04
N GLU H 112 22.42 -33.93 -32.16
CA GLU H 112 22.19 -33.62 -30.76
C GLU H 112 23.31 -32.76 -30.20
N ASP H 113 24.54 -32.99 -30.65
CA ASP H 113 25.64 -32.14 -30.22
C ASP H 113 25.44 -30.72 -30.75
N ALA H 114 24.92 -30.59 -31.97
CA ALA H 114 24.64 -29.26 -32.50
C ALA H 114 23.60 -28.54 -31.66
N THR H 115 22.54 -29.26 -31.27
CA THR H 115 21.54 -28.66 -30.40
C THR H 115 22.15 -28.25 -29.08
N ASP H 116 23.02 -29.09 -28.50
CA ASP H 116 23.62 -28.75 -27.22
C ASP H 116 24.51 -27.53 -27.33
N LEU H 117 25.38 -27.49 -28.35
CA LEU H 117 26.27 -26.35 -28.53
C LEU H 117 25.48 -25.07 -28.73
N ASN H 118 24.41 -25.13 -29.53
CA ASN H 118 23.55 -23.97 -29.67
C ASN H 118 22.94 -23.59 -28.32
N ASP H 119 22.56 -24.58 -27.53
CA ASP H 119 21.95 -24.29 -26.24
C ASP H 119 22.90 -23.56 -25.32
N ILE H 120 24.21 -23.85 -25.39
CA ILE H 120 25.16 -23.27 -24.47
C ILE H 120 25.61 -21.87 -24.91
N PHE H 121 25.12 -21.38 -26.04
CA PHE H 121 25.72 -20.23 -26.71
C PHE H 121 25.16 -18.90 -26.21
N ASN H 122 24.68 -18.85 -24.97
CA ASN H 122 24.16 -17.61 -24.41
C ASN H 122 25.34 -16.75 -23.99
N ILE H 123 25.72 -15.79 -24.84
CA ILE H 123 26.91 -14.99 -24.61
C ILE H 123 26.61 -13.50 -24.71
N GLY H 124 25.36 -13.13 -24.57
CA GLY H 124 24.96 -11.73 -24.60
C GLY H 124 23.54 -11.60 -25.09
N TYR H 125 22.95 -10.44 -24.81
CA TYR H 125 21.57 -10.19 -25.21
C TYR H 125 21.45 -8.79 -25.82
N PHE H 126 20.39 -8.59 -26.58
CA PHE H 126 20.18 -7.40 -27.39
C PHE H 126 19.16 -6.50 -26.73
N SER H 127 19.18 -5.22 -27.11
CA SER H 127 18.25 -4.28 -26.51
C SER H 127 18.14 -3.03 -27.37
N LEU H 128 17.00 -2.36 -27.27
CA LEU H 128 16.81 -1.04 -27.85
C LEU H 128 16.51 -0.06 -26.72
N GLN H 129 17.38 0.96 -26.61
CA GLN H 129 17.19 2.01 -25.59
C GLN H 129 16.61 3.25 -26.28
N THR H 130 15.53 3.80 -25.73
CA THR H 130 14.86 4.96 -26.31
C THR H 130 15.52 6.24 -25.82
N LYS H 131 15.51 7.25 -26.68
CA LYS H 131 16.09 8.54 -26.37
C LYS H 131 15.29 9.64 -27.07
N VAL H 132 15.42 10.86 -26.54
CA VAL H 132 14.74 12.01 -27.11
C VAL H 132 15.75 13.10 -27.36
N SER H 133 15.41 14.02 -28.27
CA SER H 133 16.32 15.06 -28.72
C SER H 133 15.61 16.40 -28.59
N LEU H 134 15.96 17.17 -27.56
CA LEU H 134 15.29 18.43 -27.28
C LEU H 134 16.14 19.63 -27.63
N ILE H 135 17.06 19.48 -28.59
CA ILE H 135 17.76 20.63 -29.15
C ILE H 135 16.87 21.42 -30.09
N ALA H 136 15.72 20.88 -30.46
CA ALA H 136 14.88 21.50 -31.47
C ALA H 136 14.12 22.67 -30.86
N GLN H 137 13.10 23.15 -31.59
CA GLN H 137 12.34 24.33 -31.18
C GLN H 137 11.66 24.16 -29.83
N GLU H 138 11.71 22.97 -29.22
CA GLU H 138 11.33 22.86 -27.81
C GLU H 138 12.16 23.83 -26.97
N THR H 139 13.37 24.15 -27.43
CA THR H 139 14.08 25.29 -26.88
C THR H 139 13.32 26.59 -27.15
N ASP H 140 12.73 26.72 -28.34
CA ASP H 140 12.16 27.99 -28.78
C ASP H 140 10.68 28.11 -28.41
N SER H 141 9.85 27.21 -28.91
CA SER H 141 8.41 27.34 -28.77
C SER H 141 7.78 25.96 -28.87
N SER H 142 6.45 25.92 -28.82
CA SER H 142 5.73 24.65 -28.89
C SER H 142 6.19 23.86 -30.11
N ALA H 143 6.85 22.73 -29.86
CA ALA H 143 7.41 21.91 -30.92
C ALA H 143 7.67 20.53 -30.35
N ASP H 144 7.25 19.51 -31.09
CA ASP H 144 7.30 18.16 -30.57
C ASP H 144 8.74 17.72 -30.37
N SER H 145 8.94 16.84 -29.40
CA SER H 145 10.21 16.15 -29.29
C SER H 145 10.34 15.14 -30.42
N GLU H 146 11.56 14.72 -30.68
CA GLU H 146 11.86 13.83 -31.80
C GLU H 146 12.57 12.60 -31.23
N PRO H 147 11.82 11.65 -30.69
CA PRO H 147 12.45 10.45 -30.14
C PRO H 147 13.20 9.69 -31.21
N TYR H 148 14.34 9.15 -30.83
CA TYR H 148 15.11 8.26 -31.69
C TYR H 148 15.53 7.04 -30.89
N SER H 149 16.03 6.03 -31.58
CA SER H 149 16.35 4.76 -30.96
C SER H 149 17.78 4.37 -31.27
N VAL H 150 18.40 3.65 -30.33
CA VAL H 150 19.73 3.11 -30.51
C VAL H 150 19.69 1.63 -30.19
N GLY H 151 20.57 0.88 -30.84
CA GLY H 151 20.67 -0.56 -30.67
C GLY H 151 21.95 -0.91 -29.93
N THR H 152 21.82 -1.74 -28.91
CA THR H 152 22.93 -2.00 -28.00
C THR H 152 23.03 -3.49 -27.76
N PHE H 153 24.21 -3.90 -27.31
CA PHE H 153 24.46 -5.28 -26.92
C PHE H 153 25.20 -5.25 -25.59
N THR H 154 24.82 -6.16 -24.69
CA THR H 154 25.45 -6.23 -23.38
C THR H 154 25.94 -7.65 -23.15
N PHE H 155 27.17 -7.78 -22.65
CA PHE H 155 27.76 -9.09 -22.38
C PHE H 155 27.63 -9.46 -20.92
N GLU H 156 27.44 -10.76 -20.67
CA GLU H 156 27.41 -11.26 -19.31
C GLU H 156 28.80 -11.18 -18.70
N PRO H 157 28.90 -11.19 -17.36
CA PRO H 157 30.16 -10.77 -16.72
C PRO H 157 31.39 -11.54 -17.13
N GLU H 158 31.28 -12.55 -17.97
CA GLU H 158 32.45 -13.28 -18.43
C GLU H 158 32.45 -13.48 -19.93
N ALA H 159 31.97 -12.51 -20.69
CA ALA H 159 31.98 -12.56 -22.14
C ALA H 159 32.82 -11.41 -22.69
N GLY H 160 32.89 -11.34 -24.01
CA GLY H 160 33.64 -10.30 -24.67
C GLY H 160 33.95 -10.70 -26.10
N LEU H 161 34.97 -10.06 -26.67
CA LEU H 161 35.47 -10.38 -27.98
C LEU H 161 36.98 -10.53 -27.93
N TYR H 162 37.55 -11.18 -28.95
CA TYR H 162 38.99 -11.33 -28.99
C TYR H 162 39.50 -11.18 -30.42
N PHE H 163 40.80 -10.94 -30.52
CA PHE H 163 41.47 -10.69 -31.80
C PHE H 163 42.46 -11.81 -32.03
N ILE H 164 42.97 -11.89 -33.25
CA ILE H 164 44.19 -12.64 -33.53
C ILE H 164 45.02 -11.80 -34.48
N ALA H 165 46.24 -11.48 -34.09
CA ALA H 165 47.09 -10.60 -34.86
C ALA H 165 48.44 -11.27 -35.07
N LYS H 166 49.09 -10.94 -36.18
CA LYS H 166 50.40 -11.52 -36.43
C LYS H 166 51.22 -10.54 -37.25
N GLY H 167 52.53 -10.69 -37.11
CA GLY H 167 53.47 -9.78 -37.73
C GLY H 167 54.81 -9.88 -37.03
N SER H 168 55.68 -8.93 -37.36
CA SER H 168 56.96 -8.90 -36.68
C SER H 168 56.76 -8.56 -35.21
N GLU H 169 57.82 -8.76 -34.42
CA GLU H 169 57.71 -8.41 -33.00
C GLU H 169 57.57 -6.91 -32.82
N GLU H 170 58.25 -6.12 -33.62
CA GLU H 170 58.16 -4.67 -33.51
C GLU H 170 56.74 -4.19 -33.82
N THR H 171 56.14 -4.77 -34.85
CA THR H 171 54.77 -4.41 -35.19
C THR H 171 53.83 -4.72 -34.04
N LEU H 172 54.05 -5.84 -33.35
CA LEU H 172 53.18 -6.19 -32.24
C LEU H 172 53.42 -5.30 -31.02
N ASP H 173 54.65 -4.84 -30.81
CA ASP H 173 54.88 -3.86 -29.75
C ASP H 173 54.14 -2.56 -30.03
N HIS H 174 54.21 -2.08 -31.28
CA HIS H 174 53.44 -0.90 -31.64
C HIS H 174 51.95 -1.13 -31.46
N LEU H 175 51.47 -2.31 -31.85
CA LEU H 175 50.06 -2.62 -31.69
C LEU H 175 49.66 -2.58 -30.24
N ASN H 176 50.55 -3.04 -29.35
CA ASN H 176 50.26 -2.96 -27.93
C ASN H 176 50.12 -1.52 -27.48
N ASN H 177 51.05 -0.66 -27.91
CA ASN H 177 50.95 0.74 -27.52
C ASN H 177 49.65 1.37 -27.99
N ILE H 178 49.29 1.12 -29.24
CA ILE H 178 48.08 1.73 -29.78
C ILE H 178 46.85 1.18 -29.07
N MET H 179 46.85 -0.11 -28.74
CA MET H 179 45.71 -0.69 -28.04
C MET H 179 45.55 -0.08 -26.66
N THR H 180 46.67 0.16 -25.97
CA THR H 180 46.60 0.87 -24.70
C THR H 180 45.98 2.25 -24.90
N ALA H 181 46.33 2.92 -26.00
CA ALA H 181 45.69 4.20 -26.27
C ALA H 181 44.20 4.04 -26.49
N LEU H 182 43.80 2.96 -27.17
CA LEU H 182 42.44 2.77 -27.62
C LEU H 182 41.50 2.34 -26.53
N GLN H 183 41.99 1.67 -25.49
CA GLN H 183 41.09 1.12 -24.49
C GLN H 183 40.25 2.18 -23.81
N TYR H 184 40.69 3.43 -23.82
CA TYR H 184 39.94 4.53 -23.21
C TYR H 184 39.16 5.35 -24.22
N SER H 185 39.45 5.18 -25.51
CA SER H 185 38.50 5.55 -26.54
C SER H 185 37.52 4.38 -26.68
N GLY H 186 36.66 4.42 -27.68
CA GLY H 186 35.70 3.36 -27.90
C GLY H 186 36.06 2.47 -29.07
N LEU H 187 35.17 1.53 -29.34
CA LEU H 187 35.31 0.69 -30.52
C LEU H 187 33.99 0.50 -31.24
N GLY H 188 33.06 1.44 -31.08
CA GLY H 188 31.76 1.21 -31.66
C GLY H 188 31.15 2.41 -32.35
N GLY H 189 29.87 2.62 -32.06
CA GLY H 189 29.12 3.71 -32.64
C GLY H 189 29.09 4.89 -31.70
N LYS H 190 28.00 5.06 -30.97
CA LYS H 190 27.83 6.26 -30.17
C LYS H 190 28.81 6.25 -29.01
N ARG H 191 30.10 6.32 -29.32
CA ARG H 191 31.12 6.28 -28.28
C ARG H 191 30.99 7.46 -27.34
N ASN H 192 30.83 8.66 -27.90
CA ASN H 192 30.82 9.87 -27.10
C ASN H 192 29.58 10.00 -26.23
N ALA H 193 28.55 9.21 -26.49
CA ALA H 193 27.32 9.27 -25.71
C ALA H 193 27.29 8.25 -24.59
N GLY H 194 28.34 7.47 -24.41
CA GLY H 194 28.45 6.57 -23.29
C GLY H 194 28.47 5.10 -23.58
N TYR H 195 28.84 4.70 -24.79
CA TYR H 195 28.85 3.31 -25.18
C TYR H 195 30.24 2.89 -25.63
N GLY H 196 30.70 1.76 -25.13
CA GLY H 196 31.80 1.07 -25.76
C GLY H 196 33.21 1.38 -25.29
N GLN H 197 33.46 1.33 -23.99
CA GLN H 197 34.83 1.31 -23.50
C GLN H 197 35.20 -0.10 -23.06
N PHE H 198 36.51 -0.35 -22.92
CA PHE H 198 36.94 -1.71 -22.70
C PHE H 198 38.30 -1.76 -22.02
N GLU H 199 38.55 -2.89 -21.38
CA GLU H 199 39.85 -3.24 -20.83
C GLU H 199 40.31 -4.56 -21.45
N TYR H 200 41.58 -4.64 -21.81
CA TYR H 200 42.06 -5.75 -22.60
C TYR H 200 43.16 -6.49 -21.86
N GLU H 201 43.27 -7.78 -22.17
CA GLU H 201 44.29 -8.65 -21.60
C GLU H 201 44.83 -9.56 -22.68
N ILE H 202 46.14 -9.79 -22.65
CA ILE H 202 46.82 -10.63 -23.63
C ILE H 202 47.10 -11.97 -22.98
N ILE H 203 46.45 -13.02 -23.47
CA ILE H 203 46.63 -14.36 -22.94
C ILE H 203 46.98 -15.29 -24.09
N ASN H 204 47.85 -16.26 -23.80
CA ASN H 204 48.31 -17.24 -24.77
C ASN H 204 47.66 -18.60 -24.51
N ASN H 205 46.69 -18.94 -25.34
CA ASN H 205 45.92 -20.17 -25.20
C ASN H 205 46.53 -21.24 -26.09
N GLN H 206 46.92 -22.36 -25.46
CA GLN H 206 47.66 -23.39 -26.18
C GLN H 206 46.83 -23.95 -27.33
N GLN H 207 45.54 -24.17 -27.09
CA GLN H 207 44.73 -24.86 -28.08
C GLN H 207 44.52 -24.01 -29.32
N LEU H 208 44.23 -22.71 -29.14
CA LEU H 208 44.06 -21.83 -30.29
C LEU H 208 45.34 -21.74 -31.09
N SER H 209 46.49 -21.71 -30.41
CA SER H 209 47.76 -21.73 -31.11
C SER H 209 47.90 -22.98 -31.95
N LYS H 210 47.58 -24.14 -31.37
CA LYS H 210 47.66 -25.38 -32.13
C LYS H 210 46.78 -25.32 -33.37
N LEU H 211 45.54 -24.85 -33.20
CA LEU H 211 44.64 -24.74 -34.34
C LEU H 211 45.18 -23.82 -35.41
N LEU H 212 45.79 -22.70 -35.00
CA LEU H 212 46.32 -21.77 -35.98
C LEU H 212 47.54 -22.30 -36.71
N ASN H 213 48.31 -23.19 -36.10
CA ASN H 213 49.57 -23.64 -36.65
C ASN H 213 49.52 -25.05 -37.22
N GLN H 214 48.44 -25.40 -37.91
CA GLN H 214 48.37 -26.68 -38.60
C GLN H 214 48.91 -26.52 -40.03
N ASN H 215 48.72 -27.56 -40.84
CA ASN H 215 49.04 -27.53 -42.26
C ASN H 215 48.06 -28.44 -42.98
N GLY H 216 47.41 -27.92 -44.02
CA GLY H 216 46.41 -28.68 -44.72
C GLY H 216 46.30 -28.35 -46.20
N LYS H 217 45.17 -28.68 -46.81
CA LYS H 217 44.91 -28.41 -48.21
C LYS H 217 43.88 -27.32 -48.46
N HIS H 218 42.85 -27.25 -47.61
CA HIS H 218 41.87 -26.20 -47.71
C HIS H 218 42.37 -24.97 -46.96
N SER H 219 41.52 -23.95 -46.90
CA SER H 219 41.80 -22.76 -46.11
C SER H 219 40.49 -22.14 -45.67
N ILE H 220 40.44 -21.68 -44.43
CA ILE H 220 39.24 -21.06 -43.86
C ILE H 220 39.56 -19.59 -43.65
N LEU H 221 38.87 -18.72 -44.36
CA LEU H 221 39.16 -17.29 -44.26
C LEU H 221 38.51 -16.72 -43.02
N LEU H 222 39.34 -16.23 -42.10
CA LEU H 222 38.89 -15.79 -40.79
C LEU H 222 38.63 -14.30 -40.73
N SER H 223 38.95 -13.57 -41.79
CA SER H 223 38.74 -12.14 -41.80
C SER H 223 37.93 -11.79 -43.04
N THR H 224 37.85 -10.51 -43.37
CA THR H 224 37.18 -10.08 -44.59
C THR H 224 38.24 -9.63 -45.56
N ALA H 225 38.30 -10.27 -46.73
CA ALA H 225 39.35 -10.03 -47.70
C ALA H 225 38.75 -9.82 -49.07
N MET H 226 39.57 -9.26 -49.96
CA MET H 226 39.25 -9.19 -51.38
C MET H 226 40.55 -9.26 -52.15
N ALA H 227 40.66 -10.23 -53.04
CA ALA H 227 41.90 -10.40 -53.80
C ALA H 227 42.13 -9.20 -54.70
N LYS H 228 43.40 -8.93 -54.98
CA LYS H 228 43.74 -7.87 -55.91
C LYS H 228 43.25 -8.25 -57.31
N LYS H 229 43.39 -7.29 -58.22
CA LYS H 229 42.84 -7.47 -59.56
C LYS H 229 43.45 -8.68 -60.26
N GLU H 230 44.75 -8.86 -60.10
CA GLU H 230 45.48 -9.82 -60.93
C GLU H 230 45.59 -11.20 -60.32
N GLU H 231 44.87 -11.49 -59.25
CA GLU H 231 44.91 -12.82 -58.65
C GLU H 231 43.54 -13.46 -58.51
N ILE H 232 42.46 -12.71 -58.73
CA ILE H 232 41.13 -13.21 -58.44
C ILE H 232 40.76 -14.38 -59.34
N GLU H 233 41.21 -14.38 -60.60
CA GLU H 233 40.80 -15.42 -61.53
C GLU H 233 41.26 -16.79 -61.06
N SER H 234 42.48 -16.88 -60.58
CA SER H 234 42.97 -18.14 -60.04
C SER H 234 42.62 -18.32 -58.58
N ALA H 235 42.14 -17.26 -57.92
CA ALA H 235 41.75 -17.41 -56.52
C ALA H 235 40.41 -18.11 -56.37
N LEU H 236 39.51 -17.93 -57.32
CA LEU H 236 38.13 -18.40 -57.18
C LEU H 236 37.90 -19.74 -57.87
N LYS H 237 38.93 -20.59 -57.96
CA LYS H 237 38.81 -21.82 -58.72
C LYS H 237 37.79 -22.77 -58.10
N GLU H 238 37.93 -23.08 -56.81
CA GLU H 238 36.98 -23.91 -56.10
C GLU H 238 36.77 -23.30 -54.73
N ALA H 239 35.61 -22.67 -54.52
CA ALA H 239 35.41 -21.91 -53.30
C ALA H 239 33.94 -21.90 -52.91
N ARG H 240 33.70 -21.62 -51.63
CA ARG H 240 32.36 -21.47 -51.08
C ARG H 240 32.36 -20.20 -50.24
N TYR H 241 31.57 -19.20 -50.63
CA TYR H 241 31.78 -17.88 -50.07
C TYR H 241 30.50 -17.06 -50.10
N ILE H 242 30.48 -16.04 -49.24
CA ILE H 242 29.40 -15.08 -49.15
C ILE H 242 30.00 -13.69 -49.25
N LEU H 243 29.43 -12.84 -50.10
CA LEU H 243 29.86 -11.46 -50.24
C LEU H 243 28.96 -10.55 -49.42
N THR H 244 29.52 -9.45 -48.94
CA THR H 244 28.78 -8.51 -48.11
C THR H 244 29.09 -7.08 -48.55
N LYS H 245 28.07 -6.36 -48.98
CA LYS H 245 28.22 -4.93 -49.21
C LYS H 245 28.57 -4.23 -47.92
N ARG H 246 29.82 -3.73 -47.85
CA ARG H 246 30.29 -3.01 -46.65
C ARG H 246 30.34 -1.51 -46.97
N SER H 247 29.53 -0.71 -46.27
CA SER H 247 29.47 0.72 -46.53
C SER H 247 29.68 1.54 -45.27
N GLY H 248 29.49 2.87 -45.36
CA GLY H 248 29.66 3.74 -44.23
C GLY H 248 30.23 5.11 -44.59
N PHE H 249 30.14 6.06 -43.67
CA PHE H 249 30.63 7.40 -43.93
C PHE H 249 32.07 7.51 -43.46
N VAL H 250 32.64 8.71 -43.47
CA VAL H 250 34.03 8.91 -43.12
C VAL H 250 34.13 10.07 -42.13
N GLN H 251 35.22 10.08 -41.36
CA GLN H 251 35.42 11.04 -40.28
C GLN H 251 36.50 12.05 -40.67
N SER H 252 36.10 13.32 -40.85
CA SER H 252 36.98 14.44 -41.17
C SER H 252 37.73 14.25 -42.48
N THR H 253 36.96 14.24 -43.57
CA THR H 253 37.50 14.26 -44.93
C THR H 253 37.17 15.54 -45.67
N ASN H 254 35.90 15.94 -45.72
CA ASN H 254 35.50 17.15 -46.42
C ASN H 254 34.53 17.95 -45.55
N TYR H 255 33.88 18.95 -46.14
CA TYR H 255 33.07 19.87 -45.34
C TYR H 255 31.85 19.17 -44.76
N SER H 256 31.03 18.56 -45.62
CA SER H 256 29.79 17.95 -45.17
C SER H 256 30.00 16.46 -44.92
N GLU H 257 29.71 16.01 -43.70
CA GLU H 257 29.69 14.58 -43.44
C GLU H 257 28.62 13.89 -44.28
N MET H 258 27.43 14.50 -44.37
CA MET H 258 26.34 13.90 -45.13
C MET H 258 26.69 13.78 -46.61
N LEU H 259 27.50 14.70 -47.13
CA LEU H 259 27.91 14.64 -48.52
C LEU H 259 29.01 13.60 -48.75
N VAL H 260 29.77 13.24 -47.72
CA VAL H 260 30.86 12.28 -47.87
C VAL H 260 30.42 10.92 -47.38
N LYS H 261 30.68 9.90 -48.20
CA LYS H 261 30.23 8.54 -47.96
C LYS H 261 31.11 7.64 -48.79
N LYS H 262 31.72 6.65 -48.16
CA LYS H 262 32.64 5.79 -48.90
C LYS H 262 31.89 5.08 -50.01
N SER H 263 32.58 4.90 -51.13
CA SER H 263 32.03 4.04 -52.17
C SER H 263 31.85 2.64 -51.60
N ASP H 264 30.76 1.99 -52.00
CA ASP H 264 30.47 0.67 -51.47
C ASP H 264 31.57 -0.30 -51.86
N PHE H 265 31.90 -1.21 -50.95
CA PHE H 265 32.90 -2.22 -51.21
C PHE H 265 32.38 -3.59 -50.83
N TYR H 266 32.67 -4.57 -51.69
CA TYR H 266 32.29 -5.95 -51.46
C TYR H 266 33.53 -6.75 -51.12
N SER H 267 33.42 -7.62 -50.12
CA SER H 267 34.51 -8.49 -49.74
C SER H 267 33.93 -9.82 -49.28
N PHE H 268 34.76 -10.86 -49.36
CA PHE H 268 34.34 -12.16 -48.88
C PHE H 268 34.14 -12.11 -47.37
N SER H 269 33.26 -12.98 -46.89
CA SER H 269 32.87 -12.96 -45.48
C SER H 269 33.94 -13.63 -44.65
N SER H 270 33.64 -13.90 -43.39
CA SER H 270 34.62 -14.42 -42.44
C SER H 270 34.49 -15.91 -42.23
N GLY H 271 34.01 -16.66 -43.22
CA GLY H 271 33.94 -18.09 -43.11
C GLY H 271 34.23 -18.84 -44.40
N SER H 272 34.58 -18.09 -45.44
CA SER H 272 34.73 -18.69 -46.77
C SER H 272 35.90 -19.66 -46.81
N VAL H 273 35.82 -20.61 -47.74
CA VAL H 273 36.82 -21.66 -47.90
C VAL H 273 37.40 -21.58 -49.31
N PHE H 274 38.72 -21.71 -49.41
CA PHE H 274 39.42 -21.52 -50.66
C PHE H 274 40.45 -22.64 -50.86
N LYS H 275 40.82 -22.89 -52.12
CA LYS H 275 41.90 -23.78 -52.49
C LYS H 275 43.23 -23.05 -52.65
N ASN H 276 43.24 -21.95 -53.38
CA ASN H 276 44.46 -21.21 -53.67
C ASN H 276 44.46 -19.92 -52.86
N ILE H 277 45.51 -19.74 -52.04
CA ILE H 277 45.62 -18.56 -51.21
C ILE H 277 45.81 -17.31 -52.07
N PHE H 278 45.29 -16.20 -51.59
CA PHE H 278 45.58 -14.90 -52.17
C PHE H 278 45.96 -13.94 -51.05
N ASN H 279 46.95 -13.10 -51.32
CA ASN H 279 47.21 -11.98 -50.43
C ASN H 279 46.29 -10.83 -50.78
N GLY H 280 46.02 -10.00 -49.80
CA GLY H 280 45.07 -8.92 -50.02
C GLY H 280 45.75 -7.59 -50.23
N ASP H 281 45.03 -6.50 -49.95
CA ASP H 281 45.59 -5.17 -50.06
C ASP H 281 44.64 -4.21 -49.33
N ILE H 282 45.20 -3.09 -48.89
CA ILE H 282 44.41 -2.05 -48.25
C ILE H 282 43.91 -1.14 -49.36
N PHE H 283 42.62 -1.25 -49.66
CA PHE H 283 42.04 -0.64 -50.85
C PHE H 283 41.47 0.72 -50.50
N ASN H 284 41.72 1.69 -51.36
CA ASN H 284 41.09 2.99 -51.18
C ASN H 284 39.63 2.93 -51.57
N VAL H 285 38.80 3.58 -50.78
CA VAL H 285 37.40 3.78 -51.15
C VAL H 285 37.24 5.27 -51.31
N GLY H 286 38.33 5.93 -51.68
CA GLY H 286 38.40 7.38 -51.64
C GLY H 286 38.10 8.05 -52.96
N HIS H 287 37.50 9.22 -52.85
CA HIS H 287 37.22 10.11 -53.97
C HIS H 287 36.69 11.41 -53.38
N ASN H 288 36.94 12.53 -54.04
CA ASN H 288 36.39 13.82 -53.63
C ASN H 288 36.79 14.15 -52.19
N GLY H 289 38.05 13.87 -51.83
CA GLY H 289 38.51 14.05 -50.47
C GLY H 289 39.88 14.70 -50.41
N LYS H 290 40.24 15.11 -49.20
CA LYS H 290 41.53 15.75 -48.95
C LYS H 290 42.61 14.77 -48.52
N HIS H 291 42.25 13.58 -48.08
CA HIS H 291 43.21 12.56 -47.70
C HIS H 291 42.67 11.20 -48.12
N PRO H 292 43.54 10.24 -48.36
CA PRO H 292 43.05 8.90 -48.70
C PRO H 292 42.34 8.26 -47.53
N VAL H 293 41.30 7.50 -47.84
CA VAL H 293 40.54 6.76 -46.84
C VAL H 293 40.70 5.27 -47.15
N TYR H 294 41.12 4.51 -46.15
CA TYR H 294 41.52 3.13 -46.33
C TYR H 294 40.44 2.17 -45.88
N ARG H 295 40.28 1.09 -46.64
CA ARG H 295 39.52 -0.07 -46.22
C ARG H 295 40.45 -1.27 -46.19
N TYR H 296 40.18 -2.20 -45.30
CA TYR H 296 41.09 -3.30 -45.04
C TYR H 296 40.58 -4.57 -45.72
N ALA H 297 41.47 -5.23 -46.45
CA ALA H 297 41.17 -6.54 -47.01
C ALA H 297 42.48 -7.32 -47.06
N LYS H 298 42.73 -8.11 -46.02
CA LYS H 298 43.89 -8.95 -45.96
C LYS H 298 43.43 -10.16 -45.15
N PRO H 299 43.69 -11.37 -45.62
CA PRO H 299 43.16 -12.55 -44.95
C PRO H 299 44.05 -13.00 -43.82
N LEU H 300 43.43 -13.61 -42.82
CA LEU H 300 44.13 -14.43 -41.85
C LEU H 300 43.65 -15.86 -42.06
N TRP H 301 44.52 -16.71 -42.58
CA TRP H 301 44.15 -18.04 -43.00
C TRP H 301 44.29 -19.05 -41.88
N LEU H 302 43.35 -19.99 -41.83
CA LEU H 302 43.43 -21.13 -40.92
C LEU H 302 43.50 -22.37 -41.78
N GLU H 303 44.60 -23.11 -41.66
CA GLU H 303 44.98 -24.09 -42.67
C GLU H 303 44.65 -25.50 -42.18
N VAL H 304 43.42 -25.91 -42.42
CA VAL H 304 43.00 -27.28 -42.23
C VAL H 304 41.61 -27.46 -42.84
N MET I 1 18.51 -3.83 34.98
CA MET I 1 18.35 -4.00 36.42
C MET I 1 17.25 -5.03 36.68
N THR I 2 16.01 -4.57 36.69
CA THR I 2 14.84 -5.43 36.82
C THR I 2 14.92 -6.34 38.03
N PHE I 3 15.42 -5.80 39.15
CA PHE I 3 15.24 -6.50 40.41
C PHE I 3 13.78 -6.74 40.71
N ALA I 4 12.89 -5.89 40.18
CA ALA I 4 11.45 -6.11 40.30
C ALA I 4 11.08 -7.53 39.87
N HIS I 5 11.71 -7.99 38.79
CA HIS I 5 11.38 -9.26 38.19
C HIS I 5 11.57 -10.41 39.19
N GLU I 6 12.79 -10.55 39.69
CA GLU I 6 13.08 -11.66 40.59
C GLU I 6 12.51 -11.41 41.99
N VAL I 7 12.33 -10.14 42.38
CA VAL I 7 11.65 -9.87 43.65
C VAL I 7 10.20 -10.35 43.60
N VAL I 8 9.50 -10.05 42.51
CA VAL I 8 8.11 -10.46 42.41
C VAL I 8 8.01 -11.98 42.45
N LYS I 9 8.93 -12.66 41.78
CA LYS I 9 8.92 -14.11 42.00
C LYS I 9 9.47 -14.54 43.37
N SER I 10 10.18 -13.69 44.09
CA SER I 10 10.56 -14.06 45.44
C SER I 10 9.42 -13.90 46.43
N ASN I 11 8.40 -13.11 46.10
CA ASN I 11 7.32 -12.84 47.03
C ASN I 11 6.08 -13.69 46.78
N VAL I 12 6.19 -14.76 45.99
CA VAL I 12 5.08 -15.68 45.81
C VAL I 12 5.19 -16.77 46.87
N LYS I 13 4.29 -16.74 47.85
CA LYS I 13 4.34 -17.64 49.00
C LYS I 13 3.06 -18.49 49.05
N ASN I 14 2.94 -19.27 50.11
CA ASN I 14 1.76 -20.12 50.32
C ASN I 14 1.28 -20.01 51.76
N GLN I 24 -2.27 -19.42 48.31
CA GLN I 24 -1.27 -18.48 47.82
C GLN I 24 -1.63 -17.04 48.19
N VAL I 25 -0.64 -16.31 48.71
CA VAL I 25 -0.80 -14.89 49.00
C VAL I 25 0.33 -14.13 48.32
N LEU I 26 0.05 -12.88 47.97
CA LEU I 26 1.02 -12.01 47.33
C LEU I 26 1.35 -10.87 48.28
N PHE I 27 2.59 -10.83 48.74
CA PHE I 27 3.02 -9.83 49.72
C PHE I 27 2.11 -9.85 50.93
N ASN I 28 1.67 -11.06 51.29
CA ASN I 28 0.60 -11.26 52.26
C ASN I 28 -0.66 -10.53 51.79
N GLY I 29 -1.08 -10.85 50.57
CA GLY I 29 -2.38 -10.41 50.08
C GLY I 29 -2.45 -9.06 49.42
N LEU I 30 -1.39 -8.62 48.75
CA LEU I 30 -1.45 -7.34 48.05
C LEU I 30 -2.29 -7.46 46.79
N THR I 31 -3.07 -6.42 46.50
CA THR I 31 -3.94 -6.40 45.33
C THR I 31 -3.78 -5.06 44.62
N THR I 32 -4.15 -5.05 43.34
CA THR I 32 -3.94 -3.87 42.51
C THR I 32 -4.84 -2.71 42.92
N SER I 33 -6.00 -3.01 43.51
CA SER I 33 -6.86 -1.94 43.99
C SER I 33 -6.22 -1.14 45.11
N LYS I 34 -5.21 -1.72 45.77
CA LYS I 34 -4.61 -1.10 46.94
C LYS I 34 -3.48 -0.14 46.60
N LEU I 35 -3.18 0.08 45.32
CA LEU I 35 -2.13 1.00 44.91
C LEU I 35 -2.63 2.07 43.96
N ARG I 36 -3.95 2.25 43.84
CA ARG I 36 -4.50 3.19 42.87
C ARG I 36 -4.02 4.60 43.13
N ASN I 37 -4.09 5.05 44.39
CA ASN I 37 -3.73 6.42 44.71
C ASN I 37 -2.25 6.68 44.41
N LEU I 38 -1.40 5.72 44.78
CA LEU I 38 0.02 5.87 44.50
C LEU I 38 0.27 5.93 43.01
N MET I 39 -0.42 5.09 42.23
CA MET I 39 -0.24 5.16 40.78
C MET I 39 -0.67 6.51 40.23
N GLU I 40 -1.79 7.04 40.70
CA GLU I 40 -2.26 8.34 40.23
C GLU I 40 -1.24 9.42 40.53
N GLN I 41 -0.74 9.46 41.77
CA GLN I 41 0.20 10.50 42.14
C GLN I 41 1.48 10.40 41.32
N VAL I 42 1.99 9.18 41.13
CA VAL I 42 3.20 9.00 40.34
C VAL I 42 2.97 9.44 38.91
N ASN I 43 1.79 9.15 38.36
CA ASN I 43 1.51 9.54 36.99
C ASN I 43 1.48 11.05 36.84
N ARG I 44 0.86 11.75 37.80
CA ARG I 44 0.80 13.20 37.71
C ARG I 44 2.19 13.80 37.82
N LEU I 45 3.02 13.30 38.74
CA LEU I 45 4.39 13.79 38.82
C LEU I 45 5.15 13.49 37.54
N TYR I 46 4.87 12.33 36.94
CA TYR I 46 5.46 11.99 35.64
C TYR I 46 5.17 13.05 34.60
N THR I 47 3.89 13.39 34.44
CA THR I 47 3.55 14.35 33.38
C THR I 47 4.08 15.73 33.68
N ILE I 48 4.06 16.14 34.95
CA ILE I 48 4.58 17.46 35.28
C ILE I 48 6.08 17.53 35.01
N ALA I 49 6.82 16.51 35.43
CA ALA I 49 8.27 16.52 35.19
C ALA I 49 8.57 16.42 33.71
N PHE I 50 7.76 15.70 32.95
CA PHE I 50 7.96 15.64 31.51
C PHE I 50 7.78 17.01 30.88
N ASN I 51 6.79 17.77 31.37
CA ASN I 51 6.62 19.13 30.86
C ASN I 51 7.84 20.00 31.11
N SER I 52 8.64 19.68 32.13
CA SER I 52 9.79 20.51 32.46
C SER I 52 10.87 20.38 31.40
N ASN I 53 11.63 21.46 31.20
CA ASN I 53 12.70 21.47 30.22
C ASN I 53 14.03 21.05 30.83
N GLU I 54 14.47 21.75 31.86
CA GLU I 54 15.80 21.55 32.42
C GLU I 54 15.86 20.28 33.26
N ASP I 55 17.10 19.83 33.53
CA ASP I 55 17.31 18.67 34.38
C ASP I 55 17.26 19.03 35.86
N GLN I 56 17.67 20.25 36.21
CA GLN I 56 17.58 20.68 37.59
C GLN I 56 16.13 20.71 38.04
N LEU I 57 15.86 20.10 39.18
CA LEU I 57 14.50 20.02 39.68
C LEU I 57 14.15 21.29 40.44
N ASN I 58 13.04 21.92 40.06
CA ASN I 58 12.60 23.12 40.75
C ASN I 58 12.22 22.80 42.19
N GLU I 59 12.32 23.80 43.06
CA GLU I 59 11.98 23.59 44.45
C GLU I 59 10.52 23.19 44.62
N GLU I 60 9.65 23.65 43.72
CA GLU I 60 8.27 23.20 43.75
C GLU I 60 8.15 21.71 43.44
N PHE I 61 8.94 21.23 42.47
CA PHE I 61 8.91 19.79 42.21
C PHE I 61 9.54 19.01 43.36
N ILE I 62 10.51 19.62 44.04
CA ILE I 62 11.05 19.00 45.25
C ILE I 62 9.97 18.87 46.31
N ASP I 63 9.13 19.90 46.46
CA ASP I 63 8.02 19.81 47.40
C ASP I 63 7.03 18.75 46.96
N GLU I 64 6.84 18.60 45.65
CA GLU I 64 6.01 17.52 45.15
C GLU I 64 6.57 16.16 45.56
N LEU I 65 7.89 16.00 45.45
CA LEU I 65 8.51 14.75 45.88
C LEU I 65 8.35 14.54 47.38
N GLU I 66 8.45 15.62 48.16
CA GLU I 66 8.25 15.50 49.60
C GLU I 66 6.84 15.02 49.91
N TYR I 67 5.83 15.61 49.25
CA TYR I 67 4.47 15.16 49.50
C TYR I 67 4.25 13.73 49.01
N LEU I 68 4.96 13.33 47.95
CA LEU I 68 4.88 11.96 47.49
C LEU I 68 5.43 10.99 48.55
N LYS I 69 6.56 11.35 49.16
CA LYS I 69 7.08 10.56 50.27
C LYS I 69 6.06 10.48 51.40
N ILE I 70 5.43 11.61 51.72
CA ILE I 70 4.40 11.63 52.75
C ILE I 70 3.30 10.65 52.39
N LYS I 71 2.91 10.62 51.12
CA LYS I 71 1.80 9.74 50.73
C LYS I 71 2.20 8.27 50.78
N PHE I 72 3.43 7.93 50.41
CA PHE I 72 3.84 6.54 50.63
C PHE I 72 3.73 6.19 52.09
N TYR I 73 4.21 7.07 52.96
CA TYR I 73 4.18 6.74 54.38
C TYR I 73 2.76 6.61 54.89
N TYR I 74 1.86 7.47 54.42
CA TYR I 74 0.46 7.37 54.82
C TYR I 74 -0.12 6.02 54.42
N GLU I 75 0.03 5.66 53.14
CA GLU I 75 -0.57 4.42 52.68
C GLU I 75 0.05 3.22 53.39
N ALA I 76 1.36 3.28 53.66
CA ALA I 76 2.02 2.17 54.35
C ALA I 76 1.54 2.05 55.78
N GLY I 77 1.17 3.17 56.40
CA GLY I 77 0.56 3.09 57.72
C GLY I 77 -0.87 2.61 57.68
N ARG I 78 -1.55 2.82 56.54
CA ARG I 78 -2.95 2.41 56.44
C ARG I 78 -3.10 0.90 56.37
N GLU I 79 -2.27 0.23 55.56
CA GLU I 79 -2.38 -1.20 55.35
C GLU I 79 -1.04 -1.87 55.57
N LYS I 80 -1.09 -3.12 56.03
CA LYS I 80 0.13 -3.86 56.35
C LYS I 80 0.80 -4.44 55.12
N SER I 81 0.03 -4.94 54.15
CA SER I 81 0.63 -5.54 52.97
C SER I 81 1.37 -4.51 52.15
N VAL I 82 0.78 -3.33 51.98
CA VAL I 82 1.46 -2.24 51.29
C VAL I 82 2.73 -1.89 52.04
N ASP I 83 2.70 -1.95 53.37
CA ASP I 83 3.90 -1.67 54.17
C ASP I 83 5.00 -2.67 53.85
N GLU I 84 4.65 -3.96 53.78
CA GLU I 84 5.65 -4.97 53.47
C GLU I 84 6.20 -4.81 52.06
N PHE I 85 5.32 -4.52 51.10
CA PHE I 85 5.74 -4.25 49.72
C PHE I 85 6.72 -3.09 49.66
N LEU I 86 6.35 -1.96 50.25
CA LEU I 86 7.22 -0.80 50.22
C LEU I 86 8.53 -1.07 50.95
N LYS I 87 8.46 -1.81 52.05
CA LYS I 87 9.66 -2.07 52.85
C LYS I 87 10.64 -2.94 52.08
N LYS I 88 10.15 -4.03 51.47
CA LYS I 88 11.08 -4.93 50.80
C LYS I 88 11.53 -4.40 49.44
N THR I 89 10.69 -3.64 48.75
CA THR I 89 11.06 -3.08 47.47
C THR I 89 11.91 -1.82 47.58
N LEU I 90 12.28 -1.42 48.79
CA LEU I 90 13.21 -0.31 49.01
C LEU I 90 12.68 1.00 48.42
N MET I 91 11.35 1.10 48.30
CA MET I 91 10.74 2.33 47.83
C MET I 91 11.20 3.52 48.65
N PHE I 92 11.18 3.39 49.97
CA PHE I 92 11.56 4.52 50.81
C PHE I 92 13.02 4.91 50.60
N PRO I 93 14.00 3.98 50.63
CA PRO I 93 15.38 4.40 50.34
C PRO I 93 15.53 4.99 48.96
N ILE I 94 14.83 4.46 47.97
CA ILE I 94 14.95 4.98 46.61
C ILE I 94 14.42 6.40 46.54
N ILE I 95 13.28 6.66 47.17
CA ILE I 95 12.73 8.01 47.18
C ILE I 95 13.67 8.97 47.89
N ASP I 96 14.25 8.53 49.01
CA ASP I 96 15.21 9.38 49.71
C ASP I 96 16.39 9.73 48.81
N ARG I 97 16.91 8.74 48.08
CA ARG I 97 18.03 9.01 47.19
C ARG I 97 17.61 9.92 46.04
N VAL I 98 16.40 9.73 45.52
CA VAL I 98 15.92 10.59 44.44
C VAL I 98 15.84 12.03 44.91
N ILE I 99 15.30 12.24 46.11
CA ILE I 99 15.23 13.58 46.68
C ILE I 99 16.62 14.16 46.85
N LYS I 100 17.58 13.33 47.27
CA LYS I 100 18.95 13.81 47.43
C LYS I 100 19.56 14.23 46.10
N LYS I 101 19.28 13.47 45.04
CA LYS I 101 19.96 13.70 43.77
C LYS I 101 19.43 14.93 43.04
N GLU I 102 18.11 15.15 43.11
CA GLU I 102 17.47 16.30 42.46
C GLU I 102 17.69 16.31 40.94
N SER I 103 17.77 15.14 40.33
CA SER I 103 17.94 15.02 38.89
C SER I 103 16.69 14.42 38.26
N LYS I 104 16.27 14.98 37.12
CA LYS I 104 15.02 14.54 36.50
C LYS I 104 15.15 13.15 35.91
N LYS I 105 16.29 12.84 35.30
CA LYS I 105 16.46 11.55 34.64
C LYS I 105 16.35 10.41 35.64
N PHE I 106 16.94 10.58 36.81
CA PHE I 106 16.82 9.55 37.84
C PHE I 106 15.37 9.38 38.27
N PHE I 107 14.60 10.47 38.32
CA PHE I 107 13.20 10.36 38.67
C PHE I 107 12.43 9.58 37.62
N LEU I 108 12.73 9.81 36.34
CA LEU I 108 12.09 9.01 35.30
C LEU I 108 12.50 7.55 35.38
N ASP I 109 13.75 7.27 35.73
CA ASP I 109 14.18 5.89 35.90
C ASP I 109 13.41 5.22 37.04
N TYR I 110 13.23 5.95 38.15
CA TYR I 110 12.37 5.46 39.22
C TYR I 110 10.96 5.18 38.72
N CYS I 111 10.43 6.08 37.89
CA CYS I 111 9.11 5.87 37.34
C CYS I 111 9.03 4.55 36.58
N LYS I 112 10.04 4.30 35.74
CA LYS I 112 10.04 3.05 34.98
C LYS I 112 10.11 1.84 35.92
N TYR I 113 10.98 1.91 36.93
CA TYR I 113 11.09 0.81 37.89
C TYR I 113 9.74 0.53 38.53
N PHE I 114 9.11 1.56 39.07
CA PHE I 114 7.86 1.37 39.79
C PHE I 114 6.76 0.87 38.86
N GLU I 115 6.78 1.32 37.62
CA GLU I 115 5.82 0.80 36.66
C GLU I 115 6.03 -0.69 36.45
N ALA I 116 7.30 -1.11 36.36
CA ALA I 116 7.58 -2.54 36.22
C ALA I 116 7.08 -3.32 37.43
N LEU I 117 7.34 -2.79 38.63
CA LEU I 117 6.83 -3.41 39.84
C LEU I 117 5.33 -3.62 39.75
N VAL I 118 4.60 -2.56 39.41
CA VAL I 118 3.16 -2.65 39.37
C VAL I 118 2.71 -3.65 38.31
N ALA I 119 3.36 -3.64 37.16
CA ALA I 119 2.96 -4.54 36.08
C ALA I 119 3.13 -5.99 36.51
N TYR I 120 4.24 -6.31 37.15
CA TYR I 120 4.42 -7.66 37.65
C TYR I 120 3.36 -8.01 38.68
N ALA I 121 3.13 -7.11 39.64
CA ALA I 121 2.13 -7.37 40.67
C ALA I 121 0.76 -7.63 40.05
N LYS I 122 0.46 -6.94 38.95
CA LYS I 122 -0.83 -7.11 38.29
C LYS I 122 -0.89 -8.42 37.51
N TYR I 123 0.21 -8.82 36.89
CA TYR I 123 0.20 -10.03 36.08
C TYR I 123 0.09 -11.28 36.96
N TYR I 124 0.53 -11.21 38.21
CA TYR I 124 0.42 -12.31 39.16
C TYR I 124 -0.70 -11.94 40.13
N GLN I 125 -1.91 -12.40 39.85
CA GLN I 125 -3.01 -12.06 40.75
C GLN I 125 -4.00 -13.21 40.80
N LYS I 126 -4.71 -13.27 41.92
CA LYS I 126 -5.79 -14.22 42.18
C LYS I 126 -6.69 -14.45 40.97
N ALA J 4 9.42 17.58 59.66
CA ALA J 4 8.18 16.88 59.95
C ALA J 4 8.45 15.42 60.31
N HIS J 5 9.09 14.71 59.39
CA HIS J 5 9.45 13.31 59.66
C HIS J 5 10.42 13.21 60.82
N GLU J 6 11.40 14.12 60.88
CA GLU J 6 12.46 14.03 61.87
C GLU J 6 11.90 13.98 63.28
N VAL J 7 10.96 14.90 63.59
CA VAL J 7 10.41 14.99 64.93
C VAL J 7 9.66 13.73 65.30
N VAL J 8 8.82 13.22 64.38
CA VAL J 8 7.99 12.06 64.70
C VAL J 8 8.85 10.81 64.84
N LYS J 9 9.82 10.63 63.95
CA LYS J 9 10.71 9.49 64.05
C LYS J 9 11.60 9.55 65.30
N SER J 10 11.96 10.75 65.74
CA SER J 10 12.86 10.89 66.88
C SER J 10 12.12 10.92 68.22
N ASN J 11 10.81 11.14 68.21
CA ASN J 11 10.03 11.12 69.44
C ASN J 11 9.47 9.74 69.76
N VAL J 12 10.02 8.70 69.14
CA VAL J 12 9.64 7.32 69.46
C VAL J 12 10.56 6.87 70.59
N LYS J 13 10.04 6.84 71.81
CA LYS J 13 10.81 6.48 72.98
C LYS J 13 10.41 5.09 73.47
N ASN J 14 11.25 4.52 74.32
CA ASN J 14 11.08 3.16 74.79
C ASN J 14 10.72 3.12 76.27
N GLN J 24 7.20 -0.01 73.10
CA GLN J 24 7.45 1.19 72.30
C GLN J 24 6.23 2.09 72.28
N VAL J 25 6.45 3.39 72.50
CA VAL J 25 5.38 4.37 72.53
C VAL J 25 5.76 5.54 71.61
N LEU J 26 4.73 6.24 71.14
CA LEU J 26 4.89 7.47 70.37
C LEU J 26 4.33 8.62 71.18
N PHE J 27 5.17 9.60 71.51
CA PHE J 27 4.79 10.74 72.34
C PHE J 27 4.08 10.27 73.61
N ASN J 28 4.58 9.17 74.17
CA ASN J 28 3.94 8.48 75.29
C ASN J 28 2.49 8.11 74.93
N GLY J 29 2.39 7.24 73.93
CA GLY J 29 1.13 6.61 73.62
C GLY J 29 0.15 7.40 72.79
N LEU J 30 0.62 8.17 71.82
CA LEU J 30 -0.28 8.96 71.01
C LEU J 30 -1.01 8.10 69.99
N THR J 31 -2.32 8.34 69.85
CA THR J 31 -3.13 7.65 68.87
C THR J 31 -4.06 8.65 68.21
N THR J 32 -4.28 8.47 66.90
CA THR J 32 -4.92 9.48 66.08
C THR J 32 -6.36 9.75 66.51
N SER J 33 -7.00 8.77 67.15
CA SER J 33 -8.35 9.00 67.63
C SER J 33 -8.41 10.19 68.59
N LYS J 34 -7.30 10.46 69.28
CA LYS J 34 -7.22 11.65 70.09
C LYS J 34 -7.08 12.93 69.27
N LEU J 35 -6.71 12.81 68.00
CA LEU J 35 -6.48 13.97 67.15
C LEU J 35 -7.66 14.25 66.22
N ARG J 36 -8.80 13.61 66.45
CA ARG J 36 -9.89 13.70 65.49
C ARG J 36 -10.37 15.14 65.34
N ASN J 37 -10.68 15.79 66.47
CA ASN J 37 -11.26 17.12 66.42
C ASN J 37 -10.29 18.13 65.82
N LEU J 38 -9.01 18.01 66.17
CA LEU J 38 -8.00 18.85 65.53
C LEU J 38 -7.96 18.60 64.03
N MET J 39 -8.01 17.34 63.62
CA MET J 39 -8.00 17.03 62.20
C MET J 39 -9.19 17.68 61.49
N GLU J 40 -10.37 17.61 62.11
CA GLU J 40 -11.53 18.26 61.53
C GLU J 40 -11.34 19.76 61.46
N GLN J 41 -10.73 20.34 62.49
CA GLN J 41 -10.48 21.77 62.47
C GLN J 41 -9.57 22.14 61.30
N VAL J 42 -8.49 21.38 61.12
CA VAL J 42 -7.53 21.70 60.08
C VAL J 42 -8.16 21.49 58.71
N ASN J 43 -8.96 20.45 58.57
CA ASN J 43 -9.64 20.21 57.29
C ASN J 43 -10.61 21.33 56.98
N ARG J 44 -11.39 21.77 57.98
CA ARG J 44 -12.34 22.84 57.75
C ARG J 44 -11.64 24.12 57.34
N LEU J 45 -10.54 24.45 58.02
CA LEU J 45 -9.82 25.66 57.64
C LEU J 45 -9.12 25.50 56.30
N TYR J 46 -8.74 24.27 55.96
CA TYR J 46 -8.10 24.02 54.67
C TYR J 46 -9.08 24.22 53.53
N THR J 47 -10.34 23.86 53.74
CA THR J 47 -11.35 24.09 52.70
C THR J 47 -11.52 25.58 52.42
N ILE J 48 -11.49 26.41 53.46
CA ILE J 48 -11.67 27.84 53.27
C ILE J 48 -10.44 28.46 52.61
N PHE J 61 -11.27 35.94 59.29
CA PHE J 61 -10.57 34.65 59.29
C PHE J 61 -9.39 34.64 60.26
N ILE J 62 -8.94 35.81 60.70
CA ILE J 62 -7.93 35.84 61.76
C ILE J 62 -8.51 35.24 63.03
N ASP J 63 -9.74 35.62 63.38
CA ASP J 63 -10.38 35.06 64.56
C ASP J 63 -10.59 33.56 64.42
N GLU J 64 -10.80 33.08 63.20
CA GLU J 64 -10.87 31.63 63.00
C GLU J 64 -9.54 30.98 63.37
N LEU J 65 -8.43 31.61 62.98
CA LEU J 65 -7.12 31.12 63.39
C LEU J 65 -6.96 31.22 64.90
N GLU J 66 -7.59 32.22 65.51
CA GLU J 66 -7.51 32.38 66.96
C GLU J 66 -8.17 31.20 67.66
N TYR J 67 -9.41 30.89 67.26
CA TYR J 67 -10.09 29.75 67.84
C TYR J 67 -9.38 28.46 67.49
N LEU J 68 -8.68 28.46 66.36
CA LEU J 68 -7.80 27.34 66.04
C LEU J 68 -6.73 27.16 67.11
N LYS J 69 -6.01 28.24 67.43
CA LYS J 69 -5.01 28.18 68.50
C LYS J 69 -5.64 27.64 69.75
N ILE J 70 -6.80 28.17 70.10
CA ILE J 70 -7.49 27.77 71.31
C ILE J 70 -7.74 26.28 71.30
N LYS J 71 -8.13 25.73 70.13
CA LYS J 71 -8.40 24.30 70.09
C LYS J 71 -7.14 23.46 70.19
N PHE J 72 -5.99 23.95 69.71
CA PHE J 72 -4.78 23.22 70.08
C PHE J 72 -4.60 23.21 71.59
N TYR J 73 -4.86 24.33 72.25
CA TYR J 73 -4.79 24.32 73.70
C TYR J 73 -5.81 23.34 74.28
N TYR J 74 -6.98 23.27 73.66
CA TYR J 74 -8.05 22.39 74.13
C TYR J 74 -7.62 20.93 74.09
N GLU J 75 -7.23 20.46 72.90
CA GLU J 75 -6.85 19.05 72.73
C GLU J 75 -5.54 18.72 73.43
N ALA J 76 -4.65 19.70 73.58
CA ALA J 76 -3.44 19.46 74.33
C ALA J 76 -3.72 19.37 75.80
N GLY J 77 -4.81 20.00 76.23
CA GLY J 77 -5.27 19.80 77.59
C GLY J 77 -5.95 18.46 77.81
N ARG J 78 -6.64 17.94 76.80
CA ARG J 78 -7.38 16.69 77.01
C ARG J 78 -6.46 15.52 77.38
N GLU J 79 -5.25 15.49 76.81
CA GLU J 79 -4.27 14.48 77.16
C GLU J 79 -2.92 15.14 77.33
N LYS J 80 -2.14 14.64 78.30
CA LYS J 80 -0.80 15.12 78.52
C LYS J 80 0.11 14.83 77.33
N SER J 81 -0.04 13.63 76.74
CA SER J 81 0.77 13.28 75.59
C SER J 81 0.57 14.29 74.46
N VAL J 82 -0.65 14.76 74.27
CA VAL J 82 -0.91 15.72 73.20
C VAL J 82 -0.21 17.04 73.48
N ASP J 83 -0.19 17.46 74.75
CA ASP J 83 0.55 18.66 75.11
C ASP J 83 2.03 18.50 74.79
N GLU J 84 2.61 17.33 75.13
CA GLU J 84 4.00 17.10 74.78
C GLU J 84 4.19 17.04 73.27
N PHE J 85 3.21 16.54 72.54
CA PHE J 85 3.29 16.51 71.09
C PHE J 85 3.36 17.92 70.53
N LEU J 86 2.42 18.77 70.93
CA LEU J 86 2.41 20.14 70.40
C LEU J 86 3.63 20.92 70.87
N LYS J 87 4.23 20.55 72.00
CA LYS J 87 5.44 21.23 72.44
C LYS J 87 6.64 20.81 71.61
N LYS J 88 6.84 19.49 71.44
CA LYS J 88 8.00 18.99 70.70
C LYS J 88 7.93 19.26 69.20
N THR J 89 6.80 19.72 68.69
CA THR J 89 6.74 20.20 67.33
C THR J 89 6.89 21.71 67.24
N LEU J 90 6.92 22.41 68.37
CA LEU J 90 6.90 23.87 68.40
C LEU J 90 5.66 24.40 67.67
N MET J 91 4.54 23.69 67.83
CA MET J 91 3.31 24.09 67.16
C MET J 91 2.88 25.50 67.53
N PHE J 92 2.96 25.85 68.81
CA PHE J 92 2.42 27.14 69.24
C PHE J 92 3.18 28.31 68.62
N PRO J 93 4.52 28.35 68.63
CA PRO J 93 5.21 29.43 67.90
C PRO J 93 4.88 29.42 66.42
N ILE J 94 4.75 28.24 65.83
CA ILE J 94 4.43 28.17 64.40
C ILE J 94 3.09 28.82 64.13
N ILE J 95 2.09 28.52 64.96
CA ILE J 95 0.76 29.08 64.74
C ILE J 95 0.76 30.58 64.97
N ASP J 96 1.48 31.04 65.99
CA ASP J 96 1.56 32.47 66.23
C ASP J 96 2.17 33.18 65.03
N ARG J 97 3.24 32.62 64.47
CA ARG J 97 3.88 33.22 63.33
C ARG J 97 2.98 33.14 62.09
N VAL J 98 2.17 32.09 61.99
CA VAL J 98 1.17 32.03 60.93
C VAL J 98 0.20 33.20 61.04
N ILE J 99 -0.32 33.42 62.25
CA ILE J 99 -1.32 34.48 62.42
C ILE J 99 -0.69 35.84 62.17
N LYS J 100 0.58 36.02 62.55
CA LYS J 100 1.26 37.26 62.22
C LYS J 100 1.36 37.45 60.71
N LYS J 101 1.71 36.38 59.98
CA LYS J 101 2.00 36.54 58.56
C LYS J 101 0.74 36.83 57.74
N GLU J 102 -0.40 36.28 58.12
CA GLU J 102 -1.69 36.53 57.48
C GLU J 102 -1.69 36.21 55.99
N SER J 103 -0.70 35.47 55.48
CA SER J 103 -0.62 35.13 54.07
C SER J 103 -1.21 33.75 53.84
N LYS J 104 -2.06 33.64 52.80
CA LYS J 104 -2.81 32.40 52.59
C LYS J 104 -1.88 31.24 52.29
N LYS J 105 -0.88 31.48 51.44
CA LYS J 105 0.03 30.40 51.06
C LYS J 105 0.72 29.81 52.28
N PHE J 106 1.12 30.65 53.22
CA PHE J 106 1.89 30.13 54.34
C PHE J 106 1.00 29.32 55.27
N PHE J 107 -0.27 29.70 55.37
CA PHE J 107 -1.22 28.88 56.11
C PHE J 107 -1.39 27.52 55.46
N LEU J 108 -1.49 27.47 54.12
CA LEU J 108 -1.56 26.17 53.45
C LEU J 108 -0.28 25.37 53.68
N ASP J 109 0.86 26.04 53.75
CA ASP J 109 2.10 25.34 54.07
C ASP J 109 2.02 24.74 55.46
N TYR J 110 1.43 25.48 56.41
CA TYR J 110 1.23 24.92 57.73
C TYR J 110 0.33 23.70 57.67
N CYS J 111 -0.72 23.75 56.85
CA CYS J 111 -1.59 22.59 56.70
C CYS J 111 -0.80 21.39 56.20
N LYS J 112 0.09 21.61 55.23
CA LYS J 112 0.92 20.53 54.73
C LYS J 112 1.79 19.95 55.85
N TYR J 113 2.39 20.82 56.65
CA TYR J 113 3.23 20.33 57.76
C TYR J 113 2.42 19.53 58.75
N PHE J 114 1.22 20.01 59.10
CA PHE J 114 0.38 19.31 60.06
C PHE J 114 -0.05 17.96 59.51
N GLU J 115 -0.41 17.91 58.22
CA GLU J 115 -0.76 16.63 57.60
C GLU J 115 0.41 15.67 57.63
N ALA J 116 1.62 16.17 57.36
CA ALA J 116 2.80 15.31 57.42
C ALA J 116 3.00 14.76 58.82
N LEU J 117 2.83 15.60 59.84
CA LEU J 117 2.99 15.13 61.21
C LEU J 117 1.97 14.04 61.52
N VAL J 118 0.71 14.26 61.11
CA VAL J 118 -0.32 13.27 61.38
C VAL J 118 0.01 11.96 60.69
N ALA J 119 0.47 12.03 59.44
CA ALA J 119 0.78 10.81 58.70
C ALA J 119 1.92 10.04 59.37
N TYR J 120 2.97 10.74 59.76
CA TYR J 120 4.11 10.04 60.37
C TYR J 120 3.75 9.51 61.75
N ALA J 121 2.87 10.19 62.47
CA ALA J 121 2.35 9.64 63.71
C ALA J 121 1.57 8.36 63.44
N LYS J 122 0.77 8.36 62.37
CA LYS J 122 0.00 7.17 62.02
C LYS J 122 0.91 5.99 61.70
N TYR J 123 2.00 6.25 60.97
CA TYR J 123 2.92 5.18 60.62
C TYR J 123 3.57 4.54 61.83
N TYR J 124 4.04 5.34 62.78
CA TYR J 124 4.84 4.82 63.88
C TYR J 124 3.91 4.61 65.07
N GLN J 125 3.32 3.42 65.15
CA GLN J 125 2.38 3.11 66.22
C GLN J 125 2.46 1.63 66.58
N LYS J 126 2.00 1.33 67.78
CA LYS J 126 1.66 -0.03 68.23
C LYS J 126 1.22 -0.93 67.08
N MET K 1 12.63 -22.30 15.25
CA MET K 1 11.82 -21.23 15.83
C MET K 1 10.83 -20.67 14.81
N THR K 2 10.92 -21.13 13.57
CA THR K 2 9.88 -20.82 12.60
C THR K 2 8.62 -21.67 12.82
N PHE K 3 8.77 -22.86 13.41
CA PHE K 3 7.57 -23.54 13.87
C PHE K 3 6.79 -22.65 14.83
N ALA K 4 7.49 -21.76 15.52
CA ALA K 4 6.83 -20.77 16.35
C ALA K 4 6.12 -19.69 15.52
N HIS K 5 6.46 -19.57 14.23
CA HIS K 5 5.79 -18.55 13.36
C HIS K 5 4.56 -19.19 12.70
N GLU K 6 4.64 -20.48 12.36
CA GLU K 6 3.52 -21.21 11.78
C GLU K 6 2.70 -21.99 12.79
N VAL K 7 2.98 -21.86 14.08
CA VAL K 7 2.07 -22.38 15.07
C VAL K 7 0.74 -21.67 14.97
N VAL K 8 0.73 -20.48 14.36
CA VAL K 8 -0.51 -19.70 14.27
C VAL K 8 -1.57 -20.46 13.50
N LYS K 9 -1.17 -21.14 12.42
CA LYS K 9 -2.15 -21.97 11.74
C LYS K 9 -2.52 -23.20 12.55
N SER K 10 -1.59 -23.74 13.35
CA SER K 10 -1.94 -24.88 14.17
C SER K 10 -2.88 -24.49 15.29
N ASN K 11 -3.08 -23.19 15.51
CA ASN K 11 -3.94 -22.72 16.56
C ASN K 11 -5.25 -22.11 16.04
N VAL K 12 -5.79 -22.65 14.94
CA VAL K 12 -7.15 -22.31 14.52
C VAL K 12 -8.08 -23.42 15.01
N LYS K 13 -8.76 -23.16 16.13
CA LYS K 13 -9.63 -24.12 16.78
C LYS K 13 -11.10 -23.80 16.44
N ASN K 14 -12.02 -24.52 17.07
CA ASN K 14 -13.44 -24.27 16.87
C ASN K 14 -14.19 -24.11 18.20
N GLN K 24 -15.93 -20.33 15.55
CA GLN K 24 -14.49 -20.56 15.51
C GLN K 24 -13.74 -19.33 16.00
N VAL K 25 -12.83 -19.54 16.96
CA VAL K 25 -12.04 -18.47 17.54
C VAL K 25 -10.57 -18.79 17.34
N LEU K 26 -9.75 -17.74 17.34
CA LEU K 26 -8.32 -17.86 17.12
C LEU K 26 -7.57 -17.53 18.41
N PHE K 27 -6.58 -18.37 18.73
CA PHE K 27 -5.80 -18.22 19.96
C PHE K 27 -6.70 -18.08 21.18
N ASN K 28 -7.87 -18.73 21.13
CA ASN K 28 -8.94 -18.48 22.08
C ASN K 28 -9.29 -16.99 22.11
N GLY K 29 -9.78 -16.52 20.96
CA GLY K 29 -10.35 -15.19 20.89
C GLY K 29 -9.37 -14.05 20.83
N LEU K 30 -8.14 -14.30 20.39
CA LEU K 30 -7.23 -13.18 20.11
C LEU K 30 -7.73 -12.36 18.93
N THR K 31 -7.59 -11.05 19.06
CA THR K 31 -7.78 -10.14 17.94
C THR K 31 -6.55 -9.26 17.85
N THR K 32 -6.17 -8.92 16.61
CA THR K 32 -5.04 -8.02 16.42
C THR K 32 -5.30 -6.68 17.09
N SER K 33 -6.56 -6.28 17.16
CA SER K 33 -6.92 -5.05 17.85
C SER K 33 -6.37 -5.01 19.26
N LYS K 34 -6.31 -6.17 19.93
CA LYS K 34 -5.75 -6.22 21.27
C LYS K 34 -4.22 -6.21 21.29
N LEU K 35 -3.58 -6.14 20.13
CA LEU K 35 -2.13 -6.14 20.05
C LEU K 35 -1.56 -4.76 19.74
N ARG K 36 -2.40 -3.72 19.82
CA ARG K 36 -2.06 -2.43 19.24
C ARG K 36 -0.90 -1.76 19.96
N ASN K 37 -0.91 -1.78 21.29
CA ASN K 37 0.17 -1.12 22.02
C ASN K 37 1.50 -1.79 21.72
N LEU K 38 1.49 -3.12 21.67
CA LEU K 38 2.70 -3.85 21.34
C LEU K 38 3.18 -3.51 19.95
N MET K 39 2.27 -3.46 18.98
CA MET K 39 2.67 -3.13 17.62
C MET K 39 3.26 -1.73 17.55
N GLU K 40 2.66 -0.78 18.24
CA GLU K 40 3.18 0.59 18.22
C GLU K 40 4.59 0.63 18.78
N GLN K 41 4.81 0.03 19.94
CA GLN K 41 6.14 0.06 20.53
C GLN K 41 7.16 -0.62 19.62
N VAL K 42 6.77 -1.75 19.04
CA VAL K 42 7.68 -2.47 18.17
C VAL K 42 8.07 -1.62 16.97
N ASN K 43 7.09 -0.95 16.36
CA ASN K 43 7.42 -0.10 15.22
C ASN K 43 8.35 1.04 15.64
N ARG K 44 8.07 1.67 16.79
CA ARG K 44 8.93 2.74 17.27
C ARG K 44 10.38 2.30 17.33
N LEU K 45 10.62 1.21 18.06
CA LEU K 45 12.02 0.85 18.24
C LEU K 45 12.60 0.17 17.02
N TYR K 46 11.77 -0.33 16.12
CA TYR K 46 12.29 -0.80 14.84
C TYR K 46 12.85 0.35 14.05
N THR K 47 12.12 1.47 13.98
CA THR K 47 12.64 2.63 13.28
C THR K 47 13.92 3.12 13.95
N ILE K 48 13.90 3.23 15.28
CA ILE K 48 15.06 3.77 15.98
C ILE K 48 16.28 2.89 15.77
N ALA K 49 16.12 1.57 15.85
CA ALA K 49 17.23 0.68 15.60
C ALA K 49 17.70 0.77 14.16
N PHE K 50 16.75 0.84 13.21
CA PHE K 50 17.11 0.84 11.81
C PHE K 50 17.98 2.04 11.46
N ASN K 51 17.69 3.20 12.04
CA ASN K 51 18.55 4.34 11.76
C ASN K 51 19.94 4.18 12.35
N SER K 52 20.08 3.35 13.39
CA SER K 52 21.36 3.22 14.07
C SER K 52 22.42 2.66 13.15
N ASN K 53 23.66 3.14 13.33
CA ASN K 53 24.79 2.71 12.51
C ASN K 53 25.33 1.34 12.92
N GLU K 54 25.82 1.23 14.16
CA GLU K 54 26.61 0.08 14.58
C GLU K 54 25.73 -1.09 15.00
N ASP K 55 26.36 -2.26 15.15
CA ASP K 55 25.68 -3.44 15.67
C ASP K 55 25.51 -3.41 17.18
N GLN K 56 26.48 -2.84 17.90
CA GLN K 56 26.37 -2.74 19.35
C GLN K 56 25.26 -1.76 19.70
N LEU K 57 24.27 -2.22 20.45
CA LEU K 57 23.13 -1.39 20.80
C LEU K 57 23.49 -0.43 21.93
N ASN K 58 22.78 0.69 21.96
CA ASN K 58 22.90 1.62 23.08
C ASN K 58 22.49 0.94 24.38
N GLU K 59 23.16 1.32 25.47
CA GLU K 59 22.72 0.88 26.78
C GLU K 59 21.32 1.40 27.08
N GLU K 60 21.04 2.63 26.66
CA GLU K 60 19.67 3.12 26.73
C GLU K 60 18.75 2.25 25.89
N PHE K 61 19.25 1.75 24.76
CA PHE K 61 18.45 0.82 23.97
C PHE K 61 18.25 -0.50 24.70
N ILE K 62 19.24 -0.92 25.49
CA ILE K 62 19.05 -2.09 26.34
C ILE K 62 17.92 -1.84 27.34
N ASP K 63 17.92 -0.65 27.95
CA ASP K 63 16.83 -0.31 28.85
C ASP K 63 15.51 -0.25 28.10
N GLU K 64 15.54 0.17 26.84
CA GLU K 64 14.33 0.17 26.04
C GLU K 64 13.81 -1.25 25.87
N LEU K 65 14.70 -2.19 25.57
CA LEU K 65 14.27 -3.59 25.46
C LEU K 65 13.72 -4.10 26.78
N GLU K 66 14.31 -3.68 27.90
CA GLU K 66 13.72 -3.98 29.19
C GLU K 66 12.29 -3.45 29.26
N TYR K 67 12.06 -2.25 28.72
CA TYR K 67 10.71 -1.71 28.72
C TYR K 67 9.81 -2.53 27.82
N LEU K 68 10.35 -3.09 26.73
CA LEU K 68 9.57 -4.02 25.94
C LEU K 68 9.11 -5.21 26.77
N LYS K 69 10.02 -5.82 27.53
CA LYS K 69 9.56 -6.99 28.28
C LYS K 69 8.51 -6.58 29.29
N ILE K 70 8.69 -5.41 29.89
CA ILE K 70 7.71 -4.91 30.84
C ILE K 70 6.33 -4.84 30.18
N LYS K 71 6.28 -4.25 28.99
CA LYS K 71 4.99 -4.07 28.33
C LYS K 71 4.41 -5.40 27.91
N PHE K 72 5.25 -6.34 27.48
CA PHE K 72 4.77 -7.65 27.10
C PHE K 72 4.11 -8.35 28.28
N TYR K 73 4.77 -8.33 29.43
CA TYR K 73 4.19 -8.94 30.62
C TYR K 73 2.89 -8.25 31.00
N TYR K 74 2.85 -6.92 30.91
CA TYR K 74 1.63 -6.23 31.29
C TYR K 74 0.47 -6.61 30.38
N GLU K 75 0.72 -6.67 29.07
CA GLU K 75 -0.33 -7.06 28.15
C GLU K 75 -0.76 -8.50 28.39
N ALA K 76 0.20 -9.39 28.65
CA ALA K 76 -0.15 -10.77 28.98
C ALA K 76 -1.00 -10.83 30.24
N GLY K 77 -0.79 -9.90 31.16
CA GLY K 77 -1.62 -9.84 32.34
C GLY K 77 -3.02 -9.35 32.05
N ARG K 78 -3.15 -8.39 31.13
CA ARG K 78 -4.46 -7.81 30.88
C ARG K 78 -5.39 -8.80 30.18
N GLU K 79 -4.90 -9.49 29.17
CA GLU K 79 -5.74 -10.36 28.35
C GLU K 79 -5.17 -11.77 28.35
N LYS K 80 -6.06 -12.76 28.41
CA LYS K 80 -5.64 -14.16 28.44
C LYS K 80 -5.23 -14.67 27.06
N SER K 81 -5.92 -14.23 26.00
CA SER K 81 -5.55 -14.67 24.66
C SER K 81 -4.16 -14.17 24.30
N VAL K 82 -3.86 -12.92 24.63
CA VAL K 82 -2.51 -12.40 24.44
C VAL K 82 -1.53 -13.20 25.28
N ASP K 83 -1.95 -13.62 26.47
CA ASP K 83 -1.07 -14.42 27.32
C ASP K 83 -0.72 -15.73 26.64
N GLU K 84 -1.71 -16.42 26.08
CA GLU K 84 -1.43 -17.68 25.40
C GLU K 84 -0.53 -17.46 24.19
N PHE K 85 -0.86 -16.46 23.37
CA PHE K 85 -0.03 -16.11 22.23
C PHE K 85 1.42 -15.90 22.62
N LEU K 86 1.66 -15.09 23.65
CA LEU K 86 3.03 -14.81 24.05
C LEU K 86 3.72 -16.04 24.62
N LYS K 87 3.01 -16.80 25.46
CA LYS K 87 3.66 -17.88 26.18
C LYS K 87 4.06 -19.01 25.26
N LYS K 88 3.14 -19.45 24.39
CA LYS K 88 3.41 -20.67 23.65
C LYS K 88 4.27 -20.43 22.42
N THR K 89 4.31 -19.22 21.89
CA THR K 89 5.14 -18.92 20.74
C THR K 89 6.57 -18.56 21.09
N LEU K 90 6.94 -18.70 22.37
CA LEU K 90 8.29 -18.47 22.84
C LEU K 90 8.71 -17.00 22.75
N MET K 91 7.74 -16.09 22.90
CA MET K 91 8.06 -14.67 22.84
C MET K 91 9.01 -14.26 23.96
N PHE K 92 8.71 -14.65 25.19
CA PHE K 92 9.54 -14.22 26.30
C PHE K 92 10.98 -14.71 26.18
N PRO K 93 11.26 -15.99 25.89
CA PRO K 93 12.65 -16.40 25.76
C PRO K 93 13.38 -15.69 24.64
N ILE K 94 12.71 -15.44 23.51
CA ILE K 94 13.40 -14.78 22.42
C ILE K 94 13.66 -13.31 22.76
N ILE K 95 12.75 -12.67 23.49
CA ILE K 95 13.02 -11.31 23.94
C ILE K 95 14.25 -11.30 24.82
N ASP K 96 14.33 -12.23 25.77
CA ASP K 96 15.49 -12.29 26.65
C ASP K 96 16.76 -12.53 25.84
N ARG K 97 16.70 -13.43 24.88
CA ARG K 97 17.86 -13.78 24.06
C ARG K 97 18.33 -12.57 23.24
N VAL K 98 17.39 -11.84 22.62
CA VAL K 98 17.74 -10.63 21.87
C VAL K 98 18.39 -9.62 22.79
N ILE K 99 17.87 -9.50 24.01
CA ILE K 99 18.51 -8.63 24.98
C ILE K 99 19.92 -9.14 25.30
N LYS K 100 20.11 -10.45 25.23
CA LYS K 100 21.40 -11.02 25.60
C LYS K 100 22.46 -10.75 24.54
N LYS K 101 22.11 -10.84 23.25
CA LYS K 101 23.17 -10.66 22.24
C LYS K 101 23.41 -9.19 21.90
N GLU K 102 22.40 -8.34 22.04
CA GLU K 102 22.56 -6.88 21.88
C GLU K 102 23.01 -6.47 20.48
N SER K 103 22.86 -7.34 19.49
CA SER K 103 23.29 -7.06 18.13
C SER K 103 22.10 -6.57 17.33
N LYS K 104 22.34 -5.62 16.42
CA LYS K 104 21.24 -5.03 15.67
C LYS K 104 20.56 -6.08 14.79
N LYS K 105 21.36 -6.85 14.04
CA LYS K 105 20.78 -7.78 13.07
C LYS K 105 19.86 -8.78 13.75
N PHE K 106 20.20 -9.24 14.94
CA PHE K 106 19.28 -10.14 15.63
C PHE K 106 18.02 -9.43 16.07
N PHE K 107 18.13 -8.14 16.42
CA PHE K 107 16.91 -7.41 16.79
C PHE K 107 16.01 -7.28 15.58
N LEU K 108 16.58 -7.00 14.41
CA LEU K 108 15.79 -7.00 13.18
C LEU K 108 15.22 -8.37 12.91
N ASP K 109 15.96 -9.43 13.20
CA ASP K 109 15.44 -10.77 12.98
C ASP K 109 14.19 -10.98 13.82
N TYR K 110 14.24 -10.59 15.09
CA TYR K 110 13.06 -10.66 15.93
C TYR K 110 11.94 -9.80 15.37
N CYS K 111 12.28 -8.62 14.84
CA CYS K 111 11.25 -7.75 14.29
C CYS K 111 10.55 -8.40 13.11
N LYS K 112 11.31 -9.02 12.21
CA LYS K 112 10.68 -9.72 11.09
C LYS K 112 9.83 -10.88 11.57
N TYR K 113 10.31 -11.64 12.57
CA TYR K 113 9.49 -12.73 13.08
C TYR K 113 8.19 -12.20 13.66
N PHE K 114 8.26 -11.13 14.45
CA PHE K 114 7.08 -10.60 15.11
C PHE K 114 6.11 -10.02 14.10
N GLU K 115 6.63 -9.32 13.09
CA GLU K 115 5.75 -8.76 12.08
C GLU K 115 5.10 -9.86 11.27
N ALA K 116 5.83 -10.92 10.97
CA ALA K 116 5.23 -12.05 10.26
C ALA K 116 4.11 -12.66 11.09
N LEU K 117 4.37 -12.84 12.39
CA LEU K 117 3.32 -13.30 13.28
C LEU K 117 2.09 -12.41 13.18
N VAL K 118 2.30 -11.10 13.32
CA VAL K 118 1.16 -10.18 13.37
C VAL K 118 0.37 -10.23 12.08
N ALA K 119 1.06 -10.16 10.94
CA ALA K 119 0.34 -10.15 9.68
C ALA K 119 -0.40 -11.45 9.46
N TYR K 120 0.26 -12.58 9.72
CA TYR K 120 -0.38 -13.85 9.46
C TYR K 120 -1.58 -14.05 10.36
N ALA K 121 -1.47 -13.64 11.62
CA ALA K 121 -2.62 -13.69 12.51
C ALA K 121 -3.73 -12.79 11.99
N LYS K 122 -3.36 -11.61 11.50
CA LYS K 122 -4.36 -10.68 10.99
C LYS K 122 -5.08 -11.25 9.78
N TYR K 123 -4.46 -12.21 9.10
CA TYR K 123 -5.14 -12.86 7.98
C TYR K 123 -6.45 -13.48 8.41
N TYR K 124 -6.47 -14.12 9.59
CA TYR K 124 -7.67 -14.75 10.13
C TYR K 124 -8.20 -13.96 11.32
N GLN K 125 -9.40 -13.40 11.18
CA GLN K 125 -10.04 -12.71 12.29
C GLN K 125 -11.55 -12.74 12.07
N LYS K 126 -12.24 -13.48 12.94
CA LYS K 126 -13.71 -13.57 13.00
C LYS K 126 -14.45 -13.25 11.70
#